data_6RY3
# 
_entry.id   6RY3 
# 
_audit_conform.dict_name       mmcif_pdbx.dic 
_audit_conform.dict_version    5.383 
_audit_conform.dict_location   http://mmcif.pdb.org/dictionaries/ascii/mmcif_pdbx.dic 
# 
loop_
_database_2.database_id 
_database_2.database_code 
_database_2.pdbx_database_accession 
_database_2.pdbx_DOI 
PDB   6RY3         pdb_00006ry3 10.2210/pdb6ry3/pdb 
WWPDB D_1292102809 ?            ?                   
# 
loop_
_pdbx_audit_revision_history.ordinal 
_pdbx_audit_revision_history.data_content_type 
_pdbx_audit_revision_history.major_revision 
_pdbx_audit_revision_history.minor_revision 
_pdbx_audit_revision_history.revision_date 
1 'Structure model' 1 0 2020-04-29 
2 'Structure model' 1 1 2020-05-20 
3 'Structure model' 1 2 2024-01-24 
# 
_pdbx_audit_revision_details.ordinal             1 
_pdbx_audit_revision_details.revision_ordinal    1 
_pdbx_audit_revision_details.data_content_type   'Structure model' 
_pdbx_audit_revision_details.provider            repository 
_pdbx_audit_revision_details.type                'Initial release' 
_pdbx_audit_revision_details.description         ? 
_pdbx_audit_revision_details.details             ? 
# 
loop_
_pdbx_audit_revision_group.ordinal 
_pdbx_audit_revision_group.revision_ordinal 
_pdbx_audit_revision_group.data_content_type 
_pdbx_audit_revision_group.group 
1 2 'Structure model' 'Database references'    
2 3 'Structure model' 'Data collection'        
3 3 'Structure model' 'Database references'    
4 3 'Structure model' 'Refinement description' 
# 
loop_
_pdbx_audit_revision_category.ordinal 
_pdbx_audit_revision_category.revision_ordinal 
_pdbx_audit_revision_category.data_content_type 
_pdbx_audit_revision_category.category 
1 2 'Structure model' citation                      
2 2 'Structure model' citation_author               
3 3 'Structure model' chem_comp_atom                
4 3 'Structure model' chem_comp_bond                
5 3 'Structure model' database_2                    
6 3 'Structure model' pdbx_initial_refinement_model 
# 
loop_
_pdbx_audit_revision_item.ordinal 
_pdbx_audit_revision_item.revision_ordinal 
_pdbx_audit_revision_item.data_content_type 
_pdbx_audit_revision_item.item 
1  2 'Structure model' '_citation.country'                   
2  2 'Structure model' '_citation.journal_abbrev'            
3  2 'Structure model' '_citation.journal_id_ISSN'           
4  2 'Structure model' '_citation.journal_volume'            
5  2 'Structure model' '_citation.page_first'                
6  2 'Structure model' '_citation.page_last'                 
7  2 'Structure model' '_citation.pdbx_database_id_DOI'      
8  2 'Structure model' '_citation.pdbx_database_id_PubMed'   
9  2 'Structure model' '_citation.title'                     
10 2 'Structure model' '_citation.year'                      
11 2 'Structure model' '_citation_author.identifier_ORCID'   
12 2 'Structure model' '_citation_author.name'               
13 3 'Structure model' '_database_2.pdbx_DOI'                
14 3 'Structure model' '_database_2.pdbx_database_accession' 
# 
_pdbx_database_status.status_code                     REL 
_pdbx_database_status.status_code_sf                  REL 
_pdbx_database_status.status_code_mr                  ? 
_pdbx_database_status.entry_id                        6RY3 
_pdbx_database_status.recvd_initial_deposition_date   2019-06-10 
_pdbx_database_status.SG_entry                        N 
_pdbx_database_status.deposit_site                    PDBE 
_pdbx_database_status.process_site                    PDBE 
_pdbx_database_status.status_code_cs                  ? 
_pdbx_database_status.status_code_nmr_data            ? 
_pdbx_database_status.methods_development_category    ? 
_pdbx_database_status.pdb_format_compatible           Y 
# 
loop_
_audit_author.name 
_audit_author.pdbx_ordinal 
_audit_author.identifier_ORCID 
'Sloan, J.J.' 1 ? 
'Wild, K.'    2 ? 
'Sinning, I.' 3 ? 
# 
_citation.abstract                  ? 
_citation.abstract_id_CAS           ? 
_citation.book_id_ISBN              ? 
_citation.book_publisher            ? 
_citation.book_publisher_city       ? 
_citation.book_title                ? 
_citation.coordinate_linkage        ? 
_citation.country                   UK 
_citation.database_id_Medline       ? 
_citation.details                   ? 
_citation.id                        primary 
_citation.journal_abbrev            'Nat Commun' 
_citation.journal_id_ASTM           ? 
_citation.journal_id_CSD            ? 
_citation.journal_id_ISSN           2041-1723 
_citation.journal_full              ? 
_citation.journal_issue             ? 
_citation.journal_volume            11 
_citation.language                  ? 
_citation.page_first                2223 
_citation.page_last                 2223 
_citation.title                     
'Structural basis for the complex DNA binding behavior of the plant stem cell regulator WUSCHEL.' 
_citation.year                      2020 
_citation.database_id_CSD           ? 
_citation.pdbx_database_id_DOI      10.1038/s41467-020-16024-y 
_citation.pdbx_database_id_PubMed   32376862 
_citation.unpublished_flag          ? 
# 
loop_
_citation_author.citation_id 
_citation_author.name 
_citation_author.ordinal 
_citation_author.identifier_ORCID 
primary 'Sloan, J.'      1 ?                   
primary 'Hakenjos, J.P.' 2 ?                   
primary 'Gebert, M.'     3 0000-0003-4169-4152 
primary 'Ermakova, O.'   4 ?                   
primary 'Gumiero, A.'    5 ?                   
primary 'Stier, G.'      6 ?                   
primary 'Wild, K.'       7 ?                   
primary 'Sinning, I.'    8 0000-0001-9127-4477 
primary 'Lohmann, J.U.'  9 0000-0003-3667-187X 
# 
loop_
_entity.id 
_entity.type 
_entity.src_method 
_entity.pdbx_description 
_entity.formula_weight 
_entity.pdbx_number_of_molecules 
_entity.pdbx_ec 
_entity.pdbx_mutation 
_entity.pdbx_fragment 
_entity.details 
1 polymer     man 'Protein WUSCHEL' 8949.188 1  ? ? ? ? 
2 non-polymer syn 'SULFATE ION'     96.063   1  ? ? ? ? 
3 non-polymer syn 'ACETYL GROUP'    44.053   3  ? ? ? ? 
4 water       nat water             18.015   50 ? ? ? ? 
# 
_entity_name_com.entity_id   1 
_entity_name_com.name        'AtWUS,Plant growth activator 6' 
# 
_entity_poly.entity_id                      1 
_entity_poly.type                           'polypeptide(L)' 
_entity_poly.nstd_linkage                   no 
_entity_poly.nstd_monomer                   no 
_entity_poly.pdbx_seq_one_letter_code       GAMGQTSTRWTPTTEQIKILKELYYNNAIRSPTADQIQKITARLRQFGKIEGKNVFYWFQNHKARERQKKRFNGGS 
_entity_poly.pdbx_seq_one_letter_code_can   GAMGQTSTRWTPTTEQIKILKELYYNNAIRSPTADQIQKITARLRQFGKIEGKNVFYWFQNHKARERQKKRFNGGS 
_entity_poly.pdbx_strand_id                 A 
_entity_poly.pdbx_target_identifier         ? 
# 
loop_
_pdbx_entity_nonpoly.entity_id 
_pdbx_entity_nonpoly.name 
_pdbx_entity_nonpoly.comp_id 
2 'SULFATE ION'  SO4 
3 'ACETYL GROUP' ACE 
4 water          HOH 
# 
loop_
_entity_poly_seq.entity_id 
_entity_poly_seq.num 
_entity_poly_seq.mon_id 
_entity_poly_seq.hetero 
1 1  GLY n 
1 2  ALA n 
1 3  MET n 
1 4  GLY n 
1 5  GLN n 
1 6  THR n 
1 7  SER n 
1 8  THR n 
1 9  ARG n 
1 10 TRP n 
1 11 THR n 
1 12 PRO n 
1 13 THR n 
1 14 THR n 
1 15 GLU n 
1 16 GLN n 
1 17 ILE n 
1 18 LYS n 
1 19 ILE n 
1 20 LEU n 
1 21 LYS n 
1 22 GLU n 
1 23 LEU n 
1 24 TYR n 
1 25 TYR n 
1 26 ASN n 
1 27 ASN n 
1 28 ALA n 
1 29 ILE n 
1 30 ARG n 
1 31 SER n 
1 32 PRO n 
1 33 THR n 
1 34 ALA n 
1 35 ASP n 
1 36 GLN n 
1 37 ILE n 
1 38 GLN n 
1 39 LYS n 
1 40 ILE n 
1 41 THR n 
1 42 ALA n 
1 43 ARG n 
1 44 LEU n 
1 45 ARG n 
1 46 GLN n 
1 47 PHE n 
1 48 GLY n 
1 49 LYS n 
1 50 ILE n 
1 51 GLU n 
1 52 GLY n 
1 53 LYS n 
1 54 ASN n 
1 55 VAL n 
1 56 PHE n 
1 57 TYR n 
1 58 TRP n 
1 59 PHE n 
1 60 GLN n 
1 61 ASN n 
1 62 HIS n 
1 63 LYS n 
1 64 ALA n 
1 65 ARG n 
1 66 GLU n 
1 67 ARG n 
1 68 GLN n 
1 69 LYS n 
1 70 LYS n 
1 71 ARG n 
1 72 PHE n 
1 73 ASN n 
1 74 GLY n 
1 75 GLY n 
1 76 SER n 
# 
_entity_src_gen.entity_id                          1 
_entity_src_gen.pdbx_src_id                        1 
_entity_src_gen.pdbx_alt_source_flag               sample 
_entity_src_gen.pdbx_seq_type                      'Biological sequence' 
_entity_src_gen.pdbx_beg_seq_num                   1 
_entity_src_gen.pdbx_end_seq_num                   76 
_entity_src_gen.gene_src_common_name               'thale cress' 
_entity_src_gen.gene_src_genus                     ? 
_entity_src_gen.pdbx_gene_src_gene                 'WUS, PGA6, At2g17950, T27K22.18' 
_entity_src_gen.gene_src_species                   ? 
_entity_src_gen.gene_src_strain                    ? 
_entity_src_gen.gene_src_tissue                    ? 
_entity_src_gen.gene_src_tissue_fraction           ? 
_entity_src_gen.gene_src_details                   ? 
_entity_src_gen.pdbx_gene_src_fragment             ? 
_entity_src_gen.pdbx_gene_src_scientific_name      'Arabidopsis thaliana' 
_entity_src_gen.pdbx_gene_src_ncbi_taxonomy_id     3702 
_entity_src_gen.pdbx_gene_src_variant              ? 
_entity_src_gen.pdbx_gene_src_cell_line            ? 
_entity_src_gen.pdbx_gene_src_atcc                 ? 
_entity_src_gen.pdbx_gene_src_organ                ? 
_entity_src_gen.pdbx_gene_src_organelle            ? 
_entity_src_gen.pdbx_gene_src_cell                 ? 
_entity_src_gen.pdbx_gene_src_cellular_location    ? 
_entity_src_gen.host_org_common_name               ? 
_entity_src_gen.pdbx_host_org_scientific_name      'Escherichia coli' 
_entity_src_gen.pdbx_host_org_ncbi_taxonomy_id     562 
_entity_src_gen.host_org_genus                     ? 
_entity_src_gen.pdbx_host_org_gene                 ? 
_entity_src_gen.pdbx_host_org_organ                ? 
_entity_src_gen.host_org_species                   ? 
_entity_src_gen.pdbx_host_org_tissue               ? 
_entity_src_gen.pdbx_host_org_tissue_fraction      ? 
_entity_src_gen.pdbx_host_org_strain               ? 
_entity_src_gen.pdbx_host_org_variant              ? 
_entity_src_gen.pdbx_host_org_cell_line            ? 
_entity_src_gen.pdbx_host_org_atcc                 ? 
_entity_src_gen.pdbx_host_org_culture_collection   ? 
_entity_src_gen.pdbx_host_org_cell                 ? 
_entity_src_gen.pdbx_host_org_organelle            ? 
_entity_src_gen.pdbx_host_org_cellular_location    ? 
_entity_src_gen.pdbx_host_org_vector_type          ? 
_entity_src_gen.pdbx_host_org_vector               ? 
_entity_src_gen.host_org_details                   ? 
_entity_src_gen.expression_system_id               ? 
_entity_src_gen.plasmid_name                       ? 
_entity_src_gen.plasmid_details                    ? 
_entity_src_gen.pdbx_description                   ? 
# 
loop_
_chem_comp.id 
_chem_comp.type 
_chem_comp.mon_nstd_flag 
_chem_comp.name 
_chem_comp.pdbx_synonyms 
_chem_comp.formula 
_chem_comp.formula_weight 
ACE non-polymer         . 'ACETYL GROUP'  ? 'C2 H4 O'        44.053  
ALA 'L-peptide linking' y ALANINE         ? 'C3 H7 N O2'     89.093  
ARG 'L-peptide linking' y ARGININE        ? 'C6 H15 N4 O2 1' 175.209 
ASN 'L-peptide linking' y ASPARAGINE      ? 'C4 H8 N2 O3'    132.118 
ASP 'L-peptide linking' y 'ASPARTIC ACID' ? 'C4 H7 N O4'     133.103 
GLN 'L-peptide linking' y GLUTAMINE       ? 'C5 H10 N2 O3'   146.144 
GLU 'L-peptide linking' y 'GLUTAMIC ACID' ? 'C5 H9 N O4'     147.129 
GLY 'peptide linking'   y GLYCINE         ? 'C2 H5 N O2'     75.067  
HIS 'L-peptide linking' y HISTIDINE       ? 'C6 H10 N3 O2 1' 156.162 
HOH non-polymer         . WATER           ? 'H2 O'           18.015  
ILE 'L-peptide linking' y ISOLEUCINE      ? 'C6 H13 N O2'    131.173 
LEU 'L-peptide linking' y LEUCINE         ? 'C6 H13 N O2'    131.173 
LYS 'L-peptide linking' y LYSINE          ? 'C6 H15 N2 O2 1' 147.195 
MET 'L-peptide linking' y METHIONINE      ? 'C5 H11 N O2 S'  149.211 
PHE 'L-peptide linking' y PHENYLALANINE   ? 'C9 H11 N O2'    165.189 
PRO 'L-peptide linking' y PROLINE         ? 'C5 H9 N O2'     115.130 
SER 'L-peptide linking' y SERINE          ? 'C3 H7 N O3'     105.093 
SO4 non-polymer         . 'SULFATE ION'   ? 'O4 S -2'        96.063  
THR 'L-peptide linking' y THREONINE       ? 'C4 H9 N O3'     119.119 
TRP 'L-peptide linking' y TRYPTOPHAN      ? 'C11 H12 N2 O2'  204.225 
TYR 'L-peptide linking' y TYROSINE        ? 'C9 H11 N O3'    181.189 
VAL 'L-peptide linking' y VALINE          ? 'C5 H11 N O2'    117.146 
# 
loop_
_pdbx_poly_seq_scheme.asym_id 
_pdbx_poly_seq_scheme.entity_id 
_pdbx_poly_seq_scheme.seq_id 
_pdbx_poly_seq_scheme.mon_id 
_pdbx_poly_seq_scheme.ndb_seq_num 
_pdbx_poly_seq_scheme.pdb_seq_num 
_pdbx_poly_seq_scheme.auth_seq_num 
_pdbx_poly_seq_scheme.pdb_mon_id 
_pdbx_poly_seq_scheme.auth_mon_id 
_pdbx_poly_seq_scheme.pdb_strand_id 
_pdbx_poly_seq_scheme.pdb_ins_code 
_pdbx_poly_seq_scheme.hetero 
A 1 1  GLY 1  30  ?   ?   ?   A . n 
A 1 2  ALA 2  31  ?   ?   ?   A . n 
A 1 3  MET 3  32  ?   ?   ?   A . n 
A 1 4  GLY 4  33  ?   ?   ?   A . n 
A 1 5  GLN 5  34  ?   ?   ?   A . n 
A 1 6  THR 6  35  ?   ?   ?   A . n 
A 1 7  SER 7  36  ?   ?   ?   A . n 
A 1 8  THR 8  37  ?   ?   ?   A . n 
A 1 9  ARG 9  38  ?   ?   ?   A . n 
A 1 10 TRP 10 39  39  TRP TRP A . n 
A 1 11 THR 11 40  40  THR THR A . n 
A 1 12 PRO 12 41  41  PRO PRO A . n 
A 1 13 THR 13 42  42  THR THR A . n 
A 1 14 THR 14 43  43  THR THR A . n 
A 1 15 GLU 15 44  44  GLU GLU A . n 
A 1 16 GLN 16 45  45  GLN GLN A . n 
A 1 17 ILE 17 46  46  ILE ILE A . n 
A 1 18 LYS 18 47  47  LYS LYS A . n 
A 1 19 ILE 19 48  48  ILE ILE A . n 
A 1 20 LEU 20 49  49  LEU LEU A . n 
A 1 21 LYS 21 50  50  LYS LYS A . n 
A 1 22 GLU 22 51  51  GLU GLU A . n 
A 1 23 LEU 23 52  52  LEU LEU A . n 
A 1 24 TYR 24 53  53  TYR TYR A . n 
A 1 25 TYR 25 54  54  TYR TYR A . n 
A 1 26 ASN 26 55  55  ASN ASN A . n 
A 1 27 ASN 27 56  56  ASN ASN A . n 
A 1 28 ALA 28 57  57  ALA ALA A . n 
A 1 29 ILE 29 58  58  ILE ILE A . n 
A 1 30 ARG 30 59  59  ARG ARG A . n 
A 1 31 SER 31 60  60  SER SER A . n 
A 1 32 PRO 32 61  61  PRO PRO A . n 
A 1 33 THR 33 62  62  THR THR A . n 
A 1 34 ALA 34 63  63  ALA ALA A . n 
A 1 35 ASP 35 64  64  ASP ASP A . n 
A 1 36 GLN 36 65  65  GLN GLN A . n 
A 1 37 ILE 37 66  66  ILE ILE A . n 
A 1 38 GLN 38 67  67  GLN GLN A . n 
A 1 39 LYS 39 68  68  LYS LYS A . n 
A 1 40 ILE 40 69  69  ILE ILE A . n 
A 1 41 THR 41 70  70  THR THR A . n 
A 1 42 ALA 42 71  71  ALA ALA A . n 
A 1 43 ARG 43 72  72  ARG ARG A . n 
A 1 44 LEU 44 73  73  LEU LEU A . n 
A 1 45 ARG 45 74  74  ARG ARG A . n 
A 1 46 GLN 46 75  75  GLN GLN A . n 
A 1 47 PHE 47 76  76  PHE PHE A . n 
A 1 48 GLY 48 77  77  GLY GLY A . n 
A 1 49 LYS 49 78  78  LYS LYS A . n 
A 1 50 ILE 50 79  79  ILE ILE A . n 
A 1 51 GLU 51 80  80  GLU GLU A . n 
A 1 52 GLY 52 81  81  GLY GLY A . n 
A 1 53 LYS 53 82  82  LYS LYS A . n 
A 1 54 ASN 54 83  83  ASN ASN A . n 
A 1 55 VAL 55 84  84  VAL VAL A . n 
A 1 56 PHE 56 85  85  PHE PHE A . n 
A 1 57 TYR 57 86  86  TYR TYR A . n 
A 1 58 TRP 58 87  87  TRP TRP A . n 
A 1 59 PHE 59 88  88  PHE PHE A . n 
A 1 60 GLN 60 89  89  GLN GLN A . n 
A 1 61 ASN 61 90  90  ASN ASN A . n 
A 1 62 HIS 62 91  91  HIS HIS A . n 
A 1 63 LYS 63 92  92  LYS LYS A . n 
A 1 64 ALA 64 93  93  ALA ALA A . n 
A 1 65 ARG 65 94  94  ARG ARG A . n 
A 1 66 GLU 66 95  95  GLU GLU A . n 
A 1 67 ARG 67 96  96  ARG ARG A . n 
A 1 68 GLN 68 97  97  GLN GLN A . n 
A 1 69 LYS 69 98  98  LYS LYS A . n 
A 1 70 LYS 70 99  99  LYS LYS A . n 
A 1 71 ARG 71 100 100 ARG ARG A . n 
A 1 72 PHE 72 101 101 PHE PHE A . n 
A 1 73 ASN 73 102 102 ASN ASN A . n 
A 1 74 GLY 74 103 103 GLY GLY A . n 
A 1 75 GLY 75 104 ?   ?   ?   A . n 
A 1 76 SER 76 105 ?   ?   ?   A . n 
# 
loop_
_pdbx_nonpoly_scheme.asym_id 
_pdbx_nonpoly_scheme.entity_id 
_pdbx_nonpoly_scheme.mon_id 
_pdbx_nonpoly_scheme.ndb_seq_num 
_pdbx_nonpoly_scheme.pdb_seq_num 
_pdbx_nonpoly_scheme.auth_seq_num 
_pdbx_nonpoly_scheme.pdb_mon_id 
_pdbx_nonpoly_scheme.auth_mon_id 
_pdbx_nonpoly_scheme.pdb_strand_id 
_pdbx_nonpoly_scheme.pdb_ins_code 
B 2 SO4 1  201 1  SO4 SO4 A . 
C 3 ACE 1  202 1  ACE ACE A . 
D 3 ACE 1  203 2  ACE ACE A . 
E 3 ACE 1  204 3  ACE ACE A . 
F 4 HOH 1  301 21 HOH HOH A . 
F 4 HOH 2  302 36 HOH HOH A . 
F 4 HOH 3  303 44 HOH HOH A . 
F 4 HOH 4  304 13 HOH HOH A . 
F 4 HOH 5  305 3  HOH HOH A . 
F 4 HOH 6  306 26 HOH HOH A . 
F 4 HOH 7  307 15 HOH HOH A . 
F 4 HOH 8  308 29 HOH HOH A . 
F 4 HOH 9  309 4  HOH HOH A . 
F 4 HOH 10 310 8  HOH HOH A . 
F 4 HOH 11 311 19 HOH HOH A . 
F 4 HOH 12 312 14 HOH HOH A . 
F 4 HOH 13 313 50 HOH HOH A . 
F 4 HOH 14 314 37 HOH HOH A . 
F 4 HOH 15 315 18 HOH HOH A . 
F 4 HOH 16 316 5  HOH HOH A . 
F 4 HOH 17 317 2  HOH HOH A . 
F 4 HOH 18 318 6  HOH HOH A . 
F 4 HOH 19 319 27 HOH HOH A . 
F 4 HOH 20 320 33 HOH HOH A . 
F 4 HOH 21 321 16 HOH HOH A . 
F 4 HOH 22 322 22 HOH HOH A . 
F 4 HOH 23 323 38 HOH HOH A . 
F 4 HOH 24 324 7  HOH HOH A . 
F 4 HOH 25 325 17 HOH HOH A . 
F 4 HOH 26 326 48 HOH HOH A . 
F 4 HOH 27 327 12 HOH HOH A . 
F 4 HOH 28 328 30 HOH HOH A . 
F 4 HOH 29 329 31 HOH HOH A . 
F 4 HOH 30 330 45 HOH HOH A . 
F 4 HOH 31 331 9  HOH HOH A . 
F 4 HOH 32 332 23 HOH HOH A . 
F 4 HOH 33 333 20 HOH HOH A . 
F 4 HOH 34 334 40 HOH HOH A . 
F 4 HOH 35 335 10 HOH HOH A . 
F 4 HOH 36 336 1  HOH HOH A . 
F 4 HOH 37 337 49 HOH HOH A . 
F 4 HOH 38 338 25 HOH HOH A . 
F 4 HOH 39 339 24 HOH HOH A . 
F 4 HOH 40 340 43 HOH HOH A . 
F 4 HOH 41 341 46 HOH HOH A . 
F 4 HOH 42 342 35 HOH HOH A . 
F 4 HOH 43 343 39 HOH HOH A . 
F 4 HOH 44 344 28 HOH HOH A . 
F 4 HOH 45 345 42 HOH HOH A . 
F 4 HOH 46 346 32 HOH HOH A . 
F 4 HOH 47 347 41 HOH HOH A . 
F 4 HOH 48 348 47 HOH HOH A . 
F 4 HOH 49 349 11 HOH HOH A . 
F 4 HOH 50 350 34 HOH HOH A . 
# 
loop_
_software.citation_id 
_software.classification 
_software.compiler_name 
_software.compiler_version 
_software.contact_author 
_software.contact_author_email 
_software.date 
_software.description 
_software.dependencies 
_software.hardware 
_software.language 
_software.location 
_software.mods 
_software.name 
_software.os 
_software.os_version 
_software.type 
_software.version 
_software.pdbx_ordinal 
? refinement        ? ? ? ? ? ? ? ? ? ? ? PHENIX      ? ? ? 1.12_2829 1 
? 'data extraction' ? ? ? ? ? ? ? ? ? ? ? PDB_EXTRACT ? ? ? 3.24      2 
? 'data reduction'  ? ? ? ? ? ? ? ? ? ? ? XDS         ? ? ? .         3 
? 'data scaling'    ? ? ? ? ? ? ? ? ? ? ? Aimless     ? ? ? .         4 
? phasing           ? ? ? ? ? ? ? ? ? ? ? PHASER      ? ? ? .         5 
# 
_cell.angle_alpha                  90.000 
_cell.angle_alpha_esd              ? 
_cell.angle_beta                   90.000 
_cell.angle_beta_esd               ? 
_cell.angle_gamma                  90.000 
_cell.angle_gamma_esd              ? 
_cell.entry_id                     6RY3 
_cell.details                      ? 
_cell.formula_units_Z              ? 
_cell.length_a                     43.120 
_cell.length_a_esd                 ? 
_cell.length_b                     43.120 
_cell.length_b_esd                 ? 
_cell.length_c                     82.010 
_cell.length_c_esd                 ? 
_cell.volume                       ? 
_cell.volume_esd                   ? 
_cell.Z_PDB                        8 
_cell.reciprocal_angle_alpha       ? 
_cell.reciprocal_angle_beta        ? 
_cell.reciprocal_angle_gamma       ? 
_cell.reciprocal_angle_alpha_esd   ? 
_cell.reciprocal_angle_beta_esd    ? 
_cell.reciprocal_angle_gamma_esd   ? 
_cell.reciprocal_length_a          ? 
_cell.reciprocal_length_b          ? 
_cell.reciprocal_length_c          ? 
_cell.reciprocal_length_a_esd      ? 
_cell.reciprocal_length_b_esd      ? 
_cell.reciprocal_length_c_esd      ? 
_cell.pdbx_unique_axis             ? 
# 
_symmetry.entry_id                         6RY3 
_symmetry.cell_setting                     ? 
_symmetry.Int_Tables_number                92 
_symmetry.space_group_name_Hall            ? 
_symmetry.space_group_name_H-M             'P 41 21 2' 
_symmetry.pdbx_full_space_group_name_H-M   ? 
# 
_exptl.absorpt_coefficient_mu     ? 
_exptl.absorpt_correction_T_max   ? 
_exptl.absorpt_correction_T_min   ? 
_exptl.absorpt_correction_type    ? 
_exptl.absorpt_process_details    ? 
_exptl.entry_id                   6RY3 
_exptl.crystals_number            1 
_exptl.details                    ? 
_exptl.method                     'X-RAY DIFFRACTION' 
_exptl.method_details             ? 
# 
_exptl_crystal.colour                      ? 
_exptl_crystal.density_diffrn              ? 
_exptl_crystal.density_Matthews            2.41 
_exptl_crystal.density_method              ? 
_exptl_crystal.density_percent_sol         48.93 
_exptl_crystal.description                 ? 
_exptl_crystal.F_000                       ? 
_exptl_crystal.id                          1 
_exptl_crystal.preparation                 ? 
_exptl_crystal.size_max                    ? 
_exptl_crystal.size_mid                    ? 
_exptl_crystal.size_min                    ? 
_exptl_crystal.size_rad                    ? 
_exptl_crystal.colour_lustre               ? 
_exptl_crystal.colour_modifier             ? 
_exptl_crystal.colour_primary              ? 
_exptl_crystal.density_meas                ? 
_exptl_crystal.density_meas_esd            ? 
_exptl_crystal.density_meas_gt             ? 
_exptl_crystal.density_meas_lt             ? 
_exptl_crystal.density_meas_temp           ? 
_exptl_crystal.density_meas_temp_esd       ? 
_exptl_crystal.density_meas_temp_gt        ? 
_exptl_crystal.density_meas_temp_lt        ? 
_exptl_crystal.pdbx_crystal_image_url      ? 
_exptl_crystal.pdbx_crystal_image_format   ? 
_exptl_crystal.pdbx_mosaicity              ? 
_exptl_crystal.pdbx_mosaicity_esd          ? 
# 
_exptl_crystal_grow.apparatus       ? 
_exptl_crystal_grow.atmosphere      ? 
_exptl_crystal_grow.crystal_id      1 
_exptl_crystal_grow.details         ? 
_exptl_crystal_grow.method          'VAPOR DIFFUSION, SITTING DROP' 
_exptl_crystal_grow.method_ref      ? 
_exptl_crystal_grow.pH              ? 
_exptl_crystal_grow.pressure        ? 
_exptl_crystal_grow.pressure_esd    ? 
_exptl_crystal_grow.seeding         ? 
_exptl_crystal_grow.seeding_ref     ? 
_exptl_crystal_grow.temp            291 
_exptl_crystal_grow.temp_details    ? 
_exptl_crystal_grow.temp_esd        ? 
_exptl_crystal_grow.time            ? 
_exptl_crystal_grow.pdbx_details    
;2.5 M ammonium sulfate
0.05 M MES (pH 6.0)
0.01 M magnesium acetate
;
_exptl_crystal_grow.pdbx_pH_range   ? 
# 
_diffrn.ambient_environment              ? 
_diffrn.ambient_temp                     100 
_diffrn.ambient_temp_details             ? 
_diffrn.ambient_temp_esd                 ? 
_diffrn.crystal_id                       1 
_diffrn.crystal_support                  ? 
_diffrn.crystal_treatment                ? 
_diffrn.details                          ? 
_diffrn.id                               1 
_diffrn.ambient_pressure                 ? 
_diffrn.ambient_pressure_esd             ? 
_diffrn.ambient_pressure_gt              ? 
_diffrn.ambient_pressure_lt              ? 
_diffrn.ambient_temp_gt                  ? 
_diffrn.ambient_temp_lt                  ? 
_diffrn.pdbx_serial_crystal_experiment   N 
# 
_diffrn_detector.details                      ? 
_diffrn_detector.detector                     PIXEL 
_diffrn_detector.diffrn_id                    1 
_diffrn_detector.type                         'DECTRIS EIGER X 4M' 
_diffrn_detector.area_resol_mean              ? 
_diffrn_detector.dtime                        ? 
_diffrn_detector.pdbx_frames_total            ? 
_diffrn_detector.pdbx_collection_time_total   ? 
_diffrn_detector.pdbx_collection_date         2016-09-25 
_diffrn_detector.pdbx_frequency               ? 
# 
_diffrn_radiation.collimation                      ? 
_diffrn_radiation.diffrn_id                        1 
_diffrn_radiation.filter_edge                      ? 
_diffrn_radiation.inhomogeneity                    ? 
_diffrn_radiation.monochromator                    ? 
_diffrn_radiation.polarisn_norm                    ? 
_diffrn_radiation.polarisn_ratio                   ? 
_diffrn_radiation.probe                            ? 
_diffrn_radiation.type                             ? 
_diffrn_radiation.xray_symbol                      ? 
_diffrn_radiation.wavelength_id                    1 
_diffrn_radiation.pdbx_monochromatic_or_laue_m_l   M 
_diffrn_radiation.pdbx_wavelength_list             ? 
_diffrn_radiation.pdbx_wavelength                  ? 
_diffrn_radiation.pdbx_diffrn_protocol             'SINGLE WAVELENGTH' 
_diffrn_radiation.pdbx_analyzer                    ? 
_diffrn_radiation.pdbx_scattering_type             x-ray 
# 
_diffrn_radiation_wavelength.id           1 
_diffrn_radiation_wavelength.wavelength   0.9677 
_diffrn_radiation_wavelength.wt           1.0 
# 
_diffrn_source.current                     ? 
_diffrn_source.details                     ? 
_diffrn_source.diffrn_id                   1 
_diffrn_source.power                       ? 
_diffrn_source.size                        ? 
_diffrn_source.source                      SYNCHROTRON 
_diffrn_source.target                      ? 
_diffrn_source.type                        'ESRF BEAMLINE MASSIF-3' 
_diffrn_source.voltage                     ? 
_diffrn_source.take-off_angle              ? 
_diffrn_source.pdbx_wavelength_list        0.9677 
_diffrn_source.pdbx_wavelength             ? 
_diffrn_source.pdbx_synchrotron_beamline   MASSIF-3 
_diffrn_source.pdbx_synchrotron_site       ESRF 
# 
_reflns.B_iso_Wilson_estimate            13.280 
_reflns.entry_id                         6RY3 
_reflns.data_reduction_details           ? 
_reflns.data_reduction_method            ? 
_reflns.d_resolution_high                1.374 
_reflns.d_resolution_low                 38.17 
_reflns.details                          ? 
_reflns.limit_h_max                      ? 
_reflns.limit_h_min                      ? 
_reflns.limit_k_max                      ? 
_reflns.limit_k_min                      ? 
_reflns.limit_l_max                      ? 
_reflns.limit_l_min                      ? 
_reflns.number_all                       ? 
_reflns.number_obs                       16816 
_reflns.observed_criterion               ? 
_reflns.observed_criterion_F_max         ? 
_reflns.observed_criterion_F_min         ? 
_reflns.observed_criterion_I_max         ? 
_reflns.observed_criterion_I_min         ? 
_reflns.observed_criterion_sigma_F       ? 
_reflns.observed_criterion_sigma_I       ? 
_reflns.percent_possible_obs             99.85 
_reflns.R_free_details                   ? 
_reflns.Rmerge_F_all                     ? 
_reflns.Rmerge_F_obs                     ? 
_reflns.Friedel_coverage                 ? 
_reflns.number_gt                        ? 
_reflns.threshold_expression             ? 
_reflns.pdbx_redundancy                  24.5 
_reflns.pdbx_Rmerge_I_obs                0.03774 
_reflns.pdbx_Rmerge_I_all                ? 
_reflns.pdbx_Rsym_value                  ? 
_reflns.pdbx_netI_over_av_sigmaI         ? 
_reflns.pdbx_netI_over_sigmaI            61.11 
_reflns.pdbx_res_netI_over_av_sigmaI_2   ? 
_reflns.pdbx_res_netI_over_sigmaI_2      ? 
_reflns.pdbx_chi_squared                 ? 
_reflns.pdbx_scaling_rejects             ? 
_reflns.pdbx_d_res_high_opt              ? 
_reflns.pdbx_d_res_low_opt               ? 
_reflns.pdbx_d_res_opt_method            ? 
_reflns.phase_calculation_details        ? 
_reflns.pdbx_Rrim_I_all                  ? 
_reflns.pdbx_Rpim_I_all                  0.00818 
_reflns.pdbx_d_opt                       ? 
_reflns.pdbx_number_measured_all         ? 
_reflns.pdbx_diffrn_id                   1 
_reflns.pdbx_ordinal                     1 
_reflns.pdbx_CC_half                     0.999 
_reflns.pdbx_CC_star                     ? 
_reflns.pdbx_R_split                     ? 
# 
_reflns_shell.d_res_high                  1.374 
_reflns_shell.d_res_low                   1.423 
_reflns_shell.meanI_over_sigI_all         ? 
_reflns_shell.meanI_over_sigI_obs         ? 
_reflns_shell.number_measured_all         ? 
_reflns_shell.number_measured_obs         ? 
_reflns_shell.number_possible             ? 
_reflns_shell.number_unique_all           ? 
_reflns_shell.number_unique_obs           1628 
_reflns_shell.percent_possible_all        ? 
_reflns_shell.percent_possible_obs        ? 
_reflns_shell.Rmerge_F_all                ? 
_reflns_shell.Rmerge_F_obs                ? 
_reflns_shell.Rmerge_I_all                ? 
_reflns_shell.Rmerge_I_obs                ? 
_reflns_shell.meanI_over_sigI_gt          ? 
_reflns_shell.meanI_over_uI_all           ? 
_reflns_shell.meanI_over_uI_gt            ? 
_reflns_shell.number_measured_gt          ? 
_reflns_shell.number_unique_gt            ? 
_reflns_shell.percent_possible_gt         ? 
_reflns_shell.Rmerge_F_gt                 ? 
_reflns_shell.Rmerge_I_gt                 ? 
_reflns_shell.pdbx_redundancy             ? 
_reflns_shell.pdbx_Rsym_value             ? 
_reflns_shell.pdbx_chi_squared            ? 
_reflns_shell.pdbx_netI_over_sigmaI_all   ? 
_reflns_shell.pdbx_netI_over_sigmaI_obs   ? 
_reflns_shell.pdbx_Rrim_I_all             ? 
_reflns_shell.pdbx_Rpim_I_all             0.03016 
_reflns_shell.pdbx_rejects                ? 
_reflns_shell.pdbx_ordinal                1 
_reflns_shell.pdbx_diffrn_id              1 
_reflns_shell.pdbx_CC_half                ? 
_reflns_shell.pdbx_CC_star                ? 
_reflns_shell.pdbx_R_split                ? 
# 
_refine.aniso_B[1][1]                            ? 
_refine.aniso_B[1][2]                            ? 
_refine.aniso_B[1][3]                            ? 
_refine.aniso_B[2][2]                            ? 
_refine.aniso_B[2][3]                            ? 
_refine.aniso_B[3][3]                            ? 
_refine.B_iso_max                                60.510 
_refine.B_iso_mean                               19.5167 
_refine.B_iso_min                                6.640 
_refine.correlation_coeff_Fo_to_Fc               ? 
_refine.correlation_coeff_Fo_to_Fc_free          ? 
_refine.details                                  ? 
_refine.diff_density_max                         ? 
_refine.diff_density_max_esd                     ? 
_refine.diff_density_min                         ? 
_refine.diff_density_min_esd                     ? 
_refine.diff_density_rms                         ? 
_refine.diff_density_rms_esd                     ? 
_refine.entry_id                                 6RY3 
_refine.pdbx_refine_id                           'X-RAY DIFFRACTION' 
_refine.ls_abs_structure_details                 ? 
_refine.ls_abs_structure_Flack                   ? 
_refine.ls_abs_structure_Flack_esd               ? 
_refine.ls_abs_structure_Rogers                  ? 
_refine.ls_abs_structure_Rogers_esd              ? 
_refine.ls_d_res_high                            1.3740 
_refine.ls_d_res_low                             38.1660 
_refine.ls_extinction_coef                       ? 
_refine.ls_extinction_coef_esd                   ? 
_refine.ls_extinction_expression                 ? 
_refine.ls_extinction_method                     ? 
_refine.ls_goodness_of_fit_all                   ? 
_refine.ls_goodness_of_fit_all_esd               ? 
_refine.ls_goodness_of_fit_obs                   ? 
_refine.ls_goodness_of_fit_obs_esd               ? 
_refine.ls_hydrogen_treatment                    ? 
_refine.ls_matrix_type                           ? 
_refine.ls_number_constraints                    ? 
_refine.ls_number_parameters                     ? 
_refine.ls_number_reflns_all                     ? 
_refine.ls_number_reflns_obs                     16807 
_refine.ls_number_reflns_R_free                  836 
_refine.ls_number_reflns_R_work                  15971 
_refine.ls_number_restraints                     ? 
_refine.ls_percent_reflns_obs                    99.8500 
_refine.ls_percent_reflns_R_free                 4.9700 
_refine.ls_R_factor_all                          ? 
_refine.ls_R_factor_obs                          0.1859 
_refine.ls_R_factor_R_free                       0.2130 
_refine.ls_R_factor_R_free_error                 ? 
_refine.ls_R_factor_R_free_error_details         ? 
_refine.ls_R_factor_R_work                       0.1844 
_refine.ls_R_Fsqd_factor_obs                     ? 
_refine.ls_R_I_factor_obs                        ? 
_refine.ls_redundancy_reflns_all                 ? 
_refine.ls_redundancy_reflns_obs                 ? 
_refine.ls_restrained_S_all                      ? 
_refine.ls_restrained_S_obs                      ? 
_refine.ls_shift_over_esd_max                    ? 
_refine.ls_shift_over_esd_mean                   ? 
_refine.ls_structure_factor_coef                 ? 
_refine.ls_weighting_details                     ? 
_refine.ls_weighting_scheme                      ? 
_refine.ls_wR_factor_all                         ? 
_refine.ls_wR_factor_obs                         ? 
_refine.ls_wR_factor_R_free                      ? 
_refine.ls_wR_factor_R_work                      ? 
_refine.occupancy_max                            ? 
_refine.occupancy_min                            ? 
_refine.solvent_model_details                    'FLAT BULK SOLVENT MODEL' 
_refine.solvent_model_param_bsol                 ? 
_refine.solvent_model_param_ksol                 ? 
_refine.pdbx_R_complete                          ? 
_refine.ls_R_factor_gt                           ? 
_refine.ls_goodness_of_fit_gt                    ? 
_refine.ls_goodness_of_fit_ref                   ? 
_refine.ls_shift_over_su_max                     ? 
_refine.ls_shift_over_su_max_lt                  ? 
_refine.ls_shift_over_su_mean                    ? 
_refine.ls_shift_over_su_mean_lt                 ? 
_refine.pdbx_ls_sigma_I                          ? 
_refine.pdbx_ls_sigma_F                          1.390 
_refine.pdbx_ls_sigma_Fsqd                       ? 
_refine.pdbx_data_cutoff_high_absF               ? 
_refine.pdbx_data_cutoff_high_rms_absF           ? 
_refine.pdbx_data_cutoff_low_absF                ? 
_refine.pdbx_isotropic_thermal_model             ? 
_refine.pdbx_ls_cross_valid_method               THROUGHOUT 
_refine.pdbx_method_to_determine_struct          'MOLECULAR REPLACEMENT' 
_refine.pdbx_starting_model                      3HDD 
_refine.pdbx_stereochemistry_target_values       ML 
_refine.pdbx_R_Free_selection_details            ? 
_refine.pdbx_stereochem_target_val_spec_case     ? 
_refine.pdbx_overall_ESU_R                       ? 
_refine.pdbx_overall_ESU_R_Free                  ? 
_refine.pdbx_solvent_vdw_probe_radii             1.1100 
_refine.pdbx_solvent_ion_probe_radii             ? 
_refine.pdbx_solvent_shrinkage_radii             0.9000 
_refine.pdbx_real_space_R                        ? 
_refine.pdbx_density_correlation                 ? 
_refine.pdbx_pd_number_of_powder_patterns        ? 
_refine.pdbx_pd_number_of_points                 ? 
_refine.pdbx_pd_meas_number_of_points            ? 
_refine.pdbx_pd_proc_ls_prof_R_factor            ? 
_refine.pdbx_pd_proc_ls_prof_wR_factor           ? 
_refine.pdbx_pd_Marquardt_correlation_coeff      ? 
_refine.pdbx_pd_Fsqrd_R_factor                   ? 
_refine.pdbx_pd_ls_matrix_band_width             ? 
_refine.pdbx_overall_phase_error                 22.3100 
_refine.pdbx_overall_SU_R_free_Cruickshank_DPI   ? 
_refine.pdbx_overall_SU_R_free_Blow_DPI          ? 
_refine.pdbx_overall_SU_R_Blow_DPI               ? 
_refine.pdbx_TLS_residual_ADP_flag               ? 
_refine.pdbx_diffrn_id                           1 
_refine.overall_SU_B                             ? 
_refine.overall_SU_ML                            0.1500 
_refine.overall_SU_R_Cruickshank_DPI             ? 
_refine.overall_SU_R_free                        ? 
_refine.overall_FOM_free_R_set                   ? 
_refine.overall_FOM_work_R_set                   ? 
_refine.pdbx_average_fsc_overall                 ? 
_refine.pdbx_average_fsc_work                    ? 
_refine.pdbx_average_fsc_free                    ? 
# 
_refine_hist.pdbx_refine_id                   'X-RAY DIFFRACTION' 
_refine_hist.cycle_id                         final 
_refine_hist.details                          ? 
_refine_hist.d_res_high                       1.3740 
_refine_hist.d_res_low                        38.1660 
_refine_hist.number_atoms_solvent             50 
_refine_hist.number_atoms_total               624 
_refine_hist.number_reflns_all                ? 
_refine_hist.number_reflns_obs                ? 
_refine_hist.number_reflns_R_free             ? 
_refine_hist.number_reflns_R_work             ? 
_refine_hist.R_factor_all                     ? 
_refine_hist.R_factor_obs                     ? 
_refine_hist.R_factor_R_free                  ? 
_refine_hist.R_factor_R_work                  ? 
_refine_hist.pdbx_number_residues_total       65 
_refine_hist.pdbx_B_iso_mean_ligand           50.20 
_refine_hist.pdbx_B_iso_mean_solvent          28.40 
_refine_hist.pdbx_number_atoms_protein        560 
_refine_hist.pdbx_number_atoms_nucleic_acid   0 
_refine_hist.pdbx_number_atoms_ligand         14 
_refine_hist.pdbx_number_atoms_lipid          ? 
_refine_hist.pdbx_number_atoms_carb           ? 
_refine_hist.pdbx_pseudo_atom_details         ? 
# 
loop_
_refine_ls_restr.pdbx_refine_id 
_refine_ls_restr.criterion 
_refine_ls_restr.dev_ideal 
_refine_ls_restr.dev_ideal_target 
_refine_ls_restr.number 
_refine_ls_restr.rejects 
_refine_ls_restr.type 
_refine_ls_restr.weight 
_refine_ls_restr.pdbx_restraint_function 
'X-RAY DIFFRACTION' ? 0.010  ? 602 ? f_bond_d           ? ? 
'X-RAY DIFFRACTION' ? 1.047  ? 804 ? f_angle_d          ? ? 
'X-RAY DIFFRACTION' ? 0.080  ? 79  ? f_chiral_restr     ? ? 
'X-RAY DIFFRACTION' ? 0.006  ? 102 ? f_plane_restr      ? ? 
'X-RAY DIFFRACTION' ? 16.095 ? 376 ? f_dihedral_angle_d ? ? 
# 
loop_
_refine_ls_shell.pdbx_refine_id 
_refine_ls_shell.d_res_high 
_refine_ls_shell.d_res_low 
_refine_ls_shell.number_reflns_all 
_refine_ls_shell.number_reflns_obs 
_refine_ls_shell.number_reflns_R_free 
_refine_ls_shell.number_reflns_R_work 
_refine_ls_shell.percent_reflns_obs 
_refine_ls_shell.percent_reflns_R_free 
_refine_ls_shell.R_factor_all 
_refine_ls_shell.R_factor_obs 
_refine_ls_shell.R_factor_R_free 
_refine_ls_shell.R_factor_R_free_error 
_refine_ls_shell.R_factor_R_work 
_refine_ls_shell.redundancy_reflns_all 
_refine_ls_shell.redundancy_reflns_obs 
_refine_ls_shell.wR_factor_all 
_refine_ls_shell.wR_factor_obs 
_refine_ls_shell.wR_factor_R_free 
_refine_ls_shell.wR_factor_R_work 
_refine_ls_shell.pdbx_R_complete 
_refine_ls_shell.pdbx_total_number_of_bins_used 
_refine_ls_shell.pdbx_phase_error 
_refine_ls_shell.pdbx_fsc_work 
_refine_ls_shell.pdbx_fsc_free 
'X-RAY DIFFRACTION' 1.3736 1.4596  2718 . 145 2573 99.0000  . . . 0.3122 0.0000 0.2532 . . . . . . . 6 . . . 
'X-RAY DIFFRACTION' 1.4596 1.5723  2745 . 147 2598 100.0000 . . . 0.2494 0.0000 0.2140 . . . . . . . 6 . . . 
'X-RAY DIFFRACTION' 1.5723 1.7306  2755 . 125 2630 100.0000 . . . 0.2087 0.0000 0.2023 . . . . . . . 6 . . . 
'X-RAY DIFFRACTION' 1.7306 1.9810  2780 . 133 2647 100.0000 . . . 0.2035 0.0000 0.1691 . . . . . . . 6 . . . 
'X-RAY DIFFRACTION' 1.9810 2.4958  2818 . 148 2670 100.0000 . . . 0.1915 0.0000 0.1580 . . . . . . . 6 . . . 
'X-RAY DIFFRACTION' 2.4958 38.1807 2991 . 138 2853 100.0000 . . . 0.2088 0.0000 0.1855 . . . . . . . 6 . . . 
# 
_struct.entry_id                     6RY3 
_struct.title                        'Structure of the WUS homeodomain' 
_struct.pdbx_model_details           ? 
_struct.pdbx_formula_weight          ? 
_struct.pdbx_formula_weight_method   ? 
_struct.pdbx_model_type_details      ? 
_struct.pdbx_CASP_flag               N 
# 
_struct_keywords.entry_id        6RY3 
_struct_keywords.text            'Homeodomain Transcription factor, DNA BINDING PROTEIN' 
_struct_keywords.pdbx_keywords   'DNA BINDING PROTEIN' 
# 
loop_
_struct_asym.id 
_struct_asym.pdbx_blank_PDB_chainid_flag 
_struct_asym.pdbx_modified 
_struct_asym.entity_id 
_struct_asym.details 
A N N 1 ? 
B N N 2 ? 
C N N 3 ? 
D N N 3 ? 
E N N 3 ? 
F N N 4 ? 
# 
_struct_ref.id                         1 
_struct_ref.db_name                    UNP 
_struct_ref.db_code                    WUS_ARATH 
_struct_ref.pdbx_db_accession          Q9SB92 
_struct_ref.pdbx_db_isoform            ? 
_struct_ref.entity_id                  1 
_struct_ref.pdbx_seq_one_letter_code   QTSTRWTPTTEQIKILKELYYNNAIRSPTADQIQKITARLRQFGKIEGKNVFYWFQNHKARERQKKRFNG 
_struct_ref.pdbx_align_begin           34 
# 
_struct_ref_seq.align_id                      1 
_struct_ref_seq.ref_id                        1 
_struct_ref_seq.pdbx_PDB_id_code              6RY3 
_struct_ref_seq.pdbx_strand_id                A 
_struct_ref_seq.seq_align_beg                 5 
_struct_ref_seq.pdbx_seq_align_beg_ins_code   ? 
_struct_ref_seq.seq_align_end                 74 
_struct_ref_seq.pdbx_seq_align_end_ins_code   ? 
_struct_ref_seq.pdbx_db_accession             Q9SB92 
_struct_ref_seq.db_align_beg                  34 
_struct_ref_seq.pdbx_db_align_beg_ins_code    ? 
_struct_ref_seq.db_align_end                  103 
_struct_ref_seq.pdbx_db_align_end_ins_code    ? 
_struct_ref_seq.pdbx_auth_seq_align_beg       34 
_struct_ref_seq.pdbx_auth_seq_align_end       103 
# 
loop_
_struct_ref_seq_dif.align_id 
_struct_ref_seq_dif.pdbx_pdb_id_code 
_struct_ref_seq_dif.mon_id 
_struct_ref_seq_dif.pdbx_pdb_strand_id 
_struct_ref_seq_dif.seq_num 
_struct_ref_seq_dif.pdbx_pdb_ins_code 
_struct_ref_seq_dif.pdbx_seq_db_name 
_struct_ref_seq_dif.pdbx_seq_db_accession_code 
_struct_ref_seq_dif.db_mon_id 
_struct_ref_seq_dif.pdbx_seq_db_seq_num 
_struct_ref_seq_dif.details 
_struct_ref_seq_dif.pdbx_auth_seq_num 
_struct_ref_seq_dif.pdbx_ordinal 
1 6RY3 GLY A 1  ? UNP Q9SB92 ? ? 'expression tag' 30  1 
1 6RY3 ALA A 2  ? UNP Q9SB92 ? ? 'expression tag' 31  2 
1 6RY3 MET A 3  ? UNP Q9SB92 ? ? 'expression tag' 32  3 
1 6RY3 GLY A 4  ? UNP Q9SB92 ? ? 'expression tag' 33  4 
1 6RY3 GLY A 75 ? UNP Q9SB92 ? ? 'expression tag' 104 5 
1 6RY3 SER A 76 ? UNP Q9SB92 ? ? 'expression tag' 105 6 
# 
_pdbx_struct_assembly.id                   1 
_pdbx_struct_assembly.details              author_and_software_defined_assembly 
_pdbx_struct_assembly.method_details       PISA 
_pdbx_struct_assembly.oligomeric_details   monomeric 
_pdbx_struct_assembly.oligomeric_count     1 
# 
loop_
_pdbx_struct_assembly_prop.biol_id 
_pdbx_struct_assembly_prop.type 
_pdbx_struct_assembly_prop.value 
_pdbx_struct_assembly_prop.details 
1 'ABSA (A^2)' 640  ? 
1 MORE         -12  ? 
1 'SSA (A^2)'  5110 ? 
# 
_pdbx_struct_assembly_gen.assembly_id       1 
_pdbx_struct_assembly_gen.oper_expression   1 
_pdbx_struct_assembly_gen.asym_id_list      A,B,C,D,E,F 
# 
_pdbx_struct_assembly_auth_evidence.id                     1 
_pdbx_struct_assembly_auth_evidence.assembly_id            1 
_pdbx_struct_assembly_auth_evidence.experimental_support   'light scattering' 
_pdbx_struct_assembly_auth_evidence.details                ? 
# 
_pdbx_struct_oper_list.id                   1 
_pdbx_struct_oper_list.type                 'identity operation' 
_pdbx_struct_oper_list.name                 1_555 
_pdbx_struct_oper_list.symmetry_operation   x,y,z 
_pdbx_struct_oper_list.matrix[1][1]         1.0000000000 
_pdbx_struct_oper_list.matrix[1][2]         0.0000000000 
_pdbx_struct_oper_list.matrix[1][3]         0.0000000000 
_pdbx_struct_oper_list.vector[1]            0.0000000000 
_pdbx_struct_oper_list.matrix[2][1]         0.0000000000 
_pdbx_struct_oper_list.matrix[2][2]         1.0000000000 
_pdbx_struct_oper_list.matrix[2][3]         0.0000000000 
_pdbx_struct_oper_list.vector[2]            0.0000000000 
_pdbx_struct_oper_list.matrix[3][1]         0.0000000000 
_pdbx_struct_oper_list.matrix[3][2]         0.0000000000 
_pdbx_struct_oper_list.matrix[3][3]         1.0000000000 
_pdbx_struct_oper_list.vector[3]            0.0000000000 
# 
loop_
_struct_conf.conf_type_id 
_struct_conf.id 
_struct_conf.pdbx_PDB_helix_id 
_struct_conf.beg_label_comp_id 
_struct_conf.beg_label_asym_id 
_struct_conf.beg_label_seq_id 
_struct_conf.pdbx_beg_PDB_ins_code 
_struct_conf.end_label_comp_id 
_struct_conf.end_label_asym_id 
_struct_conf.end_label_seq_id 
_struct_conf.pdbx_end_PDB_ins_code 
_struct_conf.beg_auth_comp_id 
_struct_conf.beg_auth_asym_id 
_struct_conf.beg_auth_seq_id 
_struct_conf.end_auth_comp_id 
_struct_conf.end_auth_asym_id 
_struct_conf.end_auth_seq_id 
_struct_conf.pdbx_PDB_helix_class 
_struct_conf.details 
_struct_conf.pdbx_PDB_helix_length 
HELX_P HELX_P1 AA1 THR A 13 ? ASN A 27 ? THR A 42 ASN A 56 1 ? 15 
HELX_P HELX_P2 AA2 THR A 33 ? ARG A 45 ? THR A 62 ARG A 74 1 ? 13 
HELX_P HELX_P3 AA3 GLN A 46 ? GLY A 48 ? GLN A 75 GLY A 77 5 ? 3  
HELX_P HELX_P4 AA4 GLU A 51 ? LYS A 70 ? GLU A 80 LYS A 99 1 ? 20 
# 
_struct_conf_type.id          HELX_P 
_struct_conf_type.criteria    ? 
_struct_conf_type.reference   ? 
# 
loop_
_struct_site.id 
_struct_site.pdbx_evidence_code 
_struct_site.pdbx_auth_asym_id 
_struct_site.pdbx_auth_comp_id 
_struct_site.pdbx_auth_seq_id 
_struct_site.pdbx_auth_ins_code 
_struct_site.pdbx_num_residues 
_struct_site.details 
AC1 Software A SO4 201 ? 4 'binding site for residue SO4 A 201' 
AC2 Software A ACE 202 ? 3 'binding site for residue ACE A 202' 
AC3 Software A ACE 203 ? 3 'binding site for residue ACE A 203' 
AC4 Software A ACE 204 ? 1 'binding site for residue ACE A 204' 
# 
loop_
_struct_site_gen.id 
_struct_site_gen.site_id 
_struct_site_gen.pdbx_num_res 
_struct_site_gen.label_comp_id 
_struct_site_gen.label_asym_id 
_struct_site_gen.label_seq_id 
_struct_site_gen.pdbx_auth_ins_code 
_struct_site_gen.auth_comp_id 
_struct_site_gen.auth_asym_id 
_struct_site_gen.auth_seq_id 
_struct_site_gen.label_atom_id 
_struct_site_gen.label_alt_id 
_struct_site_gen.symmetry 
_struct_site_gen.details 
1  AC1 4 LYS A 53 ? LYS A 82  . ? 5_555 ? 
2  AC1 4 ARG A 67 ? ARG A 96  . ? 1_555 ? 
3  AC1 4 ARG A 71 ? ARG A 100 . ? 1_555 ? 
4  AC1 4 HOH F .  ? HOH A 303 . ? 1_555 ? 
5  AC2 3 SER A 31 ? SER A 60  . ? 4_454 ? 
6  AC2 3 ARG A 65 ? ARG A 94  . ? 1_555 ? 
7  AC2 3 LYS A 69 ? LYS A 98  . ? 1_555 ? 
8  AC3 3 LYS A 49 ? LYS A 78  . ? 4_554 ? 
9  AC3 3 ARG A 71 ? ARG A 100 . ? 1_555 ? 
10 AC3 3 HOH F .  ? HOH A 310 . ? 1_555 ? 
11 AC4 1 LYS A 39 ? LYS A 68  . ? 1_555 ? 
# 
loop_
_pdbx_validate_torsion.id 
_pdbx_validate_torsion.PDB_model_num 
_pdbx_validate_torsion.auth_comp_id 
_pdbx_validate_torsion.auth_asym_id 
_pdbx_validate_torsion.auth_seq_id 
_pdbx_validate_torsion.PDB_ins_code 
_pdbx_validate_torsion.label_alt_id 
_pdbx_validate_torsion.phi 
_pdbx_validate_torsion.psi 
1 1 SER A 60 ? ? -151.88 75.53  
2 1 ILE A 79 ? ? -173.39 146.99 
# 
_pdbx_entry_details.entry_id                 6RY3 
_pdbx_entry_details.nonpolymer_details       ? 
_pdbx_entry_details.sequence_details         ? 
_pdbx_entry_details.compound_details         ? 
_pdbx_entry_details.source_details           ? 
_pdbx_entry_details.has_ligand_of_interest   N 
# 
loop_
_pdbx_unobs_or_zero_occ_residues.id 
_pdbx_unobs_or_zero_occ_residues.PDB_model_num 
_pdbx_unobs_or_zero_occ_residues.polymer_flag 
_pdbx_unobs_or_zero_occ_residues.occupancy_flag 
_pdbx_unobs_or_zero_occ_residues.auth_asym_id 
_pdbx_unobs_or_zero_occ_residues.auth_comp_id 
_pdbx_unobs_or_zero_occ_residues.auth_seq_id 
_pdbx_unobs_or_zero_occ_residues.PDB_ins_code 
_pdbx_unobs_or_zero_occ_residues.label_asym_id 
_pdbx_unobs_or_zero_occ_residues.label_comp_id 
_pdbx_unobs_or_zero_occ_residues.label_seq_id 
1  1 Y 1 A GLY 30  ? A GLY 1  
2  1 Y 1 A ALA 31  ? A ALA 2  
3  1 Y 1 A MET 32  ? A MET 3  
4  1 Y 1 A GLY 33  ? A GLY 4  
5  1 Y 1 A GLN 34  ? A GLN 5  
6  1 Y 1 A THR 35  ? A THR 6  
7  1 Y 1 A SER 36  ? A SER 7  
8  1 Y 1 A THR 37  ? A THR 8  
9  1 Y 1 A ARG 38  ? A ARG 9  
10 1 Y 1 A GLY 104 ? A GLY 75 
11 1 Y 1 A SER 105 ? A SER 76 
# 
loop_
_chem_comp_atom.comp_id 
_chem_comp_atom.atom_id 
_chem_comp_atom.type_symbol 
_chem_comp_atom.pdbx_aromatic_flag 
_chem_comp_atom.pdbx_stereo_config 
_chem_comp_atom.pdbx_ordinal 
ACE C    C N N 1   
ACE O    O N N 2   
ACE CH3  C N N 3   
ACE H    H N N 4   
ACE H1   H N N 5   
ACE H2   H N N 6   
ACE H3   H N N 7   
ALA N    N N N 8   
ALA CA   C N S 9   
ALA C    C N N 10  
ALA O    O N N 11  
ALA CB   C N N 12  
ALA OXT  O N N 13  
ALA H    H N N 14  
ALA H2   H N N 15  
ALA HA   H N N 16  
ALA HB1  H N N 17  
ALA HB2  H N N 18  
ALA HB3  H N N 19  
ALA HXT  H N N 20  
ARG N    N N N 21  
ARG CA   C N S 22  
ARG C    C N N 23  
ARG O    O N N 24  
ARG CB   C N N 25  
ARG CG   C N N 26  
ARG CD   C N N 27  
ARG NE   N N N 28  
ARG CZ   C N N 29  
ARG NH1  N N N 30  
ARG NH2  N N N 31  
ARG OXT  O N N 32  
ARG H    H N N 33  
ARG H2   H N N 34  
ARG HA   H N N 35  
ARG HB2  H N N 36  
ARG HB3  H N N 37  
ARG HG2  H N N 38  
ARG HG3  H N N 39  
ARG HD2  H N N 40  
ARG HD3  H N N 41  
ARG HE   H N N 42  
ARG HH11 H N N 43  
ARG HH12 H N N 44  
ARG HH21 H N N 45  
ARG HH22 H N N 46  
ARG HXT  H N N 47  
ASN N    N N N 48  
ASN CA   C N S 49  
ASN C    C N N 50  
ASN O    O N N 51  
ASN CB   C N N 52  
ASN CG   C N N 53  
ASN OD1  O N N 54  
ASN ND2  N N N 55  
ASN OXT  O N N 56  
ASN H    H N N 57  
ASN H2   H N N 58  
ASN HA   H N N 59  
ASN HB2  H N N 60  
ASN HB3  H N N 61  
ASN HD21 H N N 62  
ASN HD22 H N N 63  
ASN HXT  H N N 64  
ASP N    N N N 65  
ASP CA   C N S 66  
ASP C    C N N 67  
ASP O    O N N 68  
ASP CB   C N N 69  
ASP CG   C N N 70  
ASP OD1  O N N 71  
ASP OD2  O N N 72  
ASP OXT  O N N 73  
ASP H    H N N 74  
ASP H2   H N N 75  
ASP HA   H N N 76  
ASP HB2  H N N 77  
ASP HB3  H N N 78  
ASP HD2  H N N 79  
ASP HXT  H N N 80  
GLN N    N N N 81  
GLN CA   C N S 82  
GLN C    C N N 83  
GLN O    O N N 84  
GLN CB   C N N 85  
GLN CG   C N N 86  
GLN CD   C N N 87  
GLN OE1  O N N 88  
GLN NE2  N N N 89  
GLN OXT  O N N 90  
GLN H    H N N 91  
GLN H2   H N N 92  
GLN HA   H N N 93  
GLN HB2  H N N 94  
GLN HB3  H N N 95  
GLN HG2  H N N 96  
GLN HG3  H N N 97  
GLN HE21 H N N 98  
GLN HE22 H N N 99  
GLN HXT  H N N 100 
GLU N    N N N 101 
GLU CA   C N S 102 
GLU C    C N N 103 
GLU O    O N N 104 
GLU CB   C N N 105 
GLU CG   C N N 106 
GLU CD   C N N 107 
GLU OE1  O N N 108 
GLU OE2  O N N 109 
GLU OXT  O N N 110 
GLU H    H N N 111 
GLU H2   H N N 112 
GLU HA   H N N 113 
GLU HB2  H N N 114 
GLU HB3  H N N 115 
GLU HG2  H N N 116 
GLU HG3  H N N 117 
GLU HE2  H N N 118 
GLU HXT  H N N 119 
GLY N    N N N 120 
GLY CA   C N N 121 
GLY C    C N N 122 
GLY O    O N N 123 
GLY OXT  O N N 124 
GLY H    H N N 125 
GLY H2   H N N 126 
GLY HA2  H N N 127 
GLY HA3  H N N 128 
GLY HXT  H N N 129 
HIS N    N N N 130 
HIS CA   C N S 131 
HIS C    C N N 132 
HIS O    O N N 133 
HIS CB   C N N 134 
HIS CG   C Y N 135 
HIS ND1  N Y N 136 
HIS CD2  C Y N 137 
HIS CE1  C Y N 138 
HIS NE2  N Y N 139 
HIS OXT  O N N 140 
HIS H    H N N 141 
HIS H2   H N N 142 
HIS HA   H N N 143 
HIS HB2  H N N 144 
HIS HB3  H N N 145 
HIS HD1  H N N 146 
HIS HD2  H N N 147 
HIS HE1  H N N 148 
HIS HE2  H N N 149 
HIS HXT  H N N 150 
HOH O    O N N 151 
HOH H1   H N N 152 
HOH H2   H N N 153 
ILE N    N N N 154 
ILE CA   C N S 155 
ILE C    C N N 156 
ILE O    O N N 157 
ILE CB   C N S 158 
ILE CG1  C N N 159 
ILE CG2  C N N 160 
ILE CD1  C N N 161 
ILE OXT  O N N 162 
ILE H    H N N 163 
ILE H2   H N N 164 
ILE HA   H N N 165 
ILE HB   H N N 166 
ILE HG12 H N N 167 
ILE HG13 H N N 168 
ILE HG21 H N N 169 
ILE HG22 H N N 170 
ILE HG23 H N N 171 
ILE HD11 H N N 172 
ILE HD12 H N N 173 
ILE HD13 H N N 174 
ILE HXT  H N N 175 
LEU N    N N N 176 
LEU CA   C N S 177 
LEU C    C N N 178 
LEU O    O N N 179 
LEU CB   C N N 180 
LEU CG   C N N 181 
LEU CD1  C N N 182 
LEU CD2  C N N 183 
LEU OXT  O N N 184 
LEU H    H N N 185 
LEU H2   H N N 186 
LEU HA   H N N 187 
LEU HB2  H N N 188 
LEU HB3  H N N 189 
LEU HG   H N N 190 
LEU HD11 H N N 191 
LEU HD12 H N N 192 
LEU HD13 H N N 193 
LEU HD21 H N N 194 
LEU HD22 H N N 195 
LEU HD23 H N N 196 
LEU HXT  H N N 197 
LYS N    N N N 198 
LYS CA   C N S 199 
LYS C    C N N 200 
LYS O    O N N 201 
LYS CB   C N N 202 
LYS CG   C N N 203 
LYS CD   C N N 204 
LYS CE   C N N 205 
LYS NZ   N N N 206 
LYS OXT  O N N 207 
LYS H    H N N 208 
LYS H2   H N N 209 
LYS HA   H N N 210 
LYS HB2  H N N 211 
LYS HB3  H N N 212 
LYS HG2  H N N 213 
LYS HG3  H N N 214 
LYS HD2  H N N 215 
LYS HD3  H N N 216 
LYS HE2  H N N 217 
LYS HE3  H N N 218 
LYS HZ1  H N N 219 
LYS HZ2  H N N 220 
LYS HZ3  H N N 221 
LYS HXT  H N N 222 
MET N    N N N 223 
MET CA   C N S 224 
MET C    C N N 225 
MET O    O N N 226 
MET CB   C N N 227 
MET CG   C N N 228 
MET SD   S N N 229 
MET CE   C N N 230 
MET OXT  O N N 231 
MET H    H N N 232 
MET H2   H N N 233 
MET HA   H N N 234 
MET HB2  H N N 235 
MET HB3  H N N 236 
MET HG2  H N N 237 
MET HG3  H N N 238 
MET HE1  H N N 239 
MET HE2  H N N 240 
MET HE3  H N N 241 
MET HXT  H N N 242 
PHE N    N N N 243 
PHE CA   C N S 244 
PHE C    C N N 245 
PHE O    O N N 246 
PHE CB   C N N 247 
PHE CG   C Y N 248 
PHE CD1  C Y N 249 
PHE CD2  C Y N 250 
PHE CE1  C Y N 251 
PHE CE2  C Y N 252 
PHE CZ   C Y N 253 
PHE OXT  O N N 254 
PHE H    H N N 255 
PHE H2   H N N 256 
PHE HA   H N N 257 
PHE HB2  H N N 258 
PHE HB3  H N N 259 
PHE HD1  H N N 260 
PHE HD2  H N N 261 
PHE HE1  H N N 262 
PHE HE2  H N N 263 
PHE HZ   H N N 264 
PHE HXT  H N N 265 
PRO N    N N N 266 
PRO CA   C N S 267 
PRO C    C N N 268 
PRO O    O N N 269 
PRO CB   C N N 270 
PRO CG   C N N 271 
PRO CD   C N N 272 
PRO OXT  O N N 273 
PRO H    H N N 274 
PRO HA   H N N 275 
PRO HB2  H N N 276 
PRO HB3  H N N 277 
PRO HG2  H N N 278 
PRO HG3  H N N 279 
PRO HD2  H N N 280 
PRO HD3  H N N 281 
PRO HXT  H N N 282 
SER N    N N N 283 
SER CA   C N S 284 
SER C    C N N 285 
SER O    O N N 286 
SER CB   C N N 287 
SER OG   O N N 288 
SER OXT  O N N 289 
SER H    H N N 290 
SER H2   H N N 291 
SER HA   H N N 292 
SER HB2  H N N 293 
SER HB3  H N N 294 
SER HG   H N N 295 
SER HXT  H N N 296 
SO4 S    S N N 297 
SO4 O1   O N N 298 
SO4 O2   O N N 299 
SO4 O3   O N N 300 
SO4 O4   O N N 301 
THR N    N N N 302 
THR CA   C N S 303 
THR C    C N N 304 
THR O    O N N 305 
THR CB   C N R 306 
THR OG1  O N N 307 
THR CG2  C N N 308 
THR OXT  O N N 309 
THR H    H N N 310 
THR H2   H N N 311 
THR HA   H N N 312 
THR HB   H N N 313 
THR HG1  H N N 314 
THR HG21 H N N 315 
THR HG22 H N N 316 
THR HG23 H N N 317 
THR HXT  H N N 318 
TRP N    N N N 319 
TRP CA   C N S 320 
TRP C    C N N 321 
TRP O    O N N 322 
TRP CB   C N N 323 
TRP CG   C Y N 324 
TRP CD1  C Y N 325 
TRP CD2  C Y N 326 
TRP NE1  N Y N 327 
TRP CE2  C Y N 328 
TRP CE3  C Y N 329 
TRP CZ2  C Y N 330 
TRP CZ3  C Y N 331 
TRP CH2  C Y N 332 
TRP OXT  O N N 333 
TRP H    H N N 334 
TRP H2   H N N 335 
TRP HA   H N N 336 
TRP HB2  H N N 337 
TRP HB3  H N N 338 
TRP HD1  H N N 339 
TRP HE1  H N N 340 
TRP HE3  H N N 341 
TRP HZ2  H N N 342 
TRP HZ3  H N N 343 
TRP HH2  H N N 344 
TRP HXT  H N N 345 
TYR N    N N N 346 
TYR CA   C N S 347 
TYR C    C N N 348 
TYR O    O N N 349 
TYR CB   C N N 350 
TYR CG   C Y N 351 
TYR CD1  C Y N 352 
TYR CD2  C Y N 353 
TYR CE1  C Y N 354 
TYR CE2  C Y N 355 
TYR CZ   C Y N 356 
TYR OH   O N N 357 
TYR OXT  O N N 358 
TYR H    H N N 359 
TYR H2   H N N 360 
TYR HA   H N N 361 
TYR HB2  H N N 362 
TYR HB3  H N N 363 
TYR HD1  H N N 364 
TYR HD2  H N N 365 
TYR HE1  H N N 366 
TYR HE2  H N N 367 
TYR HH   H N N 368 
TYR HXT  H N N 369 
VAL N    N N N 370 
VAL CA   C N S 371 
VAL C    C N N 372 
VAL O    O N N 373 
VAL CB   C N N 374 
VAL CG1  C N N 375 
VAL CG2  C N N 376 
VAL OXT  O N N 377 
VAL H    H N N 378 
VAL H2   H N N 379 
VAL HA   H N N 380 
VAL HB   H N N 381 
VAL HG11 H N N 382 
VAL HG12 H N N 383 
VAL HG13 H N N 384 
VAL HG21 H N N 385 
VAL HG22 H N N 386 
VAL HG23 H N N 387 
VAL HXT  H N N 388 
# 
loop_
_chem_comp_bond.comp_id 
_chem_comp_bond.atom_id_1 
_chem_comp_bond.atom_id_2 
_chem_comp_bond.value_order 
_chem_comp_bond.pdbx_aromatic_flag 
_chem_comp_bond.pdbx_stereo_config 
_chem_comp_bond.pdbx_ordinal 
ACE C   O    doub N N 1   
ACE C   CH3  sing N N 2   
ACE C   H    sing N N 3   
ACE CH3 H1   sing N N 4   
ACE CH3 H2   sing N N 5   
ACE CH3 H3   sing N N 6   
ALA N   CA   sing N N 7   
ALA N   H    sing N N 8   
ALA N   H2   sing N N 9   
ALA CA  C    sing N N 10  
ALA CA  CB   sing N N 11  
ALA CA  HA   sing N N 12  
ALA C   O    doub N N 13  
ALA C   OXT  sing N N 14  
ALA CB  HB1  sing N N 15  
ALA CB  HB2  sing N N 16  
ALA CB  HB3  sing N N 17  
ALA OXT HXT  sing N N 18  
ARG N   CA   sing N N 19  
ARG N   H    sing N N 20  
ARG N   H2   sing N N 21  
ARG CA  C    sing N N 22  
ARG CA  CB   sing N N 23  
ARG CA  HA   sing N N 24  
ARG C   O    doub N N 25  
ARG C   OXT  sing N N 26  
ARG CB  CG   sing N N 27  
ARG CB  HB2  sing N N 28  
ARG CB  HB3  sing N N 29  
ARG CG  CD   sing N N 30  
ARG CG  HG2  sing N N 31  
ARG CG  HG3  sing N N 32  
ARG CD  NE   sing N N 33  
ARG CD  HD2  sing N N 34  
ARG CD  HD3  sing N N 35  
ARG NE  CZ   sing N N 36  
ARG NE  HE   sing N N 37  
ARG CZ  NH1  sing N N 38  
ARG CZ  NH2  doub N N 39  
ARG NH1 HH11 sing N N 40  
ARG NH1 HH12 sing N N 41  
ARG NH2 HH21 sing N N 42  
ARG NH2 HH22 sing N N 43  
ARG OXT HXT  sing N N 44  
ASN N   CA   sing N N 45  
ASN N   H    sing N N 46  
ASN N   H2   sing N N 47  
ASN CA  C    sing N N 48  
ASN CA  CB   sing N N 49  
ASN CA  HA   sing N N 50  
ASN C   O    doub N N 51  
ASN C   OXT  sing N N 52  
ASN CB  CG   sing N N 53  
ASN CB  HB2  sing N N 54  
ASN CB  HB3  sing N N 55  
ASN CG  OD1  doub N N 56  
ASN CG  ND2  sing N N 57  
ASN ND2 HD21 sing N N 58  
ASN ND2 HD22 sing N N 59  
ASN OXT HXT  sing N N 60  
ASP N   CA   sing N N 61  
ASP N   H    sing N N 62  
ASP N   H2   sing N N 63  
ASP CA  C    sing N N 64  
ASP CA  CB   sing N N 65  
ASP CA  HA   sing N N 66  
ASP C   O    doub N N 67  
ASP C   OXT  sing N N 68  
ASP CB  CG   sing N N 69  
ASP CB  HB2  sing N N 70  
ASP CB  HB3  sing N N 71  
ASP CG  OD1  doub N N 72  
ASP CG  OD2  sing N N 73  
ASP OD2 HD2  sing N N 74  
ASP OXT HXT  sing N N 75  
GLN N   CA   sing N N 76  
GLN N   H    sing N N 77  
GLN N   H2   sing N N 78  
GLN CA  C    sing N N 79  
GLN CA  CB   sing N N 80  
GLN CA  HA   sing N N 81  
GLN C   O    doub N N 82  
GLN C   OXT  sing N N 83  
GLN CB  CG   sing N N 84  
GLN CB  HB2  sing N N 85  
GLN CB  HB3  sing N N 86  
GLN CG  CD   sing N N 87  
GLN CG  HG2  sing N N 88  
GLN CG  HG3  sing N N 89  
GLN CD  OE1  doub N N 90  
GLN CD  NE2  sing N N 91  
GLN NE2 HE21 sing N N 92  
GLN NE2 HE22 sing N N 93  
GLN OXT HXT  sing N N 94  
GLU N   CA   sing N N 95  
GLU N   H    sing N N 96  
GLU N   H2   sing N N 97  
GLU CA  C    sing N N 98  
GLU CA  CB   sing N N 99  
GLU CA  HA   sing N N 100 
GLU C   O    doub N N 101 
GLU C   OXT  sing N N 102 
GLU CB  CG   sing N N 103 
GLU CB  HB2  sing N N 104 
GLU CB  HB3  sing N N 105 
GLU CG  CD   sing N N 106 
GLU CG  HG2  sing N N 107 
GLU CG  HG3  sing N N 108 
GLU CD  OE1  doub N N 109 
GLU CD  OE2  sing N N 110 
GLU OE2 HE2  sing N N 111 
GLU OXT HXT  sing N N 112 
GLY N   CA   sing N N 113 
GLY N   H    sing N N 114 
GLY N   H2   sing N N 115 
GLY CA  C    sing N N 116 
GLY CA  HA2  sing N N 117 
GLY CA  HA3  sing N N 118 
GLY C   O    doub N N 119 
GLY C   OXT  sing N N 120 
GLY OXT HXT  sing N N 121 
HIS N   CA   sing N N 122 
HIS N   H    sing N N 123 
HIS N   H2   sing N N 124 
HIS CA  C    sing N N 125 
HIS CA  CB   sing N N 126 
HIS CA  HA   sing N N 127 
HIS C   O    doub N N 128 
HIS C   OXT  sing N N 129 
HIS CB  CG   sing N N 130 
HIS CB  HB2  sing N N 131 
HIS CB  HB3  sing N N 132 
HIS CG  ND1  sing Y N 133 
HIS CG  CD2  doub Y N 134 
HIS ND1 CE1  doub Y N 135 
HIS ND1 HD1  sing N N 136 
HIS CD2 NE2  sing Y N 137 
HIS CD2 HD2  sing N N 138 
HIS CE1 NE2  sing Y N 139 
HIS CE1 HE1  sing N N 140 
HIS NE2 HE2  sing N N 141 
HIS OXT HXT  sing N N 142 
HOH O   H1   sing N N 143 
HOH O   H2   sing N N 144 
ILE N   CA   sing N N 145 
ILE N   H    sing N N 146 
ILE N   H2   sing N N 147 
ILE CA  C    sing N N 148 
ILE CA  CB   sing N N 149 
ILE CA  HA   sing N N 150 
ILE C   O    doub N N 151 
ILE C   OXT  sing N N 152 
ILE CB  CG1  sing N N 153 
ILE CB  CG2  sing N N 154 
ILE CB  HB   sing N N 155 
ILE CG1 CD1  sing N N 156 
ILE CG1 HG12 sing N N 157 
ILE CG1 HG13 sing N N 158 
ILE CG2 HG21 sing N N 159 
ILE CG2 HG22 sing N N 160 
ILE CG2 HG23 sing N N 161 
ILE CD1 HD11 sing N N 162 
ILE CD1 HD12 sing N N 163 
ILE CD1 HD13 sing N N 164 
ILE OXT HXT  sing N N 165 
LEU N   CA   sing N N 166 
LEU N   H    sing N N 167 
LEU N   H2   sing N N 168 
LEU CA  C    sing N N 169 
LEU CA  CB   sing N N 170 
LEU CA  HA   sing N N 171 
LEU C   O    doub N N 172 
LEU C   OXT  sing N N 173 
LEU CB  CG   sing N N 174 
LEU CB  HB2  sing N N 175 
LEU CB  HB3  sing N N 176 
LEU CG  CD1  sing N N 177 
LEU CG  CD2  sing N N 178 
LEU CG  HG   sing N N 179 
LEU CD1 HD11 sing N N 180 
LEU CD1 HD12 sing N N 181 
LEU CD1 HD13 sing N N 182 
LEU CD2 HD21 sing N N 183 
LEU CD2 HD22 sing N N 184 
LEU CD2 HD23 sing N N 185 
LEU OXT HXT  sing N N 186 
LYS N   CA   sing N N 187 
LYS N   H    sing N N 188 
LYS N   H2   sing N N 189 
LYS CA  C    sing N N 190 
LYS CA  CB   sing N N 191 
LYS CA  HA   sing N N 192 
LYS C   O    doub N N 193 
LYS C   OXT  sing N N 194 
LYS CB  CG   sing N N 195 
LYS CB  HB2  sing N N 196 
LYS CB  HB3  sing N N 197 
LYS CG  CD   sing N N 198 
LYS CG  HG2  sing N N 199 
LYS CG  HG3  sing N N 200 
LYS CD  CE   sing N N 201 
LYS CD  HD2  sing N N 202 
LYS CD  HD3  sing N N 203 
LYS CE  NZ   sing N N 204 
LYS CE  HE2  sing N N 205 
LYS CE  HE3  sing N N 206 
LYS NZ  HZ1  sing N N 207 
LYS NZ  HZ2  sing N N 208 
LYS NZ  HZ3  sing N N 209 
LYS OXT HXT  sing N N 210 
MET N   CA   sing N N 211 
MET N   H    sing N N 212 
MET N   H2   sing N N 213 
MET CA  C    sing N N 214 
MET CA  CB   sing N N 215 
MET CA  HA   sing N N 216 
MET C   O    doub N N 217 
MET C   OXT  sing N N 218 
MET CB  CG   sing N N 219 
MET CB  HB2  sing N N 220 
MET CB  HB3  sing N N 221 
MET CG  SD   sing N N 222 
MET CG  HG2  sing N N 223 
MET CG  HG3  sing N N 224 
MET SD  CE   sing N N 225 
MET CE  HE1  sing N N 226 
MET CE  HE2  sing N N 227 
MET CE  HE3  sing N N 228 
MET OXT HXT  sing N N 229 
PHE N   CA   sing N N 230 
PHE N   H    sing N N 231 
PHE N   H2   sing N N 232 
PHE CA  C    sing N N 233 
PHE CA  CB   sing N N 234 
PHE CA  HA   sing N N 235 
PHE C   O    doub N N 236 
PHE C   OXT  sing N N 237 
PHE CB  CG   sing N N 238 
PHE CB  HB2  sing N N 239 
PHE CB  HB3  sing N N 240 
PHE CG  CD1  doub Y N 241 
PHE CG  CD2  sing Y N 242 
PHE CD1 CE1  sing Y N 243 
PHE CD1 HD1  sing N N 244 
PHE CD2 CE2  doub Y N 245 
PHE CD2 HD2  sing N N 246 
PHE CE1 CZ   doub Y N 247 
PHE CE1 HE1  sing N N 248 
PHE CE2 CZ   sing Y N 249 
PHE CE2 HE2  sing N N 250 
PHE CZ  HZ   sing N N 251 
PHE OXT HXT  sing N N 252 
PRO N   CA   sing N N 253 
PRO N   CD   sing N N 254 
PRO N   H    sing N N 255 
PRO CA  C    sing N N 256 
PRO CA  CB   sing N N 257 
PRO CA  HA   sing N N 258 
PRO C   O    doub N N 259 
PRO C   OXT  sing N N 260 
PRO CB  CG   sing N N 261 
PRO CB  HB2  sing N N 262 
PRO CB  HB3  sing N N 263 
PRO CG  CD   sing N N 264 
PRO CG  HG2  sing N N 265 
PRO CG  HG3  sing N N 266 
PRO CD  HD2  sing N N 267 
PRO CD  HD3  sing N N 268 
PRO OXT HXT  sing N N 269 
SER N   CA   sing N N 270 
SER N   H    sing N N 271 
SER N   H2   sing N N 272 
SER CA  C    sing N N 273 
SER CA  CB   sing N N 274 
SER CA  HA   sing N N 275 
SER C   O    doub N N 276 
SER C   OXT  sing N N 277 
SER CB  OG   sing N N 278 
SER CB  HB2  sing N N 279 
SER CB  HB3  sing N N 280 
SER OG  HG   sing N N 281 
SER OXT HXT  sing N N 282 
SO4 S   O1   doub N N 283 
SO4 S   O2   doub N N 284 
SO4 S   O3   sing N N 285 
SO4 S   O4   sing N N 286 
THR N   CA   sing N N 287 
THR N   H    sing N N 288 
THR N   H2   sing N N 289 
THR CA  C    sing N N 290 
THR CA  CB   sing N N 291 
THR CA  HA   sing N N 292 
THR C   O    doub N N 293 
THR C   OXT  sing N N 294 
THR CB  OG1  sing N N 295 
THR CB  CG2  sing N N 296 
THR CB  HB   sing N N 297 
THR OG1 HG1  sing N N 298 
THR CG2 HG21 sing N N 299 
THR CG2 HG22 sing N N 300 
THR CG2 HG23 sing N N 301 
THR OXT HXT  sing N N 302 
TRP N   CA   sing N N 303 
TRP N   H    sing N N 304 
TRP N   H2   sing N N 305 
TRP CA  C    sing N N 306 
TRP CA  CB   sing N N 307 
TRP CA  HA   sing N N 308 
TRP C   O    doub N N 309 
TRP C   OXT  sing N N 310 
TRP CB  CG   sing N N 311 
TRP CB  HB2  sing N N 312 
TRP CB  HB3  sing N N 313 
TRP CG  CD1  doub Y N 314 
TRP CG  CD2  sing Y N 315 
TRP CD1 NE1  sing Y N 316 
TRP CD1 HD1  sing N N 317 
TRP CD2 CE2  doub Y N 318 
TRP CD2 CE3  sing Y N 319 
TRP NE1 CE2  sing Y N 320 
TRP NE1 HE1  sing N N 321 
TRP CE2 CZ2  sing Y N 322 
TRP CE3 CZ3  doub Y N 323 
TRP CE3 HE3  sing N N 324 
TRP CZ2 CH2  doub Y N 325 
TRP CZ2 HZ2  sing N N 326 
TRP CZ3 CH2  sing Y N 327 
TRP CZ3 HZ3  sing N N 328 
TRP CH2 HH2  sing N N 329 
TRP OXT HXT  sing N N 330 
TYR N   CA   sing N N 331 
TYR N   H    sing N N 332 
TYR N   H2   sing N N 333 
TYR CA  C    sing N N 334 
TYR CA  CB   sing N N 335 
TYR CA  HA   sing N N 336 
TYR C   O    doub N N 337 
TYR C   OXT  sing N N 338 
TYR CB  CG   sing N N 339 
TYR CB  HB2  sing N N 340 
TYR CB  HB3  sing N N 341 
TYR CG  CD1  doub Y N 342 
TYR CG  CD2  sing Y N 343 
TYR CD1 CE1  sing Y N 344 
TYR CD1 HD1  sing N N 345 
TYR CD2 CE2  doub Y N 346 
TYR CD2 HD2  sing N N 347 
TYR CE1 CZ   doub Y N 348 
TYR CE1 HE1  sing N N 349 
TYR CE2 CZ   sing Y N 350 
TYR CE2 HE2  sing N N 351 
TYR CZ  OH   sing N N 352 
TYR OH  HH   sing N N 353 
TYR OXT HXT  sing N N 354 
VAL N   CA   sing N N 355 
VAL N   H    sing N N 356 
VAL N   H2   sing N N 357 
VAL CA  C    sing N N 358 
VAL CA  CB   sing N N 359 
VAL CA  HA   sing N N 360 
VAL C   O    doub N N 361 
VAL C   OXT  sing N N 362 
VAL CB  CG1  sing N N 363 
VAL CB  CG2  sing N N 364 
VAL CB  HB   sing N N 365 
VAL CG1 HG11 sing N N 366 
VAL CG1 HG12 sing N N 367 
VAL CG1 HG13 sing N N 368 
VAL CG2 HG21 sing N N 369 
VAL CG2 HG22 sing N N 370 
VAL CG2 HG23 sing N N 371 
VAL OXT HXT  sing N N 372 
# 
_pdbx_audit_support.funding_organization   'German Research Foundation' 
_pdbx_audit_support.country                Germany 
_pdbx_audit_support.grant_number           ? 
_pdbx_audit_support.ordinal                1 
# 
_pdbx_initial_refinement_model.id               1 
_pdbx_initial_refinement_model.entity_id_list   ? 
_pdbx_initial_refinement_model.type             'experimental model' 
_pdbx_initial_refinement_model.source_name      PDB 
_pdbx_initial_refinement_model.accession_code   3HDD 
_pdbx_initial_refinement_model.details          ? 
# 
_atom_sites.entry_id                    6RY3 
_atom_sites.Cartn_transf_matrix[1][1]   ? 
_atom_sites.Cartn_transf_matrix[1][2]   ? 
_atom_sites.Cartn_transf_matrix[1][3]   ? 
_atom_sites.Cartn_transf_matrix[2][1]   ? 
_atom_sites.Cartn_transf_matrix[2][2]   ? 
_atom_sites.Cartn_transf_matrix[2][3]   ? 
_atom_sites.Cartn_transf_matrix[3][1]   ? 
_atom_sites.Cartn_transf_matrix[3][2]   ? 
_atom_sites.Cartn_transf_matrix[3][3]   ? 
_atom_sites.Cartn_transf_vector[1]      ? 
_atom_sites.Cartn_transf_vector[2]      ? 
_atom_sites.Cartn_transf_vector[3]      ? 
_atom_sites.fract_transf_matrix[1][1]   0.00874150 
_atom_sites.fract_transf_matrix[1][2]   -0.00774496 
_atom_sites.fract_transf_matrix[1][3]   0.02003557 
_atom_sites.fract_transf_matrix[2][1]   -0.00999197 
_atom_sites.fract_transf_matrix[2][2]   -0.02061447 
_atom_sites.fract_transf_matrix[2][3]   -0.00360925 
_atom_sites.fract_transf_matrix[3][1]   0.00999821 
_atom_sites.fract_transf_matrix[3][2]   -0.00382366 
_atom_sites.fract_transf_matrix[3][3]   -0.00584029 
_atom_sites.fract_transf_vector[1]      -0.038772 
_atom_sites.fract_transf_vector[2]      0.389067 
_atom_sites.fract_transf_vector[3]      0.097137 
_atom_sites.solution_primary            ? 
_atom_sites.solution_secondary          ? 
_atom_sites.solution_hydrogens          ? 
_atom_sites.special_details             ? 
# 
loop_
_atom_type.symbol 
C 
N 
O 
S 
# 
loop_
_atom_site.group_PDB 
_atom_site.id 
_atom_site.type_symbol 
_atom_site.label_atom_id 
_atom_site.label_alt_id 
_atom_site.label_comp_id 
_atom_site.label_asym_id 
_atom_site.label_entity_id 
_atom_site.label_seq_id 
_atom_site.pdbx_PDB_ins_code 
_atom_site.Cartn_x 
_atom_site.Cartn_y 
_atom_site.Cartn_z 
_atom_site.occupancy 
_atom_site.B_iso_or_equiv 
_atom_site.pdbx_formal_charge 
_atom_site.auth_seq_id 
_atom_site.auth_comp_id 
_atom_site.auth_asym_id 
_atom_site.auth_atom_id 
_atom_site.pdbx_PDB_model_num 
ATOM   1   N N   . TRP A 1 10 ? 10.251  7.190   5.615   1.00 32.01 ? 39  TRP A N   1 
ATOM   2   C CA  . TRP A 1 10 ? 9.231   7.577   4.640   1.00 30.42 ? 39  TRP A CA  1 
ATOM   3   C C   . TRP A 1 10 ? 7.883   7.653   5.318   1.00 31.58 ? 39  TRP A C   1 
ATOM   4   O O   . TRP A 1 10 ? 7.484   6.730   6.015   1.00 31.63 ? 39  TRP A O   1 
ATOM   5   C CB  . TRP A 1 10 ? 9.136   6.559   3.510   1.00 29.30 ? 39  TRP A CB  1 
ATOM   6   C CG  . TRP A 1 10 ? 8.008   6.806   2.546   1.00 26.79 ? 39  TRP A CG  1 
ATOM   7   C CD1 . TRP A 1 10 ? 7.945   7.779   1.598   1.00 27.82 ? 39  TRP A CD1 1 
ATOM   8   C CD2 . TRP A 1 10 ? 6.790   6.052   2.429   1.00 27.20 ? 39  TRP A CD2 1 
ATOM   9   N NE1 . TRP A 1 10 ? 6.765   7.682   0.895   1.00 29.47 ? 39  TRP A NE1 1 
ATOM   10  C CE2 . TRP A 1 10 ? 6.046   6.620   1.379   1.00 28.47 ? 39  TRP A CE2 1 
ATOM   11  C CE3 . TRP A 1 10 ? 6.262   4.946   3.105   1.00 26.89 ? 39  TRP A CE3 1 
ATOM   12  C CZ2 . TRP A 1 10 ? 4.805   6.133   0.998   1.00 26.87 ? 39  TRP A CZ2 1 
ATOM   13  C CZ3 . TRP A 1 10 ? 5.030   4.453   2.714   1.00 26.32 ? 39  TRP A CZ3 1 
ATOM   14  C CH2 . TRP A 1 10 ? 4.312   5.049   1.675   1.00 26.88 ? 39  TRP A CH2 1 
ATOM   15  N N   . THR A 1 11 ? 7.176   8.754   5.092   1.00 33.20 ? 40  THR A N   1 
ATOM   16  C CA  . THR A 1 11 ? 5.791   8.894   5.516   1.00 35.14 ? 40  THR A CA  1 
ATOM   17  C C   . THR A 1 11 ? 5.018   9.289   4.269   1.00 31.39 ? 40  THR A C   1 
ATOM   18  O O   . THR A 1 11 ? 5.394   10.275  3.598   1.00 31.58 ? 40  THR A O   1 
ATOM   19  C CB  . THR A 1 11 ? 5.668   9.949   6.625   1.00 39.53 ? 40  THR A CB  1 
ATOM   20  O OG1 . THR A 1 11 ? 4.295   10.061  7.049   1.00 41.95 ? 40  THR A OG1 1 
ATOM   21  C CG2 . THR A 1 11 ? 6.211   11.324  6.187   1.00 41.19 ? 40  THR A CG2 1 
ATOM   22  N N   . PRO A 1 12 ? 3.992   8.533   3.866   1.00 28.77 ? 41  PRO A N   1 
ATOM   23  C CA  . PRO A 1 12 ? 3.236   8.926   2.674   1.00 26.55 ? 41  PRO A CA  1 
ATOM   24  C C   . PRO A 1 12 ? 2.581   10.279  2.895   1.00 25.94 ? 41  PRO A C   1 
ATOM   25  O O   . PRO A 1 12 ? 2.204   10.636  4.014   1.00 27.69 ? 41  PRO A O   1 
ATOM   26  C CB  . PRO A 1 12 ? 2.193   7.804   2.515   1.00 26.52 ? 41  PRO A CB  1 
ATOM   27  C CG  . PRO A 1 12 ? 2.142   7.124   3.861   1.00 26.57 ? 41  PRO A CG  1 
ATOM   28  C CD  . PRO A 1 12 ? 3.517   7.261   4.436   1.00 26.28 ? 41  PRO A CD  1 
ATOM   29  N N   . THR A 1 13 ? 2.490   11.061  1.821   1.00 22.32 ? 42  THR A N   1 
ATOM   30  C CA  . THR A 1 13 ? 1.647   12.253  1.861   1.00 21.78 ? 42  THR A CA  1 
ATOM   31  C C   . THR A 1 13 ? 0.172   11.851  1.916   1.00 20.73 ? 42  THR A C   1 
ATOM   32  O O   . THR A 1 13 ? -0.200  10.711  1.648   1.00 20.81 ? 42  THR A O   1 
ATOM   33  C CB  . THR A 1 13 ? 1.923   13.137  0.639   1.00 21.69 ? 42  THR A CB  1 
ATOM   34  O OG1 . THR A 1 13 ? 1.507   12.459  -0.557  1.00 22.34 ? 42  THR A OG1 1 
ATOM   35  C CG2 . THR A 1 13 ? 3.403   13.448  0.527   1.00 23.71 ? 42  THR A CG2 1 
ATOM   36  N N   . THR A 1 14 ? -0.688  12.805  2.272   1.00 23.14 ? 43  THR A N   1 
ATOM   37  C CA  . THR A 1 14 ? -2.108  12.463  2.327   1.00 24.89 ? 43  THR A CA  1 
ATOM   38  C C   . THR A 1 14 ? -2.597  11.948  0.982   1.00 23.02 ? 43  THR A C   1 
ATOM   39  O O   . THR A 1 14 ? -3.390  10.994  0.921   1.00 21.59 ? 43  THR A O   1 
ATOM   40  C CB  . THR A 1 14 ? -2.928  13.670  2.763   1.00 29.89 ? 43  THR A CB  1 
ATOM   41  O OG1 . THR A 1 14 ? -2.814  14.690  1.762   1.00 34.96 ? 43  THR A OG1 1 
ATOM   42  C CG2 . THR A 1 14 ? -2.388  14.197  4.071   1.00 28.45 ? 43  THR A CG2 1 
ATOM   43  N N   . GLU A 1 15 ? -2.131  12.556  -0.112  1.00 20.49 ? 44  GLU A N   1 
ATOM   44  C CA  . GLU A 1 15 ? -2.598  12.105  -1.420  1.00 20.87 ? 44  GLU A CA  1 
ATOM   45  C C   . GLU A 1 15 ? -2.080  10.710  -1.752  1.00 15.46 ? 44  GLU A C   1 
ATOM   46  O O   . GLU A 1 15 ? -2.798  9.895   -2.354  1.00 14.87 ? 44  GLU A O   1 
ATOM   47  C CB  . GLU A 1 15 ? -2.205  13.105  -2.501  1.00 28.92 ? 44  GLU A CB  1 
ATOM   48  C CG  . GLU A 1 15 ? -2.606  12.680  -3.883  1.00 38.73 ? 44  GLU A CG  1 
ATOM   49  C CD  . GLU A 1 15 ? -4.033  12.158  -3.984  1.00 47.32 ? 44  GLU A CD  1 
ATOM   50  O OE1 . GLU A 1 15 ? -4.925  12.613  -3.227  1.00 51.17 ? 44  GLU A OE1 1 
ATOM   51  O OE2 . GLU A 1 15 ? -4.257  11.279  -4.837  1.00 49.27 ? 44  GLU A OE2 1 
ATOM   52  N N   . GLN A 1 16 ? -0.834  10.411  -1.368  1.00 13.48 ? 45  GLN A N   1 
ATOM   53  C CA  . GLN A 1 16 ? -0.324  9.057   -1.573  1.00 11.75 ? 45  GLN A CA  1 
ATOM   54  C C   . GLN A 1 16 ? -1.132  8.029   -0.789  1.00 11.73 ? 45  GLN A C   1 
ATOM   55  O O   . GLN A 1 16 ? -1.463  6.951   -1.313  1.00 11.36 ? 45  GLN A O   1 
ATOM   56  C CB  . GLN A 1 16 ? 1.156   8.974   -1.193  1.00 11.65 ? 45  GLN A CB  1 
ATOM   57  C CG  . GLN A 1 16 ? 2.063   9.770   -2.134  1.00 12.10 ? 45  GLN A CG  1 
ATOM   58  C CD  . GLN A 1 16 ? 3.518   9.807   -1.675  1.00 13.20 ? 45  GLN A CD  1 
ATOM   59  O OE1 . GLN A 1 16 ? 3.807   9.754   -0.473  1.00 14.86 ? 45  GLN A OE1 1 
ATOM   60  N NE2 . GLN A 1 16 ? 4.446   9.911   -2.632  1.00 12.54 ? 45  GLN A NE2 1 
ATOM   61  N N   . ILE A 1 17 ? -1.472  8.345   0.470   1.00 12.03 ? 46  ILE A N   1 
ATOM   62  C CA  . ILE A 1 17 ? -2.289  7.432   1.268   1.00 13.43 ? 46  ILE A CA  1 
ATOM   63  C C   . ILE A 1 17 ? -3.634  7.193   0.596   1.00 12.61 ? 46  ILE A C   1 
ATOM   64  O O   . ILE A 1 17 ? -4.141  6.060   0.556   1.00 12.37 ? 46  ILE A O   1 
ATOM   65  C CB  . ILE A 1 17 ? -2.499  7.970   2.695   1.00 18.22 ? 46  ILE A CB  1 
ATOM   66  C CG1 . ILE A 1 17 ? -1.199  8.009   3.486   1.00 22.64 ? 46  ILE A CG1 1 
ATOM   67  C CG2 . ILE A 1 17 ? -3.497  7.094   3.425   1.00 20.18 ? 46  ILE A CG2 1 
ATOM   68  C CD1 . ILE A 1 17 ? -1.338  8.832   4.774   1.00 25.60 ? 46  ILE A CD1 1 
ATOM   69  N N   . LYS A 1 18 ? -4.271  8.254   0.116   1.00 14.31 ? 47  LYS A N   1 
ATOM   70  C CA  . LYS A 1 18 ? -5.561  8.070   -0.527  1.00 14.61 ? 47  LYS A CA  1 
ATOM   71  C C   . LYS A 1 18 ? -5.467  7.165   -1.742  1.00 10.63 ? 47  LYS A C   1 
ATOM   72  O O   . LYS A 1 18 ? -6.334  6.293   -1.937  1.00 11.22 ? 47  LYS A O   1 
ATOM   73  C CB  . LYS A 1 18 ? -6.172  9.416   -0.881  1.00 20.00 ? 47  LYS A CB  1 
ATOM   74  C CG  . LYS A 1 18 ? -6.644  10.115  0.389   1.00 26.49 ? 47  LYS A CG  1 
ATOM   75  C CD  . LYS A 1 18 ? -7.753  11.083  0.120   1.00 32.51 ? 47  LYS A CD  1 
ATOM   76  C CE  . LYS A 1 18 ? -7.453  11.910  -1.110  1.00 35.67 ? 47  LYS A CE  1 
ATOM   77  N NZ  . LYS A 1 18 ? -8.244  13.164  -1.076  1.00 37.87 ? 47  LYS A NZ  1 
ATOM   78  N N   . ILE A 1 19 ? -4.413  7.329   -2.548  1.00 10.22 ? 48  ILE A N   1 
ATOM   79  C CA  . ILE A 1 19 ? -4.241  6.438   -3.701  1.00 9.43  ? 48  ILE A CA  1 
ATOM   80  C C   . ILE A 1 19 ? -3.994  4.994   -3.262  1.00 9.41  ? 48  ILE A C   1 
ATOM   81  O O   . ILE A 1 19 ? -4.525  4.042   -3.858  1.00 9.65  ? 48  ILE A O   1 
ATOM   82  C CB  . ILE A 1 19 ? -3.146  6.962   -4.653  1.00 10.36 ? 48  ILE A CB  1 
ATOM   83  C CG1 . ILE A 1 19 ? -3.643  8.239   -5.310  1.00 12.44 ? 48  ILE A CG1 1 
ATOM   84  C CG2 . ILE A 1 19 ? -2.844  5.928   -5.735  1.00 11.14 ? 48  ILE A CG2 1 
ATOM   85  C CD1 . ILE A 1 19 ? -2.592  8.932   -6.199  1.00 14.35 ? 48  ILE A CD1 1 
ATOM   86  N N   . LEU A 1 20 ? -3.134  4.793   -2.258  1.00 9.43  ? 49  LEU A N   1 
ATOM   87  C CA  . LEU A 1 20 ? -2.854  3.447   -1.763  1.00 8.00  ? 49  LEU A CA  1 
ATOM   88  C C   . LEU A 1 20 ? -4.139  2.786   -1.250  1.00 8.43  ? 49  LEU A C   1 
ATOM   89  O O   . LEU A 1 20 ? -4.401  1.605   -1.542  1.00 9.13  ? 49  LEU A O   1 
ATOM   90  C CB  . LEU A 1 20 ? -1.766  3.480   -0.682  1.00 10.23 ? 49  LEU A CB  1 
ATOM   91  C CG  . LEU A 1 20 ? -0.352  3.669   -1.236  1.00 10.05 ? 49  LEU A CG  1 
ATOM   92  C CD1 . LEU A 1 20 ? 0.584   4.111   -0.131  1.00 11.35 ? 49  LEU A CD1 1 
ATOM   93  C CD2 . LEU A 1 20 ? 0.116   2.356   -1.866  1.00 10.51 ? 49  LEU A CD2 1 
ATOM   94  N N   . LYS A 1 21 ? -4.980  3.546   -0.508  1.00 9.34  ? 50  LYS A N   1 
ATOM   95  C CA  . LYS A 1 21 ? -6.242  2.973   -0.030  1.00 10.18 ? 50  LYS A CA  1 
ATOM   96  C C   . LYS A 1 21 ? -7.225  2.706   -1.181  1.00 9.55  ? 50  LYS A C   1 
ATOM   97  O O   . LYS A 1 21 ? -8.008  1.752   -1.118  1.00 10.69 ? 50  LYS A O   1 
ATOM   98  C CB  . LYS A 1 21 ? -6.893  3.851   1.057   1.00 13.78 ? 50  LYS A CB  1 
ATOM   99  C CG  . LYS A 1 21 ? -6.053  3.919   2.312   1.00 18.23 ? 50  LYS A CG  1 
ATOM   100 C CD  . LYS A 1 21 ? -6.761  4.231   3.595   1.00 22.61 ? 50  LYS A CD  1 
ATOM   101 C CE  . LYS A 1 21 ? -5.671  4.099   4.674   1.00 25.37 ? 50  LYS A CE  1 
ATOM   102 N NZ  . LYS A 1 21 ? -6.205  3.949   6.031   1.00 26.88 ? 50  LYS A NZ  1 
ATOM   103 N N   . GLU A 1 22 ? -7.221  3.525   -2.226  1.00 11.31 ? 51  GLU A N   1 
ATOM   104 C CA  . GLU A 1 22 ? -8.020  3.201   -3.409  1.00 11.66 ? 51  GLU A CA  1 
ATOM   105 C C   . GLU A 1 22 ? -7.582  1.863   -4.020  1.00 9.38  ? 51  GLU A C   1 
ATOM   106 O O   . GLU A 1 22 ? -8.412  1.014   -4.353  1.00 10.00 ? 51  GLU A O   1 
ATOM   107 C CB  . GLU A 1 22 ? -7.922  4.336   -4.424  1.00 13.67 ? 51  GLU A CB  1 
ATOM   108 C CG  . GLU A 1 22 ? -8.556  4.002   -5.771  1.00 16.40 ? 51  GLU A CG  1 
ATOM   109 C CD  . GLU A 1 22 ? -8.310  5.030   -6.883  1.00 20.97 ? 51  GLU A CD  1 
ATOM   110 O OE1 . GLU A 1 22 ? -7.581  6.025   -6.667  1.00 20.75 ? 51  GLU A OE1 1 
ATOM   111 O OE2 . GLU A 1 22 ? -8.839  4.820   -8.003  1.00 23.52 ? 51  GLU A OE2 1 
ATOM   112 N N   . LEU A 1 23 ? -6.277  1.644   -4.181  1.00 9.58  ? 52  LEU A N   1 
ATOM   113 C CA  . LEU A 1 23 ? -5.840  0.363   -4.729  1.00 9.61  ? 52  LEU A CA  1 
ATOM   114 C C   . LEU A 1 23 ? -6.223  -0.783  -3.799  1.00 8.95  ? 52  LEU A C   1 
ATOM   115 O O   . LEU A 1 23 ? -6.607  -1.876  -4.254  1.00 9.81  ? 52  LEU A O   1 
ATOM   116 C CB  . LEU A 1 23 ? -4.322  0.411   -4.911  1.00 10.36 ? 52  LEU A CB  1 
ATOM   117 C CG  . LEU A 1 23 ? -3.821  1.362   -5.994  1.00 10.98 ? 52  LEU A CG  1 
ATOM   118 C CD1 . LEU A 1 23 ? -2.339  1.674   -5.825  1.00 13.66 ? 52  LEU A CD1 1 
ATOM   119 C CD2 . LEU A 1 23 ? -4.033  0.718   -7.345  1.00 14.19 ? 52  LEU A CD2 1 
ATOM   120 N N   . TYR A 1 24 ? -6.109  -0.551  -2.488  1.00 7.81  ? 53  TYR A N   1 
ATOM   121 C CA  . TYR A 1 24 ? -6.358  -1.594  -1.502  1.00 8.37  ? 53  TYR A CA  1 
ATOM   122 C C   . TYR A 1 24 ? -7.839  -1.969  -1.465  1.00 8.50  ? 53  TYR A C   1 
ATOM   123 O O   . TYR A 1 24 ? -8.193  -3.156  -1.449  1.00 9.60  ? 53  TYR A O   1 
ATOM   124 C CB  . TYR A 1 24 ? -5.900  -1.069  -0.153  1.00 9.60  ? 53  TYR A CB  1 
ATOM   125 C CG  . TYR A 1 24 ? -5.848  -2.107  0.932   1.00 8.92  ? 53  TYR A CG  1 
ATOM   126 C CD1 . TYR A 1 24 ? -4.878  -3.099  0.930   1.00 9.66  ? 53  TYR A CD1 1 
ATOM   127 C CD2 . TYR A 1 24 ? -6.721  -2.076  1.993   1.00 11.55 ? 53  TYR A CD2 1 
ATOM   128 C CE1 . TYR A 1 24 ? -4.781  -4.011  1.937   1.00 10.92 ? 53  TYR A CE1 1 
ATOM   129 C CE2 . TYR A 1 24 ? -6.643  -2.996  3.008   1.00 12.39 ? 53  TYR A CE2 1 
ATOM   130 C CZ  . TYR A 1 24 ? -5.686  -3.991  2.977   1.00 10.65 ? 53  TYR A CZ  1 
ATOM   131 O OH  . TYR A 1 24 ? -5.606  -4.897  4.021   1.00 12.93 ? 53  TYR A OH  1 
ATOM   132 N N   . TYR A 1 25 ? -8.729  -0.980  -1.448  1.00 8.77  ? 54  TYR A N   1 
ATOM   133 C CA  . TYR A 1 25 ? -10.156 -1.250  -1.280  1.00 9.53  ? 54  TYR A CA  1 
ATOM   134 C C   . TYR A 1 25 ? -10.921 -1.328  -2.589  1.00 10.31 ? 54  TYR A C   1 
ATOM   135 O O   . TYR A 1 25 ? -11.938 -2.025  -2.656  1.00 12.94 ? 54  TYR A O   1 
ATOM   136 C CB  . TYR A 1 25 ? -10.803 -0.236  -0.334  1.00 9.34  ? 54  TYR A CB  1 
ATOM   137 C CG  . TYR A 1 25 ? -10.297 -0.355  1.081   1.00 10.71 ? 54  TYR A CG  1 
ATOM   138 C CD1 . TYR A 1 25 ? -10.527 -1.521  1.822   1.00 10.42 ? 54  TYR A CD1 1 
ATOM   139 C CD2 . TYR A 1 25 ? -9.612  0.701   1.703   1.00 12.08 ? 54  TYR A CD2 1 
ATOM   140 C CE1 . TYR A 1 25 ? -10.056 -1.643  3.121   1.00 10.89 ? 54  TYR A CE1 1 
ATOM   141 C CE2 . TYR A 1 25 ? -9.151  0.576   3.001   1.00 11.83 ? 54  TYR A CE2 1 
ATOM   142 C CZ  . TYR A 1 25 ? -9.377  -0.597  3.695   1.00 12.25 ? 54  TYR A CZ  1 
ATOM   143 O OH  . TYR A 1 25 ? -8.928  -0.707  4.981   1.00 15.63 ? 54  TYR A OH  1 
ATOM   144 N N   . ASN A 1 26 ? -10.497 -0.627  -3.642  1.00 11.19 ? 55  ASN A N   1 
ATOM   145 C CA  . ASN A 1 26 ? -11.230 -0.756  -4.904  1.00 11.98 ? 55  ASN A CA  1 
ATOM   146 C C   . ASN A 1 26 ? -10.745 -1.966  -5.691  1.00 14.94 ? 55  ASN A C   1 
ATOM   147 O O   . ASN A 1 26 ? -11.551 -2.694  -6.265  1.00 17.31 ? 55  ASN A O   1 
ATOM   148 C CB  . ASN A 1 26 ? -11.085 0.480   -5.786  1.00 11.78 ? 55  ASN A CB  1 
ATOM   149 C CG  . ASN A 1 26 ? -11.896 1.667   -5.294  1.00 11.65 ? 55  ASN A CG  1 
ATOM   150 O OD1 . ASN A 1 26 ? -12.475 1.657   -4.206  1.00 11.83 ? 55  ASN A OD1 1 
ATOM   151 N ND2 . ASN A 1 26 ? -11.962 2.698   -6.127  1.00 13.49 ? 55  ASN A ND2 1 
ATOM   152 N N   . ASN A 1 27 ? -9.429  -2.138  -5.831  1.00 13.89 ? 56  ASN A N   1 
ATOM   153 C CA  . ASN A 1 27 ? -8.917  -3.251  -6.611  1.00 13.45 ? 56  ASN A CA  1 
ATOM   154 C C   . ASN A 1 27 ? -8.679  -4.474  -5.764  1.00 11.79 ? 56  ASN A C   1 
ATOM   155 O O   . ASN A 1 27 ? -8.390  -5.537  -6.321  1.00 12.81 ? 56  ASN A O   1 
ATOM   156 C CB  . ASN A 1 27 ? -7.591  -2.869  -7.264  1.00 15.29 ? 56  ASN A CB  1 
ATOM   157 C CG  . ASN A 1 27 ? -7.747  -1.724  -8.230  1.00 19.56 ? 56  ASN A CG  1 
ATOM   158 O OD1 . ASN A 1 27 ? -7.732  -0.570  -7.820  1.00 21.46 ? 56  ASN A OD1 1 
ATOM   159 N ND2 . ASN A 1 27 ? -7.929  -2.038  -9.520  1.00 22.83 ? 56  ASN A ND2 1 
ATOM   160 N N   . ALA A 1 28 ? -8.803  -4.348  -4.442  1.00 11.48 ? 57  ALA A N   1 
ATOM   161 C CA  . ALA A 1 28 ? -8.612  -5.465  -3.529  1.00 11.96 ? 57  ALA A CA  1 
ATOM   162 C C   . ALA A 1 28 ? -7.213  -6.053  -3.675  1.00 11.88 ? 57  ALA A C   1 
ATOM   163 O O   . ALA A 1 28 ? -7.003  -7.268  -3.561  1.00 13.53 ? 57  ALA A O   1 
ATOM   164 C CB  . ALA A 1 28 ? -9.697  -6.536  -3.691  1.00 13.89 ? 57  ALA A CB  1 
ATOM   165 N N   . ILE A 1 29 ? -6.233  -5.179  -3.894  1.00 10.45 ? 58  ILE A N   1 
ATOM   166 C CA  . ILE A 1 29 ? -4.843  -5.620  -3.953  1.00 12.06 ? 58  ILE A CA  1 
ATOM   167 C C   . ILE A 1 29 ? -4.342  -5.866  -2.536  1.00 13.83 ? 58  ILE A C   1 
ATOM   168 O O   . ILE A 1 29 ? -4.471  -5.005  -1.658  1.00 13.77 ? 58  ILE A O   1 
ATOM   169 C CB  . ILE A 1 29 ? -3.984  -4.579  -4.694  1.00 11.86 ? 58  ILE A CB  1 
ATOM   170 C CG1 . ILE A 1 29 ? -4.398  -4.521  -6.168  1.00 14.45 ? 58  ILE A CG1 1 
ATOM   171 C CG2 . ILE A 1 29 ? -2.485  -4.896  -4.583  1.00 12.24 ? 58  ILE A CG2 1 
ATOM   172 C CD1 . ILE A 1 29 ? -3.973  -3.238  -6.926  1.00 17.25 ? 58  ILE A CD1 1 
ATOM   173 N N   . ARG A 1 30 ? -3.673  -7.006  -2.337  1.00 12.78 ? 59  ARG A N   1 
ATOM   174 C CA  . ARG A 1 30 ? -3.114  -7.397  -1.052  1.00 13.33 ? 59  ARG A CA  1 
ATOM   175 C C   . ARG A 1 30 ? -1.622  -7.632  -1.110  1.00 12.72 ? 59  ARG A C   1 
ATOM   176 O O   . ARG A 1 30 ? -0.932  -7.395  -0.107  1.00 13.33 ? 59  ARG A O   1 
ATOM   177 C CB  . ARG A 1 30 ? -3.738  -8.727  -0.602  1.00 13.91 ? 59  ARG A CB  1 
ATOM   178 C CG  . ARG A 1 30 ? -5.240  -8.704  -0.526  1.00 15.72 ? 59  ARG A CG  1 
ATOM   179 C CD  . ARG A 1 30 ? -5.784  -7.805  0.601   1.00 16.93 ? 59  ARG A CD  1 
ATOM   180 N NE  . ARG A 1 30 ? -7.227  -7.739  0.462   1.00 15.95 ? 59  ARG A NE  1 
ATOM   181 C CZ  . ARG A 1 30 ? -7.894  -6.661  0.071   1.00 15.83 ? 59  ARG A CZ  1 
ATOM   182 N NH1 . ARG A 1 30 ? -7.234  -5.523  -0.139  1.00 14.99 ? 59  ARG A NH1 1 
ATOM   183 N NH2 . ARG A 1 30 ? -9.221  -6.724  -0.098  1.00 15.40 ? 59  ARG A NH2 1 
ATOM   184 N N   . SER A 1 31 ? -1.106  -8.099  -2.241  1.00 13.67 ? 60  SER A N   1 
ATOM   185 C CA  . SER A 1 31 ? 0.287   -8.540  -2.334  1.00 14.67 ? 60  SER A CA  1 
ATOM   186 C C   . SER A 1 31 ? 0.711   -8.327  -3.766  1.00 12.94 ? 60  SER A C   1 
ATOM   187 O O   . SER A 1 31 ? 0.791   -9.274  -4.561  1.00 16.01 ? 60  SER A O   1 
ATOM   188 C CB  . SER A 1 31 ? 0.426   -10.013 -1.963  1.00 20.35 ? 60  SER A CB  1 
ATOM   189 O OG  . SER A 1 31 ? 1.791   -10.346 -1.835  1.00 25.59 ? 60  SER A OG  1 
ATOM   190 N N   . PRO A 1 32 ? 0.966   -7.079  -4.147  1.00 12.43 ? 61  PRO A N   1 
ATOM   191 C CA  . PRO A 1 32 ? 1.144   -6.765  -5.561  1.00 11.71 ? 61  PRO A CA  1 
ATOM   192 C C   . PRO A 1 32 ? 2.382   -7.432  -6.137  1.00 12.33 ? 61  PRO A C   1 
ATOM   193 O O   . PRO A 1 32 ? 3.390   -7.661  -5.451  1.00 12.83 ? 61  PRO A O   1 
ATOM   194 C CB  . PRO A 1 32 ? 1.298   -5.249  -5.571  1.00 12.63 ? 61  PRO A CB  1 
ATOM   195 C CG  . PRO A 1 32 ? 1.586   -4.852  -4.150  1.00 13.43 ? 61  PRO A CG  1 
ATOM   196 C CD  . PRO A 1 32 ? 0.998   -5.891  -3.280  1.00 12.25 ? 61  PRO A CD  1 
ATOM   197 N N   . THR A 1 33 ? 2.315   -7.695  -7.433  1.00 12.54 ? 62  THR A N   1 
ATOM   198 C CA  . THR A 1 33 ? 3.502   -8.183  -8.123  1.00 12.31 ? 62  THR A CA  1 
ATOM   199 C C   . THR A 1 33 ? 4.573   -7.094  -8.198  1.00 12.02 ? 62  THR A C   1 
ATOM   200 O O   . THR A 1 33 ? 4.323   -5.892  -8.001  1.00 11.97 ? 62  THR A O   1 
ATOM   201 C CB  . THR A 1 33 ? 3.146   -8.615  -9.542  1.00 13.50 ? 62  THR A CB  1 
ATOM   202 O OG1 . THR A 1 33 ? 2.838   -7.463  -10.356 1.00 16.19 ? 62  THR A OG1 1 
ATOM   203 C CG2 . THR A 1 33 ? 1.965   -9.616  -9.514  1.00 14.64 ? 62  THR A CG2 1 
ATOM   204 N N   . ALA A 1 34 ? 5.791   -7.506  -8.534  1.00 13.91 ? 63  ALA A N   1 
ATOM   205 C CA  . ALA A 1 34 ? 6.862   -6.526  -8.612  1.00 13.71 ? 63  ALA A CA  1 
ATOM   206 C C   . ALA A 1 34 ? 6.604   -5.504  -9.720  1.00 13.46 ? 63  ALA A C   1 
ATOM   207 O O   . ALA A 1 34 ? 6.878   -4.301  -9.548  1.00 13.91 ? 63  ALA A O   1 
ATOM   208 C CB  . ALA A 1 34 ? 8.196   -7.233  -8.829  1.00 14.89 ? 63  ALA A CB  1 
ATOM   209 N N   . ASP A 1 35 ? 6.041   -5.955  -10.850 1.00 15.03 ? 64  ASP A N   1 
ATOM   210 C CA  . ASP A 1 35 ? 5.663   -5.036  -11.925 1.00 16.84 ? 64  ASP A CA  1 
ATOM   211 C C   . ASP A 1 35 ? 4.589   -4.062  -11.453 1.00 13.89 ? 64  ASP A C   1 
ATOM   212 O O   . ASP A 1 35 ? 4.614   -2.872  -11.799 1.00 15.16 ? 64  ASP A O   1 
ATOM   213 C CB  . ASP A 1 35 ? 5.098   -5.825  -13.107 1.00 22.21 ? 64  ASP A CB  1 
ATOM   214 C CG  . ASP A 1 35 ? 6.139   -6.607  -13.867 1.00 28.78 ? 64  ASP A CG  1 
ATOM   215 O OD1 . ASP A 1 35 ? 7.338   -6.249  -13.797 1.00 29.91 ? 64  ASP A OD1 1 
ATOM   216 O OD2 . ASP A 1 35 ? 5.735   -7.579  -14.570 1.00 32.14 ? 64  ASP A OD2 1 
ATOM   217 N N   . GLN A 1 36 ? 3.600   -4.559  -10.694 1.00 12.27 ? 65  GLN A N   1 
ATOM   218 C CA  . GLN A 1 36 ? 2.594   -3.652  -10.138 1.00 11.43 ? 65  GLN A CA  1 
ATOM   219 C C   . GLN A 1 36 ? 3.246   -2.641  -9.224  1.00 10.90 ? 65  GLN A C   1 
ATOM   220 O O   . GLN A 1 36 ? 2.910   -1.459  -9.269  1.00 11.03 ? 65  GLN A O   1 
ATOM   221 C CB  . GLN A 1 36 ? 1.521   -4.406  -9.365  1.00 12.48 ? 65  GLN A CB  1 
ATOM   222 C CG  . GLN A 1 36 ? 0.550   -5.152  -10.215 1.00 13.95 ? 65  GLN A CG  1 
ATOM   223 C CD  . GLN A 1 36 ? -0.509  -5.841  -9.380  1.00 14.90 ? 65  GLN A CD  1 
ATOM   224 O OE1 . GLN A 1 36 ? -0.186  -6.677  -8.529  1.00 16.67 ? 65  GLN A OE1 1 
ATOM   225 N NE2 . GLN A 1 36 ? -1.782  -5.464  -9.583  1.00 18.27 ? 65  GLN A NE2 1 
ATOM   226 N N   . ILE A 1 37 ? 4.155   -3.084  -8.350  1.00 11.10 ? 66  ILE A N   1 
ATOM   227 C CA  . ILE A 1 37 ? 4.819   -2.130  -7.464  1.00 11.71 ? 66  ILE A CA  1 
ATOM   228 C C   . ILE A 1 37 ? 5.526   -1.037  -8.267  1.00 11.54 ? 66  ILE A C   1 
ATOM   229 O O   . ILE A 1 37 ? 5.466   0.142   -7.915  1.00 11.57 ? 66  ILE A O   1 
ATOM   230 C CB  . ILE A 1 37 ? 5.754   -2.883  -6.507  1.00 12.91 ? 66  ILE A CB  1 
ATOM   231 C CG1 . ILE A 1 37 ? 4.848   -3.579  -5.494  1.00 15.35 ? 66  ILE A CG1 1 
ATOM   232 C CG2 . ILE A 1 37 ? 6.782   -1.935  -5.853  1.00 12.80 ? 66  ILE A CG2 1 
ATOM   233 C CD1 . ILE A 1 37 ? 5.482   -4.665  -4.710  1.00 18.76 ? 66  ILE A CD1 1 
ATOM   234 N N   . GLN A 1 38 ? 6.193   -1.391  -9.372  1.00 12.16 ? 67  GLN A N   1 
ATOM   235 C CA  . GLN A 1 38 ? 6.839   -0.341  -10.164 1.00 13.16 ? 67  GLN A CA  1 
ATOM   236 C C   . GLN A 1 38 ? 5.822   0.667   -10.709 1.00 14.36 ? 67  GLN A C   1 
ATOM   237 O O   . GLN A 1 38 ? 6.045   1.887   -10.643 1.00 14.63 ? 67  GLN A O   1 
ATOM   238 C CB  . GLN A 1 38 ? 7.632   -0.969  -11.298 1.00 17.71 ? 67  GLN A CB  1 
ATOM   239 C CG  . GLN A 1 38 ? 8.423   -0.003  -12.131 1.00 22.83 ? 67  GLN A CG  1 
ATOM   240 C CD  . GLN A 1 38 ? 9.210   -0.732  -13.195 1.00 28.33 ? 67  GLN A CD  1 
ATOM   241 O OE1 . GLN A 1 38 ? 8.737   -1.737  -13.756 1.00 30.54 ? 67  GLN A OE1 1 
ATOM   242 N NE2 . GLN A 1 38 ? 10.428  -0.257  -13.472 1.00 28.09 ? 67  GLN A NE2 1 
ATOM   243 N N   . LYS A 1 39 ? 4.683   0.174   -11.224 1.00 14.10 ? 68  LYS A N   1 
ATOM   244 C CA  A LYS A 1 39 ? 3.669   1.071   -11.779 0.48 14.72 ? 68  LYS A CA  1 
ATOM   245 C CA  B LYS A 1 39 ? 3.668   1.074   -11.779 0.52 14.39 ? 68  LYS A CA  1 
ATOM   246 C C   . LYS A 1 39 ? 3.015   1.926   -10.688 1.00 13.52 ? 68  LYS A C   1 
ATOM   247 O O   . LYS A 1 39 ? 2.771   3.144   -10.875 1.00 14.60 ? 68  LYS A O   1 
ATOM   248 C CB  A LYS A 1 39 ? 2.618   0.233   -12.500 0.48 18.38 ? 68  LYS A CB  1 
ATOM   249 C CB  B LYS A 1 39 ? 2.602   0.254   -12.507 0.52 17.48 ? 68  LYS A CB  1 
ATOM   250 C CG  A LYS A 1 39 ? 1.485   1.026   -13.096 0.48 23.18 ? 68  LYS A CG  1 
ATOM   251 C CG  B LYS A 1 39 ? 3.095   -0.394  -13.782 0.52 22.29 ? 68  LYS A CG  1 
ATOM   252 C CD  A LYS A 1 39 ? 0.518   0.096   -13.827 0.48 27.37 ? 68  LYS A CD  1 
ATOM   253 C CD  B LYS A 1 39 ? 1.990   -1.201  -14.466 0.52 26.51 ? 68  LYS A CD  1 
ATOM   254 C CE  A LYS A 1 39 ? -0.899  0.637   -13.809 0.48 30.24 ? 68  LYS A CE  1 
ATOM   255 C CE  B LYS A 1 39 ? 2.540   -2.002  -15.646 0.52 29.56 ? 68  LYS A CE  1 
ATOM   256 N NZ  A LYS A 1 39 ? -0.931  2.041   -14.282 0.48 32.22 ? 68  LYS A NZ  1 
ATOM   257 N NZ  B LYS A 1 39 ? 1.528   -2.940  -16.212 0.52 30.99 ? 68  LYS A NZ  1 
ATOM   258 N N   . ILE A 1 40 ? 2.737   1.325   -9.531  1.00 12.11 ? 69  ILE A N   1 
ATOM   259 C CA  . ILE A 1 40 ? 2.143   2.085   -8.442  1.00 9.94  ? 69  ILE A CA  1 
ATOM   260 C C   . ILE A 1 40 ? 3.101   3.168   -7.967  1.00 10.56 ? 69  ILE A C   1 
ATOM   261 O O   . ILE A 1 40 ? 2.701   4.314   -7.723  1.00 12.27 ? 69  ILE A O   1 
ATOM   262 C CB  . ILE A 1 40 ? 1.737   1.139   -7.297  1.00 9.61  ? 69  ILE A CB  1 
ATOM   263 C CG1 . ILE A 1 40 ? 0.586   0.229   -7.747  1.00 11.98 ? 69  ILE A CG1 1 
ATOM   264 C CG2 . ILE A 1 40 ? 1.411   1.940   -6.045  1.00 11.09 ? 69  ILE A CG2 1 
ATOM   265 C CD1 . ILE A 1 40 ? 0.328   -0.947  -6.771  1.00 12.50 ? 69  ILE A CD1 1 
ATOM   266 N N   . THR A 1 41 ? 4.378   2.816   -7.818  1.00 9.68  ? 70  THR A N   1 
ATOM   267 C CA  . THR A 1 41 ? 5.362   3.781   -7.370  1.00 10.43 ? 70  THR A CA  1 
ATOM   268 C C   . THR A 1 41 ? 5.439   4.941   -8.346  1.00 11.34 ? 70  THR A C   1 
ATOM   269 O O   . THR A 1 41 ? 5.586   6.091   -7.933  1.00 12.42 ? 70  THR A O   1 
ATOM   270 C CB  . THR A 1 41 ? 6.730   3.079   -7.234  1.00 11.06 ? 70  THR A CB  1 
ATOM   271 O OG1 . THR A 1 41 ? 6.619   1.991   -6.303  1.00 12.85 ? 70  THR A OG1 1 
ATOM   272 C CG2 . THR A 1 41 ? 7.807   4.063   -6.743  1.00 12.79 ? 70  THR A CG2 1 
ATOM   273 N N   . ALA A 1 42 ? 5.357   4.655   -9.655  1.00 11.45 ? 71  ALA A N   1 
ATOM   274 C CA  . ALA A 1 42 ? 5.480   5.732   -10.631 1.00 13.10 ? 71  ALA A CA  1 
ATOM   275 C C   . ALA A 1 42 ? 4.344   6.731   -10.469 1.00 14.52 ? 71  ALA A C   1 
ATOM   276 O O   . ALA A 1 42 ? 4.553   7.953   -10.541 1.00 16.47 ? 71  ALA A O   1 
ATOM   277 C CB  . ALA A 1 42 ? 5.507   5.156   -12.048 1.00 15.57 ? 71  ALA A CB  1 
ATOM   278 N N   . ARG A 1 43 ? 3.137   6.233   -10.224 1.00 13.47 ? 72  ARG A N   1 
ATOM   279 C CA  . ARG A 1 43 ? 2.023   7.161   -10.002 1.00 12.37 ? 72  ARG A CA  1 
ATOM   280 C C   . ARG A 1 43 ? 2.177   7.918   -8.678  1.00 13.65 ? 72  ARG A C   1 
ATOM   281 O O   . ARG A 1 43 ? 1.974   9.141   -8.624  1.00 14.69 ? 72  ARG A O   1 
ATOM   282 C CB  . ARG A 1 43 ? 0.699   6.403   -10.071 1.00 12.35 ? 72  ARG A CB  1 
ATOM   283 C CG  . ARG A 1 43 ? -0.531  7.235   -9.745  1.00 14.10 ? 72  ARG A CG  1 
ATOM   284 C CD  . ARG A 1 43 ? -0.751  8.364   -10.725 1.00 16.27 ? 72  ARG A CD  1 
ATOM   285 N NE  . ARG A 1 43 ? -2.020  9.025   -10.434 1.00 16.51 ? 72  ARG A NE  1 
ATOM   286 C CZ  . ARG A 1 43 ? -2.221  10.340  -10.480 1.00 17.53 ? 72  ARG A CZ  1 
ATOM   287 N NH1 . ARG A 1 43 ? -1.239  11.166  -10.825 1.00 20.21 ? 72  ARG A NH1 1 
ATOM   288 N NH2 . ARG A 1 43 ? -3.422  10.819  -10.186 1.00 18.52 ? 72  ARG A NH2 1 
ATOM   289 N N   . LEU A 1 44 ? 2.579   7.222   -7.609  1.00 11.72 ? 73  LEU A N   1 
ATOM   290 C CA  . LEU A 1 44 ? 2.695   7.895   -6.316  1.00 11.61 ? 73  LEU A CA  1 
ATOM   291 C C   . LEU A 1 44 ? 3.807   8.934   -6.329  1.00 11.74 ? 73  LEU A C   1 
ATOM   292 O O   . LEU A 1 44 ? 3.705   9.953   -5.625  1.00 12.98 ? 73  LEU A O   1 
ATOM   293 C CB  . LEU A 1 44 ? 2.924   6.895   -5.188  1.00 11.70 ? 73  LEU A CB  1 
ATOM   294 C CG  . LEU A 1 44 ? 1.771   5.927   -4.962  1.00 13.68 ? 73  LEU A CG  1 
ATOM   295 C CD1 . LEU A 1 44 ? 2.190   4.844   -3.987  1.00 16.38 ? 73  LEU A CD1 1 
ATOM   296 C CD2 . LEU A 1 44 ? 0.566   6.677   -4.455  1.00 14.82 ? 73  LEU A CD2 1 
ATOM   297 N N   . ARG A 1 45 ? 4.816   8.749   -7.181  1.00 13.46 ? 74  ARG A N   1 
ATOM   298 C CA  . ARG A 1 45 ? 5.904   9.719   -7.232  1.00 15.24 ? 74  ARG A CA  1 
ATOM   299 C C   . ARG A 1 45 ? 5.443   11.076  -7.763  1.00 15.14 ? 74  ARG A C   1 
ATOM   300 O O   . ARG A 1 45 ? 6.112   12.087  -7.523  1.00 16.73 ? 74  ARG A O   1 
ATOM   301 C CB  . ARG A 1 45 ? 7.106   9.146   -8.023  1.00 20.36 ? 74  ARG A CB  1 
ATOM   302 C CG  . ARG A 1 45 ? 8.452   9.889   -7.774  1.00 26.16 ? 74  ARG A CG  1 
ATOM   303 C CD  . ARG A 1 45 ? 9.678   8.974   -7.929  1.00 33.12 ? 74  ARG A CD  1 
ATOM   304 N NE  . ARG A 1 45 ? 9.393   7.913   -8.884  1.00 37.86 ? 74  ARG A NE  1 
ATOM   305 C CZ  . ARG A 1 45 ? 9.863   6.673   -8.810  1.00 39.52 ? 74  ARG A CZ  1 
ATOM   306 N NH1 . ARG A 1 45 ? 9.497   5.796   -9.737  1.00 40.55 ? 74  ARG A NH1 1 
ATOM   307 N NH2 . ARG A 1 45 ? 10.670  6.302   -7.812  1.00 40.12 ? 74  ARG A NH2 1 
ATOM   308 N N   . GLN A 1 46 ? 4.314   11.128  -8.455  1.00 15.48 ? 75  GLN A N   1 
ATOM   309 C CA  . GLN A 1 46 ? 3.793   12.426  -8.862  1.00 18.12 ? 75  GLN A CA  1 
ATOM   310 C C   . GLN A 1 46 ? 3.325   13.269  -7.680  1.00 20.35 ? 75  GLN A C   1 
ATOM   311 O O   . GLN A 1 46 ? 3.070   14.471  -7.865  1.00 24.18 ? 75  GLN A O   1 
ATOM   312 C CB  . GLN A 1 46 ? 2.700   12.235  -9.937  1.00 21.25 ? 75  GLN A CB  1 
ATOM   313 C CG  . GLN A 1 46 ? 3.213   11.484  -11.205 1.00 22.65 ? 75  GLN A CG  1 
ATOM   314 C CD  . GLN A 1 46 ? 2.129   11.246  -12.251 1.00 25.61 ? 75  GLN A CD  1 
ATOM   315 O OE1 . GLN A 1 46 ? 1.169   10.525  -12.003 1.00 26.45 ? 75  GLN A OE1 1 
ATOM   316 N NE2 . GLN A 1 46 ? 2.277   11.872  -13.429 1.00 27.24 ? 75  GLN A NE2 1 
ATOM   317 N N   . PHE A 1 47 ? 3.199   12.681  -6.486  1.00 18.81 ? 76  PHE A N   1 
ATOM   318 C CA  . PHE A 1 47 ? 2.741   13.381  -5.288  1.00 19.89 ? 76  PHE A CA  1 
ATOM   319 C C   . PHE A 1 47 ? 3.806   13.490  -4.204  1.00 22.04 ? 76  PHE A C   1 
ATOM   320 O O   . PHE A 1 47 ? 3.525   14.018  -3.124  1.00 26.47 ? 76  PHE A O   1 
ATOM   321 C CB  . PHE A 1 47 ? 1.476   12.732  -4.742  1.00 20.40 ? 76  PHE A CB  1 
ATOM   322 C CG  . PHE A 1 47 ? 0.329   12.840  -5.666  1.00 21.98 ? 76  PHE A CG  1 
ATOM   323 C CD1 . PHE A 1 47 ? -0.315  14.064  -5.852  1.00 23.99 ? 76  PHE A CD1 1 
ATOM   324 C CD2 . PHE A 1 47 ? -0.056  11.751  -6.420  1.00 25.13 ? 76  PHE A CD2 1 
ATOM   325 C CE1 . PHE A 1 47 ? -1.376  14.165  -6.738  1.00 25.97 ? 76  PHE A CE1 1 
ATOM   326 C CE2 . PHE A 1 47 ? -1.117  11.846  -7.304  1.00 26.90 ? 76  PHE A CE2 1 
ATOM   327 C CZ  . PHE A 1 47 ? -1.776  13.044  -7.459  1.00 25.97 ? 76  PHE A CZ  1 
ATOM   328 N N   . GLY A 1 48 ? 5.015   13.061  -4.466  1.00 19.69 ? 77  GLY A N   1 
ATOM   329 C CA  . GLY A 1 48 ? 6.074   13.248  -3.493  1.00 19.50 ? 77  GLY A CA  1 
ATOM   330 C C   . GLY A 1 48 ? 7.067   12.106  -3.528  1.00 19.84 ? 77  GLY A C   1 
ATOM   331 O O   . GLY A 1 48 ? 6.965   11.178  -4.333  1.00 18.79 ? 77  GLY A O   1 
ATOM   332 N N   . LYS A 1 49 ? 8.032   12.184  -2.606  1.00 21.95 ? 78  LYS A N   1 
ATOM   333 C CA  . LYS A 1 49 ? 9.089   11.190  -2.559  1.00 23.95 ? 78  LYS A CA  1 
ATOM   334 C C   . LYS A 1 49 ? 8.508   9.839   -2.210  1.00 21.42 ? 78  LYS A C   1 
ATOM   335 O O   . LYS A 1 49 ? 7.589   9.727   -1.386  1.00 22.69 ? 78  LYS A O   1 
ATOM   336 C CB  . LYS A 1 49 ? 10.125  11.550  -1.501  1.00 30.49 ? 78  LYS A CB  1 
ATOM   337 C CG  . LYS A 1 49 ? 10.311  13.003  -1.247  1.00 36.11 ? 78  LYS A CG  1 
ATOM   338 C CD  . LYS A 1 49 ? 10.796  13.226  0.176   1.00 40.72 ? 78  LYS A CD  1 
ATOM   339 C CE  . LYS A 1 49 ? 10.984  14.704  0.461   1.00 43.98 ? 78  LYS A CE  1 
ATOM   340 N NZ  . LYS A 1 49 ? 12.325  15.139  -0.044  1.00 45.35 ? 78  LYS A NZ  1 
ATOM   341 N N   . ILE A 1 50 ? 9.049   8.809   -2.852  1.00 17.63 ? 79  ILE A N   1 
ATOM   342 C CA  . ILE A 1 50 ? 8.629   7.440   -2.611  1.00 16.16 ? 79  ILE A CA  1 
ATOM   343 C C   . ILE A 1 50 ? 9.550   6.505   -3.377  1.00 16.25 ? 79  ILE A C   1 
ATOM   344 O O   . ILE A 1 50 ? 10.021  6.850   -4.456  1.00 19.05 ? 79  ILE A O   1 
ATOM   345 C CB  . ILE A 1 50 ? 7.154   7.211   -2.980  1.00 17.74 ? 79  ILE A CB  1 
ATOM   346 C CG1 . ILE A 1 50 ? 6.727   5.836   -2.485  1.00 18.12 ? 79  ILE A CG1 1 
ATOM   347 C CG2 . ILE A 1 50 ? 6.944   7.357   -4.464  1.00 17.98 ? 79  ILE A CG2 1 
ATOM   348 C CD1 . ILE A 1 50 ? 5.268   5.677   -2.342  1.00 20.46 ? 79  ILE A CD1 1 
ATOM   349 N N   . GLU A 1 51 ? 9.804   5.324   -2.832  1.00 15.72 ? 80  GLU A N   1 
ATOM   350 C CA  . GLU A 1 51 ? 10.596  4.288   -3.474  1.00 15.57 ? 80  GLU A CA  1 
ATOM   351 C C   . GLU A 1 51 ? 9.745   3.018   -3.534  1.00 13.75 ? 80  GLU A C   1 
ATOM   352 O O   . GLU A 1 51 ? 8.830   2.830   -2.728  1.00 12.79 ? 80  GLU A O   1 
ATOM   353 C CB  . GLU A 1 51 ? 11.861  3.971   -2.639  1.00 19.76 ? 80  GLU A CB  1 
ATOM   354 C CG  . GLU A 1 51 ? 12.817  5.169   -2.443  1.00 26.26 ? 80  GLU A CG  1 
ATOM   355 C CD  . GLU A 1 51 ? 14.007  4.909   -1.482  1.00 31.60 ? 80  GLU A CD  1 
ATOM   356 O OE1 . GLU A 1 51 ? 13.990  3.923   -0.697  1.00 30.21 ? 80  GLU A OE1 1 
ATOM   357 O OE2 . GLU A 1 51 ? 14.973  5.716   -1.516  1.00 35.83 ? 80  GLU A OE2 1 
ATOM   358 N N   . GLY A 1 52 ? 10.046  2.135   -4.482  1.00 11.71 ? 81  GLY A N   1 
ATOM   359 C CA  . GLY A 1 52 ? 9.240   0.923   -4.611  1.00 10.51 ? 81  GLY A CA  1 
ATOM   360 C C   . GLY A 1 52 ? 9.154   0.087   -3.334  1.00 7.43  ? 81  GLY A C   1 
ATOM   361 O O   . GLY A 1 52 ? 8.101   -0.487  -3.020  1.00 9.41  ? 81  GLY A O   1 
ATOM   362 N N   . LYS A 1 53 ? 10.242  0.013   -2.553  1.00 8.44  ? 82  LYS A N   1 
ATOM   363 C CA  . LYS A 1 53 ? 10.153  -0.788  -1.333  1.00 9.50  ? 82  LYS A CA  1 
ATOM   364 C C   . LYS A 1 53 ? 9.145   -0.201  -0.344  1.00 9.92  ? 82  LYS A C   1 
ATOM   365 O O   . LYS A 1 53 ? 8.539   -0.944  0.442   1.00 10.80 ? 82  LYS A O   1 
ATOM   366 C CB  . LYS A 1 53 ? 11.529  -0.982  -0.702  1.00 10.28 ? 82  LYS A CB  1 
ATOM   367 C CG  . LYS A 1 53 ? 11.980  0.192   0.157   1.00 11.93 ? 82  LYS A CG  1 
ATOM   368 C CD  . LYS A 1 53 ? 13.346  0.003   0.799   1.00 16.54 ? 82  LYS A CD  1 
ATOM   369 C CE  . LYS A 1 53 ? 13.619  1.139   1.787   1.00 21.15 ? 82  LYS A CE  1 
ATOM   370 N NZ  . LYS A 1 53 ? 14.999  1.144   2.322   1.00 26.14 ? 82  LYS A NZ  1 
ATOM   371 N N   . ASN A 1 54 ? 8.924   1.127   -0.377  1.00 9.69  ? 83  ASN A N   1 
ATOM   372 C CA  . ASN A 1 54 ? 7.912   1.742   0.489   1.00 11.05 ? 83  ASN A CA  1 
ATOM   373 C C   . ASN A 1 54 ? 6.516   1.197   0.175   1.00 10.02 ? 83  ASN A C   1 
ATOM   374 O O   . ASN A 1 54 ? 5.695   0.969   1.088   1.00 12.26 ? 83  ASN A O   1 
ATOM   375 C CB  . ASN A 1 54 ? 7.881   3.262   0.305   1.00 11.66 ? 83  ASN A CB  1 
ATOM   376 C CG  . ASN A 1 54 ? 9.190   3.948   0.630   1.00 14.77 ? 83  ASN A CG  1 
ATOM   377 O OD1 . ASN A 1 54 ? 9.555   4.905   -0.051  1.00 17.72 ? 83  ASN A OD1 1 
ATOM   378 N ND2 . ASN A 1 54 ? 9.872   3.506   1.686   1.00 15.94 ? 83  ASN A ND2 1 
ATOM   379 N N   . VAL A 1 55 ? 6.225   0.992   -1.117  1.00 10.29 ? 84  VAL A N   1 
ATOM   380 C CA  . VAL A 1 55 ? 4.938   0.427   -1.516  1.00 9.77  ? 84  VAL A CA  1 
ATOM   381 C C   . VAL A 1 55 ? 4.849   -1.034  -1.080  1.00 9.14  ? 84  VAL A C   1 
ATOM   382 O O   . VAL A 1 55 ? 3.845   -1.471  -0.501  1.00 10.57 ? 84  VAL A O   1 
ATOM   383 C CB  . VAL A 1 55 ? 4.738   0.598   -3.033  1.00 10.56 ? 84  VAL A CB  1 
ATOM   384 C CG1 . VAL A 1 55 ? 3.490   -0.099  -3.520  1.00 9.78  ? 84  VAL A CG1 1 
ATOM   385 C CG2 . VAL A 1 55 ? 4.799   2.068   -3.430  1.00 11.85 ? 84  VAL A CG2 1 
ATOM   386 N N   . PHE A 1 56 ? 5.903   -1.813  -1.367  1.00 8.64  ? 85  PHE A N   1 
ATOM   387 C CA  . PHE A 1 56 ? 5.913   -3.199  -0.916  1.00 9.58  ? 85  PHE A CA  1 
ATOM   388 C C   . PHE A 1 56 ? 5.593   -3.304  0.584   1.00 10.06 ? 85  PHE A C   1 
ATOM   389 O O   . PHE A 1 56 ? 4.728   -4.095  1.007   1.00 11.06 ? 85  PHE A O   1 
ATOM   390 C CB  . PHE A 1 56 ? 7.274   -3.847  -1.200  1.00 10.57 ? 85  PHE A CB  1 
ATOM   391 C CG  . PHE A 1 56 ? 7.420   -5.183  -0.568  1.00 10.82 ? 85  PHE A CG  1 
ATOM   392 C CD1 . PHE A 1 56 ? 8.229   -5.362  0.557   1.00 11.88 ? 85  PHE A CD1 1 
ATOM   393 C CD2 . PHE A 1 56 ? 6.714   -6.280  -1.060  1.00 11.84 ? 85  PHE A CD2 1 
ATOM   394 C CE1 . PHE A 1 56 ? 8.336   -6.637  1.161   1.00 12.81 ? 85  PHE A CE1 1 
ATOM   395 C CE2 . PHE A 1 56 ? 6.809   -7.525  -0.463  1.00 12.67 ? 85  PHE A CE2 1 
ATOM   396 C CZ  . PHE A 1 56 ? 7.631   -7.721  0.651   1.00 13.06 ? 85  PHE A CZ  1 
ATOM   397 N N   . TYR A 1 57 ? 6.281   -2.501  1.418   1.00 8.67  ? 86  TYR A N   1 
ATOM   398 C CA  . TYR A 1 57 ? 6.083   -2.625  2.859   1.00 9.63  ? 86  TYR A CA  1 
ATOM   399 C C   . TYR A 1 57 ? 4.747   -2.053  3.297   1.00 8.92  ? 86  TYR A C   1 
ATOM   400 O O   . TYR A 1 57 ? 4.198   -2.501  4.301   1.00 11.13 ? 86  TYR A O   1 
ATOM   401 C CB  . TYR A 1 57 ? 7.229   -1.960  3.628   1.00 10.76 ? 86  TYR A CB  1 
ATOM   402 C CG  . TYR A 1 57 ? 8.511   -2.754  3.530   1.00 11.35 ? 86  TYR A CG  1 
ATOM   403 C CD1 . TYR A 1 57 ? 8.582   -4.082  3.988   1.00 13.78 ? 86  TYR A CD1 1 
ATOM   404 C CD2 . TYR A 1 57 ? 9.652   -2.199  2.987   1.00 12.87 ? 86  TYR A CD2 1 
ATOM   405 C CE1 . TYR A 1 57 ? 9.755   -4.825  3.909   1.00 16.20 ? 86  TYR A CE1 1 
ATOM   406 C CE2 . TYR A 1 57 ? 10.822  -2.932  2.886   1.00 14.34 ? 86  TYR A CE2 1 
ATOM   407 C CZ  . TYR A 1 57 ? 10.877  -4.253  3.361   1.00 15.59 ? 86  TYR A CZ  1 
ATOM   408 O OH  . TYR A 1 57 ? 12.033  -5.001  3.255   1.00 16.49 ? 86  TYR A OH  1 
ATOM   409 N N   . TRP A 1 58 ? 4.197   -1.068  2.584   1.00 10.01 ? 87  TRP A N   1 
ATOM   410 C CA  . TRP A 1 58 ? 2.855   -0.563  2.941   1.00 9.63  ? 87  TRP A CA  1 
ATOM   411 C C   . TRP A 1 58 ? 1.822   -1.686  2.849   1.00 9.30  ? 87  TRP A C   1 
ATOM   412 O O   . TRP A 1 58 ? 0.995   -1.887  3.767   1.00 9.82  ? 87  TRP A O   1 
ATOM   413 C CB  . TRP A 1 58 ? 2.454   0.595   2.007   1.00 9.55  ? 87  TRP A CB  1 
ATOM   414 C CG  . TRP A 1 58 ? 1.206   1.319   2.440   1.00 7.80  ? 87  TRP A CG  1 
ATOM   415 C CD1 . TRP A 1 58 ? 1.135   2.398   3.260   1.00 9.58  ? 87  TRP A CD1 1 
ATOM   416 C CD2 . TRP A 1 58 ? -0.151  0.983   2.078   1.00 9.15  ? 87  TRP A CD2 1 
ATOM   417 N NE1 . TRP A 1 58 ? -0.180  2.758   3.441   1.00 11.05 ? 87  TRP A NE1 1 
ATOM   418 C CE2 . TRP A 1 58 ? -0.986  1.907   2.708   1.00 10.30 ? 87  TRP A CE2 1 
ATOM   419 C CE3 . TRP A 1 58 ? -0.720  -0.014  1.278   1.00 10.75 ? 87  TRP A CE3 1 
ATOM   420 C CZ2 . TRP A 1 58 ? -2.386  1.874   2.558   1.00 10.57 ? 87  TRP A CZ2 1 
ATOM   421 C CZ3 . TRP A 1 58 ? -2.102  -0.049  1.112   1.00 10.68 ? 87  TRP A CZ3 1 
ATOM   422 C CH2 . TRP A 1 58 ? -2.919  0.890   1.775   1.00 12.05 ? 87  TRP A CH2 1 
ATOM   423 N N   . PHE A 1 59 ? 1.883   -2.469  1.750   1.00 8.47  ? 88  PHE A N   1 
ATOM   424 C CA  . PHE A 1 59 ? 0.962   -3.607  1.630   1.00 6.64  ? 88  PHE A CA  1 
ATOM   425 C C   . PHE A 1 59 ? 1.289   -4.707  2.654   1.00 9.97  ? 88  PHE A C   1 
ATOM   426 O O   . PHE A 1 59 ? 0.374   -5.293  3.255   1.00 10.68 ? 88  PHE A O   1 
ATOM   427 C CB  . PHE A 1 59 ? 0.923   -4.155  0.204   1.00 8.69  ? 88  PHE A CB  1 
ATOM   428 C CG  . PHE A 1 59 ? 0.162   -3.293  -0.747  1.00 8.50  ? 88  PHE A CG  1 
ATOM   429 C CD1 . PHE A 1 59 ? 0.789   -2.305  -1.523  1.00 8.84  ? 88  PHE A CD1 1 
ATOM   430 C CD2 . PHE A 1 59 ? -1.226  -3.417  -0.833  1.00 9.29  ? 88  PHE A CD2 1 
ATOM   431 C CE1 . PHE A 1 59 ? 0.045   -1.505  -2.404  1.00 11.08 ? 88  PHE A CE1 1 
ATOM   432 C CE2 . PHE A 1 59 ? -1.968  -2.622  -1.711  1.00 9.76  ? 88  PHE A CE2 1 
ATOM   433 C CZ  . PHE A 1 59 ? -1.341  -1.661  -2.498  1.00 11.76 ? 88  PHE A CZ  1 
ATOM   434 N N   . GLN A 1 60 ? 2.573   -4.964  2.921   1.00 10.29 ? 89  GLN A N   1 
ATOM   435 C CA  . GLN A 1 60 ? 2.910   -5.949  3.960   1.00 12.36 ? 89  GLN A CA  1 
ATOM   436 C C   . GLN A 1 60 ? 2.380   -5.544  5.333   1.00 11.27 ? 89  GLN A C   1 
ATOM   437 O O   . GLN A 1 60 ? 1.860   -6.384  6.093   1.00 13.24 ? 89  GLN A O   1 
ATOM   438 C CB  . GLN A 1 60 ? 4.421   -6.053  4.077   1.00 18.09 ? 89  GLN A CB  1 
ATOM   439 C CG  . GLN A 1 60 ? 5.054   -6.709  2.904   1.00 24.08 ? 89  GLN A CG  1 
ATOM   440 C CD  . GLN A 1 60 ? 4.675   -8.171  2.766   1.00 30.80 ? 89  GLN A CD  1 
ATOM   441 O OE1 . GLN A 1 60 ? 3.839   -8.522  1.929   1.00 34.36 ? 89  GLN A OE1 1 
ATOM   442 N NE2 . GLN A 1 60 ? 5.314   -9.038  3.565   1.00 33.28 ? 89  GLN A NE2 1 
ATOM   443 N N   . ASN A 1 61 ? 2.508   -4.259  5.677   1.00 11.81 ? 90  ASN A N   1 
ATOM   444 C CA  . ASN A 1 61 ? 2.024   -3.799  6.969   1.00 12.86 ? 90  ASN A CA  1 
ATOM   445 C C   . ASN A 1 61 ? 0.509   -3.957  7.070   1.00 11.07 ? 90  ASN A C   1 
ATOM   446 O O   . ASN A 1 61 ? -0.039  -4.350  8.120   1.00 12.76 ? 90  ASN A O   1 
ATOM   447 C CB  . ASN A 1 61 ? 2.470   -2.363  7.220   1.00 15.30 ? 90  ASN A CB  1 
ATOM   448 C CG  . ASN A 1 61 ? 3.972   -2.247  7.411   1.00 22.13 ? 90  ASN A CG  1 
ATOM   449 O OD1 . ASN A 1 61 ? 4.628   -3.208  7.840   1.00 24.00 ? 90  ASN A OD1 1 
ATOM   450 N ND2 . ASN A 1 61 ? 4.533   -1.076  7.095   1.00 25.46 ? 90  ASN A ND2 1 
ATOM   451 N N   . HIS A 1 62 ? -0.185  -3.687  5.967   1.00 11.08 ? 91  HIS A N   1 
ATOM   452 C CA  . HIS A 1 62 ? -1.630  -3.921  5.998   1.00 11.70 ? 91  HIS A CA  1 
ATOM   453 C C   . HIS A 1 62 ? -1.988  -5.391  6.165   1.00 12.00 ? 91  HIS A C   1 
ATOM   454 O O   . HIS A 1 62 ? -3.029  -5.692  6.763   1.00 12.53 ? 91  HIS A O   1 
ATOM   455 C CB  . HIS A 1 62 ? -2.330  -3.303  4.797   1.00 13.81 ? 91  HIS A CB  1 
ATOM   456 C CG  . HIS A 1 62 ? -2.738  -1.898  5.056   1.00 16.28 ? 91  HIS A CG  1 
ATOM   457 N ND1 . HIS A 1 62 ? -3.829  -1.581  5.834   1.00 19.80 ? 91  HIS A ND1 1 
ATOM   458 C CD2 . HIS A 1 62 ? -2.133  -0.728  4.756   1.00 19.73 ? 91  HIS A CD2 1 
ATOM   459 C CE1 . HIS A 1 62 ? -3.921  -0.268  5.940   1.00 21.72 ? 91  HIS A CE1 1 
ATOM   460 N NE2 . HIS A 1 62 ? -2.897  0.272   5.309   1.00 21.04 ? 91  HIS A NE2 1 
ATOM   461 N N   . LYS A 1 63 ? -1.193  -6.320  5.643   1.00 11.83 ? 92  LYS A N   1 
ATOM   462 C CA  . LYS A 1 63 ? -1.510  -7.727  5.913   1.00 12.62 ? 92  LYS A CA  1 
ATOM   463 C C   . LYS A 1 63 ? -1.453  -8.012  7.398   1.00 13.52 ? 92  LYS A C   1 
ATOM   464 O O   . LYS A 1 63 ? -2.286  -8.757  7.937   1.00 14.55 ? 92  LYS A O   1 
ATOM   465 C CB  . LYS A 1 63 ? -0.503  -8.634  5.226   1.00 15.34 ? 92  LYS A CB  1 
ATOM   466 C CG  . LYS A 1 63 ? -0.694  -8.865  3.769   1.00 19.82 ? 92  LYS A CG  1 
ATOM   467 C CD  . LYS A 1 63 ? 0.367   -9.829  3.291   1.00 25.25 ? 92  LYS A CD  1 
ATOM   468 C CE  . LYS A 1 63 ? 0.175   -10.186 1.829   1.00 30.94 ? 92  LYS A CE  1 
ATOM   469 N NZ  . LYS A 1 63 ? 1.491   -10.528 1.177   1.00 34.14 ? 92  LYS A NZ  1 
ATOM   470 N N   . ALA A 1 64 ? -0.478  -7.424  8.081   1.00 14.54 ? 93  ALA A N   1 
ATOM   471 C CA  . ALA A 1 64 ? -0.402  -7.649  9.531   1.00 16.56 ? 93  ALA A CA  1 
ATOM   472 C C   . ALA A 1 64 ? -1.591  -7.025  10.252  1.00 15.88 ? 93  ALA A C   1 
ATOM   473 O O   . ALA A 1 64 ? -2.098  -7.567  11.247  1.00 16.17 ? 93  ALA A O   1 
ATOM   474 C CB  . ALA A 1 64 ? 0.887   -7.061  10.078  1.00 18.61 ? 93  ALA A CB  1 
ATOM   475 N N   . ARG A 1 65 ? -2.052  -5.883  9.761   1.00 13.83 ? 94  ARG A N   1 
ATOM   476 C CA  . ARG A 1 65 ? -3.201  -5.238  10.381  1.00 14.41 ? 94  ARG A CA  1 
ATOM   477 C C   . ARG A 1 65 ? -4.466  -6.071  10.175  1.00 14.68 ? 94  ARG A C   1 
ATOM   478 O O   . ARG A 1 65 ? -5.288  -6.198  11.095  1.00 14.82 ? 94  ARG A O   1 
ATOM   479 C CB  . ARG A 1 65 ? -3.349  -3.820  9.823   1.00 17.92 ? 94  ARG A CB  1 
ATOM   480 C CG  . ARG A 1 65 ? -4.587  -3.050  10.231  1.00 25.34 ? 94  ARG A CG  1 
ATOM   481 C CD  . ARG A 1 65 ? -4.581  -2.644  11.681  1.00 31.61 ? 94  ARG A CD  1 
ATOM   482 N NE  . ARG A 1 65 ? -5.842  -1.999  12.040  1.00 37.94 ? 94  ARG A NE  1 
ATOM   483 C CZ  . ARG A 1 65 ? -6.449  -2.153  13.214  1.00 43.10 ? 94  ARG A CZ  1 
ATOM   484 N NH1 . ARG A 1 65 ? -5.897  -2.931  14.136  1.00 44.23 ? 94  ARG A NH1 1 
ATOM   485 N NH2 . ARG A 1 65 ? -7.603  -1.535  13.468  1.00 45.05 ? 94  ARG A NH2 1 
ATOM   486 N N   . GLU A 1 66 ? -4.644  -6.653  8.983   1.00 12.96 ? 95  GLU A N   1 
ATOM   487 C CA  . GLU A 1 66 ? -5.807  -7.528  8.765   1.00 12.97 ? 95  GLU A CA  1 
ATOM   488 C C   . GLU A 1 66 ? -5.780  -8.724  9.712   1.00 13.71 ? 95  GLU A C   1 
ATOM   489 O O   . GLU A 1 66 ? -6.824  -9.135  10.244  1.00 13.37 ? 95  GLU A O   1 
ATOM   490 C CB  . GLU A 1 66 ? -5.876  -7.998  7.303   1.00 15.40 ? 95  GLU A CB  1 
ATOM   491 C CG  . GLU A 1 66 ? -6.055  -6.880  6.290   1.00 16.10 ? 95  GLU A CG  1 
ATOM   492 C CD  . GLU A 1 66 ? -7.394  -6.156  6.421   1.00 17.75 ? 95  GLU A CD  1 
ATOM   493 O OE1 . GLU A 1 66 ? -8.394  -6.814  6.767   1.00 20.56 ? 95  GLU A OE1 1 
ATOM   494 O OE2 . GLU A 1 66 ? -7.476  -4.933  6.109   1.00 20.17 ? 95  GLU A OE2 1 
ATOM   495 N N   A ARG A 1 67 ? -4.589  -9.295  9.935   0.49 14.36 ? 96  ARG A N   1 
ATOM   496 N N   B ARG A 1 67 ? -4.599  -9.282  9.971   0.51 14.48 ? 96  ARG A N   1 
ATOM   497 C CA  A ARG A 1 67 ? -4.496  -10.400 10.879  0.49 14.53 ? 96  ARG A CA  1 
ATOM   498 C CA  B ARG A 1 67 ? -4.539  -10.410 10.888  0.51 14.73 ? 96  ARG A CA  1 
ATOM   499 C C   A ARG A 1 67 ? -4.959  -9.976  12.264  0.49 14.52 ? 96  ARG A C   1 
ATOM   500 C C   B ARG A 1 67 ? -4.943  -9.990  12.290  0.51 14.76 ? 96  ARG A C   1 
ATOM   501 O O   A ARG A 1 67 ? -5.695  -10.717 12.925  0.49 14.62 ? 96  ARG A O   1 
ATOM   502 O O   B ARG A 1 67 ? -5.625  -10.748 12.989  0.51 15.15 ? 96  ARG A O   1 
ATOM   503 C CB  A ARG A 1 67 ? -3.057  -10.918 10.934  0.49 16.24 ? 96  ARG A CB  1 
ATOM   504 C CB  B ARG A 1 67 ? -3.130  -11.007 10.888  0.51 16.73 ? 96  ARG A CB  1 
ATOM   505 C CG  A ARG A 1 67 ? -2.608  -11.619 9.668   0.49 19.69 ? 96  ARG A CG  1 
ATOM   506 C CG  B ARG A 1 67 ? -2.759  -11.687 9.587   0.51 20.11 ? 96  ARG A CG  1 
ATOM   507 C CD  A ARG A 1 67 ? -1.329  -12.414 9.888   0.49 24.09 ? 96  ARG A CD  1 
ATOM   508 C CD  B ARG A 1 67 ? -1.566  -12.613 9.763   0.51 24.26 ? 96  ARG A CD  1 
ATOM   509 N NE  A ARG A 1 67 ? -0.219  -11.589 10.361  0.49 27.69 ? 96  ARG A NE  1 
ATOM   510 N NE  B ARG A 1 67 ? -1.937  -13.839 10.459  0.51 27.25 ? 96  ARG A NE  1 
ATOM   511 C CZ  A ARG A 1 67 ? 0.695   -11.022 9.575   0.49 30.75 ? 96  ARG A CZ  1 
ATOM   512 C CZ  B ARG A 1 67 ? -2.370  -14.947 9.861   0.51 30.24 ? 96  ARG A CZ  1 
ATOM   513 N NH1 A ARG A 1 67 ? 1.669   -10.309 10.114  0.49 31.72 ? 96  ARG A NH1 1 
ATOM   514 N NH1 B ARG A 1 67 ? -2.689  -16.008 10.592  0.51 30.96 ? 96  ARG A NH1 1 
ATOM   515 N NH2 A ARG A 1 67 ? 0.632   -11.155 8.254   0.49 31.22 ? 96  ARG A NH2 1 
ATOM   516 N NH2 B ARG A 1 67 ? -2.492  -14.995 8.543   0.51 31.27 ? 96  ARG A NH2 1 
ATOM   517 N N   . GLN A 1 68 ? -4.543  -8.782  12.713  1.00 14.94 ? 97  GLN A N   1 
ATOM   518 C CA  . GLN A 1 68 ? -4.967  -8.290  14.030  1.00 14.93 ? 97  GLN A CA  1 
ATOM   519 C C   . GLN A 1 68 ? -6.489  -8.122  14.086  1.00 13.91 ? 97  GLN A C   1 
ATOM   520 O O   . GLN A 1 68 ? -7.138  -8.494  15.082  1.00 14.98 ? 97  GLN A O   1 
ATOM   521 C CB  . GLN A 1 68 ? -4.302  -6.941  14.349  1.00 19.85 ? 97  GLN A CB  1 
ATOM   522 C CG  . GLN A 1 68 ? -2.768  -6.897  14.310  1.00 28.92 ? 97  GLN A CG  1 
ATOM   523 C CD  . GLN A 1 68 ? -2.206  -5.438  14.239  1.00 35.76 ? 97  GLN A CD  1 
ATOM   524 O OE1 . GLN A 1 68 ? -2.967  -4.443  14.322  1.00 38.16 ? 97  GLN A OE1 1 
ATOM   525 N NE2 . GLN A 1 68 ? -0.874  -5.318  14.101  1.00 37.87 ? 97  GLN A NE2 1 
ATOM   526 N N   . LYS A 1 69 ? -7.081  -7.589  13.009  1.00 14.32 ? 98  LYS A N   1 
ATOM   527 C CA  . LYS A 1 69 ? -8.533  -7.357  12.998  1.00 13.88 ? 98  LYS A CA  1 
ATOM   528 C C   . LYS A 1 69 ? -9.322  -8.650  13.039  1.00 15.35 ? 98  LYS A C   1 
ATOM   529 O O   . LYS A 1 69 ? -10.502 -8.637  13.415  1.00 19.07 ? 98  LYS A O   1 
ATOM   530 C CB  . LYS A 1 69 ? -8.971  -6.585  11.750  1.00 16.48 ? 98  LYS A CB  1 
ATOM   531 C CG  . LYS A 1 69 ? -8.350  -5.219  11.632  1.00 20.17 ? 98  LYS A CG  1 
ATOM   532 C CD  . LYS A 1 69 ? -8.495  -4.650  10.237  1.00 26.15 ? 98  LYS A CD  1 
ATOM   533 C CE  . LYS A 1 69 ? -9.848  -4.099  9.998   1.00 28.07 ? 98  LYS A CE  1 
ATOM   534 N NZ  . LYS A 1 69 ? -10.142 -2.925  10.872  1.00 29.13 ? 98  LYS A NZ  1 
ATOM   535 N N   . LYS A 1 70 ? -8.692  -9.764  12.696  1.00 14.33 ? 99  LYS A N   1 
ATOM   536 C CA  . LYS A 1 70 ? -9.356  -11.062 12.719  1.00 12.58 ? 99  LYS A CA  1 
ATOM   537 C C   . LYS A 1 70 ? -9.149  -11.836 14.011  1.00 14.48 ? 99  LYS A C   1 
ATOM   538 O O   . LYS A 1 70 ? -9.643  -12.967 14.136  1.00 17.18 ? 99  LYS A O   1 
ATOM   539 C CB  . LYS A 1 70 ? -8.826  -11.861 11.532  1.00 12.96 ? 99  LYS A CB  1 
ATOM   540 C CG  . LYS A 1 70 ? -9.374  -11.321 10.228  1.00 16.19 ? 99  LYS A CG  1 
ATOM   541 C CD  . LYS A 1 70 ? -8.617  -11.880 9.058   1.00 18.60 ? 99  LYS A CD  1 
ATOM   542 C CE  . LYS A 1 70 ? -9.027  -11.112 7.823   1.00 21.50 ? 99  LYS A CE  1 
ATOM   543 N NZ  . LYS A 1 70 ? -8.536  -11.721 6.600   1.00 25.59 ? 99  LYS A NZ  1 
ATOM   544 N N   . ARG A 1 71 ? -8.467  -11.267 14.992  1.00 14.72 ? 100 ARG A N   1 
ATOM   545 C CA  . ARG A 1 71 ? -8.356  -11.930 16.277  1.00 15.63 ? 100 ARG A CA  1 
ATOM   546 C C   . ARG A 1 71 ? -9.571  -11.585 17.145  1.00 15.10 ? 100 ARG A C   1 
ATOM   547 O O   . ARG A 1 71 ? -10.297 -10.622 16.881  1.00 17.13 ? 100 ARG A O   1 
ATOM   548 C CB  . ARG A 1 71 ? -7.054  -11.520 16.958  1.00 17.58 ? 100 ARG A CB  1 
ATOM   549 C CG  . ARG A 1 71 ? -5.838  -11.982 16.179  1.00 21.48 ? 100 ARG A CG  1 
ATOM   550 C CD  . ARG A 1 71 ? -4.548  -11.455 16.790  1.00 25.71 ? 100 ARG A CD  1 
ATOM   551 N NE  . ARG A 1 71 ? -4.460  -11.766 18.216  1.00 30.56 ? 100 ARG A NE  1 
ATOM   552 C CZ  . ARG A 1 71 ? -3.885  -12.872 18.707  1.00 35.03 ? 100 ARG A CZ  1 
ATOM   553 N NH1 . ARG A 1 71 ? -3.361  -13.772 17.884  1.00 36.45 ? 100 ARG A NH1 1 
ATOM   554 N NH2 . ARG A 1 71 ? -3.840  -13.089 20.019  1.00 36.18 ? 100 ARG A NH2 1 
ATOM   555 N N   . PHE A 1 72 ? -9.798  -12.395 18.177  1.00 13.77 ? 101 PHE A N   1 
ATOM   556 C CA  . PHE A 1 72 ? -10.981 -12.191 19.016  1.00 14.02 ? 101 PHE A CA  1 
ATOM   557 C C   . PHE A 1 72 ? -11.058 -10.764 19.550  1.00 18.29 ? 101 PHE A C   1 
ATOM   558 O O   . PHE A 1 72 ? -12.108 -10.116 19.485  1.00 20.15 ? 101 PHE A O   1 
ATOM   559 C CB  . PHE A 1 72 ? -10.987 -13.195 20.179  1.00 14.27 ? 101 PHE A CB  1 
ATOM   560 C CG  . PHE A 1 72 ? -12.176 -13.028 21.081  1.00 15.76 ? 101 PHE A CG  1 
ATOM   561 C CD1 . PHE A 1 72 ? -13.417 -13.429 20.627  1.00 14.85 ? 101 PHE A CD1 1 
ATOM   562 C CD2 . PHE A 1 72 ? -12.078 -12.425 22.322  1.00 19.86 ? 101 PHE A CD2 1 
ATOM   563 C CE1 . PHE A 1 72 ? -14.576 -13.246 21.390  1.00 16.01 ? 101 PHE A CE1 1 
ATOM   564 C CE2 . PHE A 1 72 ? -13.220 -12.253 23.105  1.00 20.09 ? 101 PHE A CE2 1 
ATOM   565 C CZ  . PHE A 1 72 ? -14.479 -12.675 22.631  1.00 19.04 ? 101 PHE A CZ  1 
ATOM   566 N N   . ASN A 1 73 ? -9.957  -10.255 20.094  1.00 22.13 ? 102 ASN A N   1 
ATOM   567 C CA  . ASN A 1 73 ? -10.002 -8.918  20.661  1.00 26.88 ? 102 ASN A CA  1 
ATOM   568 C C   . ASN A 1 73 ? -9.634  -7.827  19.666  1.00 27.90 ? 102 ASN A C   1 
ATOM   569 O O   . ASN A 1 73 ? -9.263  -6.727  20.090  1.00 30.26 ? 102 ASN A O   1 
ATOM   570 C CB  . ASN A 1 73 ? -9.199  -8.836  21.959  1.00 32.79 ? 102 ASN A CB  1 
ATOM   571 C CG  . ASN A 1 73 ? -10.037 -9.218  23.191  1.00 38.10 ? 102 ASN A CG  1 
ATOM   572 O OD1 . ASN A 1 73 ? -9.683  -10.138 23.930  1.00 41.19 ? 102 ASN A OD1 1 
ATOM   573 N ND2 . ASN A 1 73 ? -11.151 -8.517  23.403  1.00 40.22 ? 102 ASN A ND2 1 
ATOM   574 N N   . GLY A 1 74 ? -9.775  -8.082  18.367  1.00 26.78 ? 103 GLY A N   1 
ATOM   575 C CA  . GLY A 1 74 ? -9.385  -7.131  17.333  1.00 29.91 ? 103 GLY A CA  1 
ATOM   576 C C   . GLY A 1 74 ? -10.499 -6.242  16.797  1.00 33.71 ? 103 GLY A C   1 
ATOM   577 O O   . GLY A 1 74 ? -11.647 -6.286  17.278  1.00 35.46 ? 103 GLY A O   1 
HETATM 578 S S   . SO4 B 2 .  ? -2.011  -14.485 13.847  1.00 59.56 ? 201 SO4 A S   1 
HETATM 579 O O1  . SO4 B 2 .  ? -2.784  -13.752 14.848  1.00 59.52 ? 201 SO4 A O1  1 
HETATM 580 O O2  . SO4 B 2 .  ? -2.922  -15.048 12.847  1.00 59.27 ? 201 SO4 A O2  1 
HETATM 581 O O3  . SO4 B 2 .  ? -1.081  -13.553 13.209  1.00 60.51 ? 201 SO4 A O3  1 
HETATM 582 O O4  . SO4 B 2 .  ? -1.251  -15.564 14.480  1.00 59.69 ? 201 SO4 A O4  1 
HETATM 583 C C   . ACE C 3 .  ? -8.499  0.363   9.647   1.00 42.36 ? 202 ACE A C   1 
HETATM 584 O O   . ACE C 3 .  ? -8.822  -0.632  9.003   1.00 42.49 ? 202 ACE A O   1 
HETATM 585 C CH3 . ACE C 3 .  ? -8.618  0.403   11.140  1.00 42.79 ? 202 ACE A CH3 1 
HETATM 586 C C   . ACE D 3 .  ? -4.580  -9.730  21.093  1.00 45.88 ? 203 ACE A C   1 
HETATM 587 O O   . ACE D 3 .  ? -5.399  -10.179 20.284  1.00 46.84 ? 203 ACE A O   1 
HETATM 588 C CH3 . ACE D 3 .  ? -4.949  -9.440  22.510  1.00 46.31 ? 203 ACE A CH3 1 
HETATM 589 C C   . ACE E 3 .  ? -2.423  -1.908  -11.223 1.00 45.85 ? 204 ACE A C   1 
HETATM 590 O O   . ACE E 3 .  ? -3.413  -1.624  -10.554 1.00 46.58 ? 204 ACE A O   1 
HETATM 591 C CH3 . ACE E 3 .  ? -1.070  -1.356  -10.904 1.00 45.22 ? 204 ACE A CH3 1 
HETATM 592 O O   . HOH F 4 .  ? 1.845   -7.793  0.889   1.00 26.35 ? 301 HOH A O   1 
HETATM 593 O O   . HOH F 4 .  ? 9.530   -7.384  -14.030 1.00 32.71 ? 302 HOH A O   1 
HETATM 594 O O   . HOH F 4 .  ? -0.204  -15.885 16.878  1.00 36.11 ? 303 HOH A O   1 
HETATM 595 O O   . HOH F 4 .  ? -13.007 -4.385  -2.052  1.00 20.95 ? 304 HOH A O   1 
HETATM 596 O O   . HOH F 4 .  ? -1.980  -6.088  1.960   1.00 12.57 ? 305 HOH A O   1 
HETATM 597 O O   . HOH F 4 .  ? -5.732  -2.988  7.052   1.00 27.02 ? 306 HOH A O   1 
HETATM 598 O O   . HOH F 4 .  ? 6.522   9.509   -11.481 1.00 23.19 ? 307 HOH A O   1 
HETATM 599 O O   . HOH F 4 .  ? -10.467 -9.108  -0.311  1.00 33.70 ? 308 HOH A O   1 
HETATM 600 O O   . HOH F 4 .  ? -8.860  6.584   -0.996  1.00 14.91 ? 309 HOH A O   1 
HETATM 601 O O   . HOH F 4 .  ? -7.570  -11.763 20.651  1.00 19.15 ? 310 HOH A O   1 
HETATM 602 O O   . HOH F 4 .  ? 11.396  6.880   0.354   1.00 31.51 ? 311 HOH A O   1 
HETATM 603 O O   . HOH F 4 .  ? -9.563  -3.000  6.369   1.00 24.04 ? 312 HOH A O   1 
HETATM 604 O O   . HOH F 4 .  ? 1.924   -7.789  -12.954 1.00 27.64 ? 313 HOH A O   1 
HETATM 605 O O   . HOH F 4 .  ? 12.089  -7.411  4.633   1.00 37.23 ? 314 HOH A O   1 
HETATM 606 O O   . HOH F 4 .  ? 8.520   3.340   -10.594 1.00 23.75 ? 315 HOH A O   1 
HETATM 607 O O   . HOH F 4 .  ? -11.220 -4.791  -0.094  1.00 17.10 ? 316 HOH A O   1 
HETATM 608 O O   . HOH F 4 .  ? -3.900  -7.050  3.557   1.00 14.14 ? 317 HOH A O   1 
HETATM 609 O O   . HOH F 4 .  ? -3.567  -10.661 6.355   1.00 18.56 ? 318 HOH A O   1 
HETATM 610 O O   . HOH F 4 .  ? -10.471 2.566   -8.485  1.00 32.69 ? 319 HOH A O   1 
HETATM 611 O O   . HOH F 4 .  ? -0.518  -11.572 -5.531  1.00 32.13 ? 320 HOH A O   1 
HETATM 612 O O   . HOH F 4 .  ? -2.320  -8.044  -7.277  1.00 22.16 ? 321 HOH A O   1 
HETATM 613 O O   . HOH F 4 .  ? 6.059   1.514   3.840   1.00 25.88 ? 322 HOH A O   1 
HETATM 614 O O   . HOH F 4 .  ? 3.757   10.953  -15.670 1.00 31.69 ? 323 HOH A O   1 
HETATM 615 O O   . HOH F 4 .  ? 3.938   -7.841  -2.665  1.00 18.80 ? 324 HOH A O   1 
HETATM 616 O O   . HOH F 4 .  ? 2.142   4.383   -13.360 1.00 24.60 ? 325 HOH A O   1 
HETATM 617 O O   . HOH F 4 .  ? -5.729  -13.546 12.439  1.00 52.58 ? 326 HOH A O   1 
HETATM 618 O O   . HOH F 4 .  ? 11.616  2.878   -6.769  1.00 23.14 ? 327 HOH A O   1 
HETATM 619 O O   . HOH F 4 .  ? -7.382  8.017   -4.606  1.00 31.78 ? 328 HOH A O   1 
HETATM 620 O O   . HOH F 4 .  ? 6.527   11.105  1.077   1.00 30.35 ? 329 HOH A O   1 
HETATM 621 O O   . HOH F 4 .  ? -7.586  6.480   5.792   1.00 38.55 ? 330 HOH A O   1 
HETATM 622 O O   . HOH F 4 .  ? -9.224  -9.012  5.043   1.00 21.86 ? 331 HOH A O   1 
HETATM 623 O O   . HOH F 4 .  ? 2.773   -9.034  6.923   1.00 28.46 ? 332 HOH A O   1 
HETATM 624 O O   . HOH F 4 .  ? -13.010 -7.110  13.083  1.00 23.95 ? 333 HOH A O   1 
HETATM 625 O O   . HOH F 4 .  ? -10.110 13.875  -3.270  1.00 40.80 ? 334 HOH A O   1 
HETATM 626 O O   . HOH F 4 .  ? -2.882  -8.661  -4.687  1.00 19.26 ? 335 HOH A O   1 
HETATM 627 O O   . HOH F 4 .  ? 3.372   -6.282  -0.530  1.00 15.73 ? 336 HOH A O   1 
HETATM 628 O O   . HOH F 4 .  ? -7.070  1.093   6.522   1.00 23.84 ? 337 HOH A O   1 
HETATM 629 O O   . HOH F 4 .  ? -2.311  3.133   6.081   1.00 33.85 ? 338 HOH A O   1 
HETATM 630 O O   . HOH F 4 .  ? -5.638  -12.277 7.286   1.00 28.41 ? 339 HOH A O   1 
HETATM 631 O O   . HOH F 4 .  ? -13.969 -9.105  21.728  1.00 37.52 ? 340 HOH A O   1 
HETATM 632 O O   . HOH F 4 .  ? 2.480   1.240   6.630   1.00 42.14 ? 341 HOH A O   1 
HETATM 633 O O   . HOH F 4 .  ? -1.777  -12.828 6.310   1.00 30.28 ? 342 HOH A O   1 
HETATM 634 O O   . HOH F 4 .  ? 0.290   0.294   6.107   1.00 34.77 ? 343 HOH A O   1 
HETATM 635 O O   . HOH F 4 .  ? 14.294  -1.599  4.053   1.00 28.86 ? 344 HOH A O   1 
HETATM 636 O O   . HOH F 4 .  ? -7.074  -10.113 3.988   1.00 31.89 ? 345 HOH A O   1 
HETATM 637 O O   . HOH F 4 .  ? 2.235   7.290   -13.554 1.00 37.80 ? 346 HOH A O   1 
HETATM 638 O O   . HOH F 4 .  ? -0.604  -0.714  8.035   1.00 42.14 ? 347 HOH A O   1 
HETATM 639 O O   . HOH F 4 .  ? -14.312 -4.679  -4.564  1.00 35.29 ? 348 HOH A O   1 
HETATM 640 O O   . HOH F 4 .  ? -4.549  -9.646  3.979   1.00 18.34 ? 349 HOH A O   1 
HETATM 641 O O   . HOH F 4 .  ? -3.626  -11.342 2.083   1.00 39.60 ? 350 HOH A O   1 
# 
loop_
_atom_site_anisotrop.id 
_atom_site_anisotrop.type_symbol 
_atom_site_anisotrop.pdbx_label_atom_id 
_atom_site_anisotrop.pdbx_label_alt_id 
_atom_site_anisotrop.pdbx_label_comp_id 
_atom_site_anisotrop.pdbx_label_asym_id 
_atom_site_anisotrop.pdbx_label_seq_id 
_atom_site_anisotrop.pdbx_PDB_ins_code 
_atom_site_anisotrop.U[1][1] 
_atom_site_anisotrop.U[2][2] 
_atom_site_anisotrop.U[3][3] 
_atom_site_anisotrop.U[1][2] 
_atom_site_anisotrop.U[1][3] 
_atom_site_anisotrop.U[2][3] 
_atom_site_anisotrop.pdbx_auth_seq_id 
_atom_site_anisotrop.pdbx_auth_comp_id 
_atom_site_anisotrop.pdbx_auth_asym_id 
_atom_site_anisotrop.pdbx_auth_atom_id 
1   N N   . TRP A 10 ? 0.4201 0.3615 0.4345 0.0684  -0.0236 -0.0491 39  TRP A N   
2   C CA  . TRP A 10 ? 0.4153 0.3637 0.3768 0.0595  -0.0297 -0.0694 39  TRP A CA  
3   C C   . TRP A 10 ? 0.4128 0.4329 0.3542 0.0587  -0.0493 -0.0945 39  TRP A C   
4   O O   . TRP A 10 ? 0.4078 0.4963 0.2977 0.0465  -0.0658 -0.1302 39  TRP A O   
5   C CB  . TRP A 10 ? 0.4219 0.3523 0.3390 0.0495  -0.0089 -0.0619 39  TRP A CB  
6   C CG  . TRP A 10 ? 0.4265 0.3172 0.2742 0.0397  -0.0079 -0.0733 39  TRP A CG  
7   C CD1 . TRP A 10 ? 0.4272 0.3364 0.2932 0.0386  -0.0077 -0.0799 39  TRP A CD1 
8   C CD2 . TRP A 10 ? 0.4309 0.3212 0.2815 0.0515  0.0076  -0.0403 39  TRP A CD2 
9   N NE1 . TRP A 10 ? 0.4580 0.3343 0.3275 0.0318  0.0331  -0.0322 39  TRP A NE1 
10  C CE2 . TRP A 10 ? 0.4446 0.3306 0.3065 0.0410  0.0303  -0.0250 39  TRP A CE2 
11  C CE3 . TRP A 10 ? 0.4187 0.3368 0.2661 0.0447  0.0130  -0.0613 39  TRP A CE3 
12  C CZ2 . TRP A 10 ? 0.4337 0.3265 0.2609 0.0278  0.0143  -0.0358 39  TRP A CZ2 
13  C CZ3 . TRP A 10 ? 0.4257 0.3461 0.2282 0.0466  0.0054  -0.0764 39  TRP A CZ3 
14  C CH2 . TRP A 10 ? 0.4347 0.3374 0.2492 0.0370  0.0126  -0.0608 39  TRP A CH2 
15  N N   . THR A 11 ? 0.4405 0.4668 0.3539 0.0675  -0.0403 -0.1065 40  THR A N   
16  C CA  . THR A 11 ? 0.4546 0.4995 0.3811 0.0713  -0.0292 -0.0942 40  THR A CA  
17  C C   . THR A 11 ? 0.3797 0.4547 0.3584 0.0523  -0.0525 -0.1167 40  THR A C   
18  O O   . THR A 11 ? 0.3506 0.4776 0.3717 0.0443  -0.0665 -0.1360 40  THR A O   
19  C CB  . THR A 11 ? 0.5295 0.5383 0.4342 0.0817  0.0006  -0.0715 40  THR A CB  
20  O OG1 . THR A 11 ? 0.5720 0.5538 0.4681 0.0912  0.0139  -0.0526 40  THR A OG1 
21  C CG2 . THR A 11 ? 0.5467 0.5677 0.4505 0.0849  0.0102  -0.0653 40  THR A CG2 
22  N N   . PRO A 12 ? 0.3593 0.3877 0.3459 0.0419  -0.0201 -0.0676 41  PRO A N   
23  C CA  . PRO A 12 ? 0.3187 0.3464 0.3438 0.0220  -0.0299 -0.0739 41  PRO A CA  
24  C C   . PRO A 12 ? 0.3111 0.3247 0.3497 0.0204  -0.0292 -0.0910 41  PRO A C   
25  O O   . PRO A 12 ? 0.3397 0.3619 0.3507 0.0194  -0.0115 -0.1117 41  PRO A O   
26  C CB  . PRO A 12 ? 0.3543 0.3189 0.3346 0.0364  -0.0063 -0.0482 41  PRO A CB  
27  C CG  . PRO A 12 ? 0.3670 0.3184 0.3241 0.0308  0.0090  -0.0274 41  PRO A CG  
28  C CD  . PRO A 12 ? 0.3505 0.3249 0.3231 0.0421  -0.0155 -0.0303 41  PRO A CD  
29  N N   . THR A 13 ? 0.2672 0.2606 0.3203 0.0323  -0.0649 -0.0880 42  THR A N   
30  C CA  . THR A 13 ? 0.2681 0.2139 0.3455 0.0245  -0.0679 -0.1038 42  THR A CA  
31  C C   . THR A 13 ? 0.2629 0.1798 0.3450 0.0040  -0.0727 -0.1216 42  THR A C   
32  O O   . THR A 13 ? 0.2259 0.1989 0.3658 -0.0418 -0.0662 -0.1061 42  THR A O   
33  C CB  . THR A 13 ? 0.2649 0.1790 0.3801 0.0131  -0.0745 -0.0633 42  THR A CB  
34  O OG1 . THR A 13 ? 0.2980 0.1651 0.3859 0.0118  -0.0628 -0.0464 42  THR A OG1 
35  C CG2 . THR A 13 ? 0.2760 0.2146 0.4101 0.0082  -0.0483 -0.0424 42  THR A CG2 
36  N N   . THR A 14 ? 0.2881 0.1996 0.3915 0.0143  -0.0594 -0.1435 43  THR A N   
37  C CA  . THR A 14 ? 0.3219 0.2111 0.4125 0.0386  -0.0483 -0.1524 43  THR A CA  
38  C C   . THR A 14 ? 0.2854 0.1953 0.3940 0.0158  -0.0421 -0.1414 43  THR A C   
39  O O   . THR A 14 ? 0.2451 0.1958 0.3794 -0.0172 -0.0178 -0.1291 43  THR A O   
40  C CB  . THR A 14 ? 0.3859 0.2790 0.4711 0.0783  -0.0275 -0.1401 43  THR A CB  
41  O OG1 . THR A 14 ? 0.4413 0.3480 0.5391 0.0956  0.0018  -0.1140 43  THR A OG1 
42  C CG2 . THR A 14 ? 0.3487 0.3102 0.4221 0.0611  -0.0599 -0.1968 43  THR A CG2 
43  N N   . GLU A 15 ? 0.2393 0.1534 0.3858 0.0273  -0.0671 -0.1029 44  GLU A N   
44  C CA  . GLU A 15 ? 0.2506 0.1660 0.3765 0.0367  -0.0630 -0.0479 44  GLU A CA  
45  C C   . GLU A 15 ? 0.1850 0.1080 0.2944 -0.0220 -0.0409 -0.0127 44  GLU A C   
46  O O   . GLU A 15 ? 0.1588 0.1340 0.2722 -0.0221 -0.0359 -0.0101 44  GLU A O   
47  C CB  . GLU A 15 ? 0.3213 0.3198 0.4577 0.0199  -0.0583 -0.0490 44  GLU A CB  
48  C CG  . GLU A 15 ? 0.4160 0.4660 0.5897 0.0307  -0.0357 -0.0188 44  GLU A CG  
49  C CD  . GLU A 15 ? 0.5170 0.5957 0.6853 0.0441  -0.0253 -0.0177 44  GLU A CD  
50  O OE1 . GLU A 15 ? 0.5658 0.6590 0.7194 0.0321  -0.0286 -0.0112 44  GLU A OE1 
51  O OE2 . GLU A 15 ? 0.5393 0.6156 0.7169 0.0506  -0.0261 -0.0304 44  GLU A OE2 
52  N N   . GLN A 16 ? 0.1759 0.1055 0.2306 -0.0321 -0.0288 0.0288  45  GLN A N   
53  C CA  . GLN A 16 ? 0.1362 0.0994 0.2107 -0.0154 -0.0274 0.0251  45  GLN A CA  
54  C C   . GLN A 16 ? 0.1522 0.1134 0.1802 -0.0312 -0.0155 -0.0263 45  GLN A C   
55  O O   . GLN A 16 ? 0.1734 0.1134 0.1450 -0.0355 0.0201  -0.0247 45  GLN A O   
56  C CB  . GLN A 16 ? 0.1050 0.1277 0.2098 -0.0444 -0.0302 0.0200  45  GLN A CB  
57  C CG  . GLN A 16 ? 0.1245 0.1089 0.2265 -0.0544 -0.0297 0.0135  45  GLN A CG  
58  C CD  . GLN A 16 ? 0.1387 0.1446 0.2182 -0.0471 -0.0289 0.0210  45  GLN A CD  
59  O OE1 . GLN A 16 ? 0.1716 0.1673 0.2257 -0.0391 -0.0281 0.0168  45  GLN A OE1 
60  N NE2 . GLN A 16 ? 0.1654 0.0867 0.2244 -0.0537 0.0031  0.0211  45  GLN A NE2 
61  N N   . ILE A 17 ? 0.1683 0.1454 0.1434 -0.0412 -0.0007 -0.0110 46  ILE A N   
62  C CA  . ILE A 17 ? 0.1909 0.1945 0.1248 -0.0512 0.0096  -0.0317 46  ILE A CA  
63  C C   . ILE A 17 ? 0.2160 0.1214 0.1418 -0.0082 0.0092  -0.0209 46  ILE A C   
64  O O   . ILE A 17 ? 0.2040 0.1048 0.1613 -0.0327 0.0191  -0.0019 46  ILE A O   
65  C CB  . ILE A 17 ? 0.2504 0.3011 0.1409 -0.0651 0.0164  -0.0713 46  ILE A CB  
66  C CG1 . ILE A 17 ? 0.2757 0.3889 0.1958 -0.0633 0.0191  -0.1091 46  ILE A CG1 
67  C CG2 . ILE A 17 ? 0.2752 0.3365 0.1551 -0.0474 0.0212  -0.0616 46  ILE A CG2 
68  C CD1 . ILE A 17 ? 0.2864 0.4554 0.2307 -0.0708 0.0374  -0.1030 46  ILE A CD1 
69  N N   . LYS A 18 ? 0.2401 0.1279 0.1758 0.0117  0.0305  -0.0192 47  LYS A N   
70  C CA  . LYS A 18 ? 0.2265 0.1322 0.1964 0.0217  0.0132  -0.0229 47  LYS A CA  
71  C C   . LYS A 18 ? 0.1694 0.0896 0.1449 -0.0111 0.0033  -0.0002 47  LYS A C   
72  O O   . LYS A 18 ? 0.1404 0.1164 0.1694 -0.0241 -0.0053 0.0142  47  LYS A O   
73  C CB  . LYS A 18 ? 0.2787 0.1705 0.3109 0.0665  0.0108  -0.0540 47  LYS A CB  
74  C CG  . LYS A 18 ? 0.3450 0.2634 0.3982 0.0796  0.0180  -0.0647 47  LYS A CG  
75  C CD  . LYS A 18 ? 0.3865 0.3860 0.4627 0.0975  0.0234  -0.0448 47  LYS A CD  
76  C CE  . LYS A 18 ? 0.4112 0.4458 0.4983 0.1123  0.0275  -0.0165 47  LYS A CE  
77  N NZ  . LYS A 18 ? 0.4326 0.4891 0.5173 0.1247  0.0300  -0.0190 47  LYS A NZ  
78  N N   . ILE A 19 ? 0.1546 0.1134 0.1204 0.0044  -0.0198 -0.0069 48  ILE A N   
79  C CA  . ILE A 19 ? 0.1493 0.1131 0.0956 -0.0366 0.0183  0.0167  48  ILE A CA  
80  C C   . ILE A 19 ? 0.1216 0.1176 0.1183 -0.0376 0.0075  0.0117  48  ILE A C   
81  O O   . ILE A 19 ? 0.1319 0.1206 0.1140 -0.0226 -0.0224 0.0060  48  ILE A O   
82  C CB  . ILE A 19 ? 0.1820 0.0862 0.1254 -0.0249 0.0318  0.0411  48  ILE A CB  
83  C CG1 . ILE A 19 ? 0.2066 0.1174 0.1488 -0.0287 0.0245  0.0679  48  ILE A CG1 
84  C CG2 . ILE A 19 ? 0.2098 0.0832 0.1301 -0.0218 0.0129  -0.0192 48  ILE A CG2 
85  C CD1 . ILE A 19 ? 0.2520 0.1620 0.1312 -0.0029 0.0337  0.0475  48  ILE A CD1 
86  N N   . LEU A 20 ? 0.1217 0.1096 0.1269 -0.0139 0.0074  0.0315  49  LEU A N   
87  C CA  . LEU A 20 ? 0.0882 0.1030 0.1126 -0.0146 -0.0252 0.0281  49  LEU A CA  
88  C C   . LEU A 20 ? 0.1122 0.0996 0.1085 -0.0436 -0.0153 -0.0072 49  LEU A C   
89  O O   . LEU A 20 ? 0.1295 0.1016 0.1159 -0.0461 -0.0066 -0.0064 49  LEU A O   
90  C CB  . LEU A 20 ? 0.1215 0.1173 0.1499 -0.0099 -0.0273 -0.0358 49  LEU A CB  
91  C CG  . LEU A 20 ? 0.1402 0.1061 0.1355 -0.0350 -0.0158 -0.0276 49  LEU A CG  
92  C CD1 . LEU A 20 ? 0.1186 0.1590 0.1537 -0.0243 -0.0548 -0.0518 49  LEU A CD1 
93  C CD2 . LEU A 20 ? 0.1774 0.0696 0.1524 -0.0270 0.0248  -0.0319 49  LEU A CD2 
94  N N   . LYS A 21 ? 0.1461 0.1169 0.0917 -0.0456 0.0147  0.0225  50  LYS A N   
95  C CA  . LYS A 21 ? 0.1359 0.1571 0.0938 -0.0344 0.0119  -0.0052 50  LYS A CA  
96  C C   . LYS A 21 ? 0.1453 0.0749 0.1427 -0.0094 -0.0009 0.0213  50  LYS A C   
97  O O   . LYS A 21 ? 0.1703 0.1036 0.1323 -0.0286 0.0150  -0.0054 50  LYS A O   
98  C CB  . LYS A 21 ? 0.1793 0.2095 0.1349 -0.0357 0.0231  -0.0369 50  LYS A CB  
99  C CG  . LYS A 21 ? 0.2154 0.3070 0.1702 -0.0356 0.0248  -0.0972 50  LYS A CG  
100 C CD  . LYS A 21 ? 0.2487 0.4073 0.2031 -0.0741 0.0345  -0.1412 50  LYS A CD  
101 C CE  . LYS A 21 ? 0.2869 0.4634 0.2137 -0.0732 0.0582  -0.1486 50  LYS A CE  
102 N NZ  . LYS A 21 ? 0.2820 0.4817 0.2575 -0.0694 0.1096  -0.1369 50  LYS A NZ  
103 N N   . GLU A 22 ? 0.1407 0.1513 0.1379 -0.0130 -0.0197 0.0061  51  GLU A N   
104 C CA  . GLU A 22 ? 0.1818 0.1401 0.1212 -0.0100 -0.0303 0.0099  51  GLU A CA  
105 C C   . GLU A 22 ? 0.1400 0.1066 0.1101 -0.0283 -0.0446 0.0041  51  GLU A C   
106 O O   . GLU A 22 ? 0.1255 0.1231 0.1316 -0.0367 -0.0533 0.0121  51  GLU A O   
107 C CB  . GLU A 22 ? 0.1906 0.1543 0.1746 -0.0044 -0.0425 0.0315  51  GLU A CB  
108 C CG  . GLU A 22 ? 0.1884 0.1921 0.2427 0.0158  -0.0636 0.0670  51  GLU A CG  
109 C CD  . GLU A 22 ? 0.2251 0.2549 0.3167 0.0192  -0.0378 0.0677  51  GLU A CD  
110 O OE1 . GLU A 22 ? 0.2392 0.2331 0.3160 0.0340  -0.0110 0.0964  51  GLU A OE1 
111 O OE2 . GLU A 22 ? 0.2648 0.3055 0.3232 0.0044  -0.0320 0.0514  51  GLU A OE2 
112 N N   . LEU A 23 ? 0.1670 0.1042 0.0930 -0.0108 -0.0032 0.0037  52  LEU A N   
113 C CA  . LEU A 23 ? 0.1398 0.0894 0.1356 -0.0171 0.0304  0.0407  52  LEU A CA  
114 C C   . LEU A 23 ? 0.1173 0.1162 0.1066 -0.0263 -0.0092 -0.0244 52  LEU A C   
115 O O   . LEU A 23 ? 0.1661 0.1112 0.0955 -0.0203 0.0254  -0.0119 52  LEU A O   
116 C CB  . LEU A 23 ? 0.1403 0.1258 0.1278 -0.0349 0.0535  0.0193  52  LEU A CB  
117 C CG  . LEU A 23 ? 0.1537 0.1390 0.1246 -0.0417 0.0396  0.0030  52  LEU A CG  
118 C CD1 . LEU A 23 ? 0.1105 0.1884 0.2201 -0.0166 0.0480  0.0061  52  LEU A CD1 
119 C CD2 . LEU A 23 ? 0.2339 0.1972 0.1082 -0.0594 0.0592  -0.0209 52  LEU A CD2 
120 N N   . TYR A 24 ? 0.1077 0.0936 0.0956 0.0112  -0.0381 0.0197  53  TYR A N   
121 C CA  . TYR A 24 ? 0.1158 0.1052 0.0972 0.0073  -0.0504 0.0001  53  TYR A CA  
122 C C   . TYR A 24 ? 0.1113 0.0888 0.1231 -0.0157 -0.0303 -0.0309 53  TYR A C   
123 O O   . TYR A 24 ? 0.1089 0.0917 0.1641 -0.0288 -0.0125 -0.0475 53  TYR A O   
124 C CB  . TYR A 24 ? 0.1443 0.1312 0.0894 0.0017  -0.0504 0.0249  53  TYR A CB  
125 C CG  . TYR A 24 ? 0.1270 0.1124 0.0994 -0.0071 -0.0307 0.0389  53  TYR A CG  
126 C CD1 . TYR A 24 ? 0.1531 0.0779 0.1361 0.0193  0.0018  0.0191  53  TYR A CD1 
127 C CD2 . TYR A 24 ? 0.1290 0.1715 0.1383 0.0122  0.0003  0.0573  53  TYR A CD2 
128 C CE1 . TYR A 24 ? 0.1406 0.1473 0.1271 0.0172  0.0215  0.0572  53  TYR A CE1 
129 C CE2 . TYR A 24 ? 0.1414 0.1828 0.1464 0.0282  0.0126  0.0866  53  TYR A CE2 
130 C CZ  . TYR A 24 ? 0.1586 0.1338 0.1124 0.0169  0.0201  0.0702  53  TYR A CZ  
131 O OH  . TYR A 24 ? 0.2067 0.1556 0.1291 0.0433  0.0183  0.0592  53  TYR A OH  
132 N N   . TYR A 25 ? 0.0908 0.1002 0.1424 -0.0058 -0.0157 0.0034  54  TYR A N   
133 C CA  . TYR A 25 ? 0.0726 0.1332 0.1564 0.0055  -0.0064 0.0144  54  TYR A CA  
134 C C   . TYR A 25 ? 0.0620 0.1662 0.1634 -0.0048 -0.0310 0.0139  54  TYR A C   
135 O O   . TYR A 25 ? 0.0951 0.2072 0.1894 -0.0096 -0.0298 0.0216  54  TYR A O   
136 C CB  . TYR A 25 ? 0.1054 0.1235 0.1262 0.0129  -0.0089 0.0075  54  TYR A CB  
137 C CG  . TYR A 25 ? 0.1046 0.1630 0.1394 -0.0180 0.0191  0.0214  54  TYR A CG  
138 C CD1 . TYR A 25 ? 0.1039 0.1620 0.1299 0.0058  0.0082  0.0459  54  TYR A CD1 
139 C CD2 . TYR A 25 ? 0.1167 0.2054 0.1370 -0.0249 0.0116  -0.0158 54  TYR A CD2 
140 C CE1 . TYR A 25 ? 0.1028 0.1699 0.1412 0.0180  -0.0323 -0.0105 54  TYR A CE1 
141 C CE2 . TYR A 25 ? 0.1481 0.1520 0.1492 0.0014  -0.0025 -0.0216 54  TYR A CE2 
142 C CZ  . TYR A 25 ? 0.1563 0.1787 0.1305 0.0120  -0.0214 -0.0196 54  TYR A CZ  
143 O OH  . TYR A 25 ? 0.2066 0.2217 0.1657 0.0360  -0.0133 -0.0435 54  TYR A OH  
144 N N   . ASN A 26 ? 0.1158 0.1698 0.1398 -0.0222 -0.0436 0.0059  55  ASN A N   
145 C CA  . ASN A 26 ? 0.1381 0.1480 0.1690 -0.0193 -0.0499 0.0014  55  ASN A CA  
146 C C   . ASN A 26 ? 0.1711 0.1858 0.2109 -0.0201 -0.0336 -0.0140 55  ASN A C   
147 O O   . ASN A 26 ? 0.1937 0.2059 0.2580 -0.0418 -0.0177 -0.0198 55  ASN A O   
148 C CB  . ASN A 26 ? 0.1497 0.1373 0.1607 -0.0118 -0.0255 0.0145  55  ASN A CB  
149 C CG  . ASN A 26 ? 0.1607 0.1532 0.1286 0.0023  -0.0145 0.0093  55  ASN A CG  
150 O OD1 . ASN A 26 ? 0.1578 0.1606 0.1311 -0.0172 0.0110  -0.0118 55  ASN A OD1 
151 N ND2 . ASN A 26 ? 0.1796 0.1758 0.1572 0.0119  -0.0012 0.0158  55  ASN A ND2 
152 N N   . ASN A 27 ? 0.1829 0.1593 0.1855 -0.0024 -0.0436 -0.0339 56  ASN A N   
153 C CA  . ASN A 27 ? 0.2157 0.1441 0.1511 -0.0029 -0.0440 -0.0339 56  ASN A CA  
154 C C   . ASN A 27 ? 0.1773 0.1542 0.1163 -0.0056 -0.0602 -0.0519 56  ASN A C   
155 O O   . ASN A 27 ? 0.2155 0.1546 0.1168 0.0010  -0.0234 -0.0703 56  ASN A O   
156 C CB  . ASN A 27 ? 0.3027 0.1448 0.1335 0.0080  -0.0108 0.0020  56  ASN A CB  
157 C CG  . ASN A 27 ? 0.3877 0.1825 0.1728 0.0454  -0.0006 0.0068  56  ASN A CG  
158 O OD1 . ASN A 27 ? 0.4100 0.1918 0.2135 0.0266  0.0011  0.0237  56  ASN A OD1 
159 N ND2 . ASN A 27 ? 0.4279 0.2213 0.2182 0.0819  0.0145  0.0310  56  ASN A ND2 
160 N N   . ALA A 28 ? 0.1654 0.1588 0.1120 -0.0074 -0.0692 -0.0194 57  ALA A N   
161 C CA  . ALA A 28 ? 0.1390 0.1726 0.1427 -0.0350 -0.0694 -0.0258 57  ALA A CA  
162 C C   . ALA A 28 ? 0.1404 0.1373 0.1735 -0.0315 -0.0438 -0.0477 57  ALA A C   
163 O O   . ALA A 28 ? 0.2115 0.1485 0.1541 0.0064  -0.0234 -0.0306 57  ALA A O   
164 C CB  . ALA A 28 ? 0.1817 0.1976 0.1485 -0.0431 -0.0683 -0.0558 57  ALA A CB  
165 N N   . ILE A 29 ? 0.0881 0.1436 0.1653 -0.0304 -0.0533 -0.0174 58  ILE A N   
166 C CA  . ILE A 29 ? 0.1204 0.1651 0.1729 0.0203  -0.0384 0.0030  58  ILE A CA  
167 C C   . ILE A 29 ? 0.1548 0.1822 0.1883 0.0260  -0.0324 -0.0060 58  ILE A C   
168 O O   . ILE A 29 ? 0.1776 0.1714 0.1742 0.0202  -0.0385 -0.0145 58  ILE A O   
169 C CB  . ILE A 29 ? 0.1417 0.1610 0.1479 0.0063  -0.0150 0.0062  58  ILE A CB  
170 C CG1 . ILE A 29 ? 0.1738 0.2041 0.1712 0.0347  -0.0162 0.0377  58  ILE A CG1 
171 C CG2 . ILE A 29 ? 0.1128 0.1700 0.1821 -0.0090 -0.0463 0.0025  58  ILE A CG2 
172 C CD1 . ILE A 29 ? 0.2361 0.2275 0.1919 0.0200  0.0206  0.0279  58  ILE A CD1 
173 N N   . ARG A 30 ? 0.1632 0.1566 0.1658 -0.0062 -0.0320 0.0156  59  ARG A N   
174 C CA  . ARG A 30 ? 0.1572 0.1592 0.1901 -0.0202 0.0047  0.0403  59  ARG A CA  
175 C C   . ARG A 30 ? 0.1357 0.1944 0.1531 -0.0070 -0.0094 0.0191  59  ARG A C   
176 O O   . ARG A 30 ? 0.1384 0.2147 0.1534 -0.0095 -0.0127 -0.0045 59  ARG A O   
177 C CB  . ARG A 30 ? 0.1211 0.1684 0.2391 -0.0275 -0.0084 0.0230  59  ARG A CB  
178 C CG  . ARG A 30 ? 0.1315 0.1952 0.2703 -0.0342 0.0008  -0.0186 59  ARG A CG  
179 C CD  . ARG A 30 ? 0.1808 0.1969 0.2654 -0.0008 0.0098  -0.0167 59  ARG A CD  
180 N NE  . ARG A 30 ? 0.1989 0.1886 0.2184 0.0154  0.0041  0.0052  59  ARG A NE  
181 C CZ  . ARG A 30 ? 0.2013 0.1923 0.2080 0.0186  0.0136  -0.0093 59  ARG A CZ  
182 N NH1 . ARG A 30 ? 0.1927 0.1917 0.1852 0.0157  -0.0038 0.0150  59  ARG A NH1 
183 N NH2 . ARG A 30 ? 0.1819 0.2120 0.1915 0.0215  0.0079  -0.0030 59  ARG A NH2 
184 N N   . SER A 31 ? 0.1621 0.1670 0.1901 0.0148  0.0155  0.0325  60  SER A N   
185 C CA  . SER A 31 ? 0.1805 0.1916 0.1854 0.0349  0.0021  0.0090  60  SER A CA  
186 C C   . SER A 31 ? 0.1803 0.1463 0.1652 0.0158  0.0199  0.0146  60  SER A C   
187 O O   . SER A 31 ? 0.1827 0.1977 0.2280 -0.0021 0.0369  0.0082  60  SER A O   
188 C CB  . SER A 31 ? 0.2287 0.2589 0.2858 0.0746  0.0059  0.0095  60  SER A CB  
189 O OG  . SER A 31 ? 0.2971 0.3457 0.3295 0.0761  0.0209  0.0024  60  SER A OG  
190 N N   . PRO A 32 ? 0.1649 0.1680 0.1396 -0.0001 -0.0003 -0.0074 61  PRO A N   
191 C CA  . PRO A 32 ? 0.1478 0.1550 0.1419 -0.0010 0.0045  0.0025  61  PRO A CA  
192 C C   . PRO A 32 ? 0.1414 0.1765 0.1508 0.0074  -0.0055 -0.0246 61  PRO A C   
193 O O   . PRO A 32 ? 0.1438 0.1718 0.1718 -0.0165 -0.0218 -0.0145 61  PRO A O   
194 C CB  . PRO A 32 ? 0.1781 0.1515 0.1501 0.0163  -0.0234 -0.0198 61  PRO A CB  
195 C CG  . PRO A 32 ? 0.2047 0.1415 0.1641 0.0057  -0.0003 -0.0035 61  PRO A CG  
196 C CD  . PRO A 32 ? 0.1670 0.1572 0.1410 -0.0078 -0.0091 -0.0165 61  PRO A CD  
197 N N   . THR A 33 ? 0.1639 0.1570 0.1557 0.0122  0.0208  -0.0045 62  THR A N   
198 C CA  . THR A 33 ? 0.1516 0.1783 0.1376 0.0123  0.0006  -0.0169 62  THR A CA  
199 C C   . THR A 33 ? 0.1326 0.1661 0.1582 0.0219  -0.0049 -0.0131 62  THR A C   
200 O O   . THR A 33 ? 0.1670 0.1569 0.1308 0.0304  0.0047  0.0002  62  THR A O   
201 C CB  . THR A 33 ? 0.1922 0.1753 0.1456 0.0219  -0.0201 -0.0266 62  THR A CB  
202 O OG1 . THR A 33 ? 0.2185 0.1935 0.2031 0.0564  -0.0221 -0.0256 62  THR A OG1 
203 C CG2 . THR A 33 ? 0.1999 0.1883 0.1680 -0.0016 -0.0155 -0.0199 62  THR A CG2 
204 N N   . ALA A 34 ? 0.1240 0.1892 0.2155 0.0165  0.0314  0.0184  63  ALA A N   
205 C CA  . ALA A 34 ? 0.1155 0.1693 0.2362 0.0073  0.0386  0.0457  63  ALA A CA  
206 C C   . ALA A 34 ? 0.1503 0.1416 0.2195 0.0238  0.0380  0.0449  63  ALA A C   
207 O O   . ALA A 34 ? 0.1478 0.1488 0.2318 0.0012  0.0397  0.0235  63  ALA A O   
208 C CB  . ALA A 34 ? 0.1017 0.1922 0.2720 0.0260  0.0579  0.0438  63  ALA A CB  
209 N N   . ASP A 35 ? 0.2125 0.1382 0.2202 0.0523  0.0337  0.0483  64  ASP A N   
210 C CA  . ASP A 35 ? 0.2391 0.1837 0.2169 0.0643  0.0098  0.0204  64  ASP A CA  
211 C C   . ASP A 35 ? 0.1995 0.1800 0.1484 0.0359  -0.0127 0.0020  64  ASP A C   
212 O O   . ASP A 35 ? 0.2271 0.1924 0.1565 0.0376  0.0001  0.0245  64  ASP A O   
213 C CB  . ASP A 35 ? 0.2968 0.2934 0.2534 0.0792  0.0193  0.0158  64  ASP A CB  
214 C CG  . ASP A 35 ? 0.3727 0.3837 0.3371 0.0746  0.0598  0.0070  64  ASP A CG  
215 O OD1 . ASP A 35 ? 0.3631 0.4034 0.3699 0.0700  0.0912  0.0163  64  ASP A OD1 
216 O OD2 . ASP A 35 ? 0.4360 0.4380 0.3472 0.0772  0.0690  -0.0045 64  ASP A OD2 
217 N N   . GLN A 36 ? 0.1734 0.1504 0.1425 0.0199  -0.0081 0.0011  65  GLN A N   
218 C CA  . GLN A 36 ? 0.1611 0.1244 0.1487 -0.0007 -0.0037 -0.0028 65  GLN A CA  
219 C C   . GLN A 36 ? 0.1525 0.1486 0.1129 0.0379  -0.0066 0.0093  65  GLN A C   
220 O O   . GLN A 36 ? 0.1743 0.1076 0.1373 0.0225  -0.0104 0.0265  65  GLN A O   
221 C CB  . GLN A 36 ? 0.1357 0.1593 0.1791 -0.0223 -0.0332 0.0027  65  GLN A CB  
222 C CG  . GLN A 36 ? 0.1519 0.1904 0.1878 -0.0252 -0.0294 -0.0069 65  GLN A CG  
223 C CD  . GLN A 36 ? 0.1785 0.1904 0.1975 -0.0009 -0.0268 -0.0142 65  GLN A CD  
224 O OE1 . GLN A 36 ? 0.1536 0.2427 0.2370 0.0001  -0.0430 -0.0218 65  GLN A OE1 
225 N NE2 . GLN A 36 ? 0.2016 0.2453 0.2472 -0.0262 -0.0266 -0.0522 65  GLN A NE2 
226 N N   . ILE A 37 ? 0.1907 0.1236 0.1073 0.0434  0.0138  0.0288  66  ILE A N   
227 C CA  . ILE A 37 ? 0.1708 0.1121 0.1621 0.0408  -0.0012 0.0382  66  ILE A CA  
228 C C   . ILE A 37 ? 0.1523 0.1122 0.1739 0.0211  0.0167  0.0180  66  ILE A C   
229 O O   . ILE A 37 ? 0.1412 0.1088 0.1897 0.0110  -0.0035 0.0061  66  ILE A O   
230 C CB  . ILE A 37 ? 0.1973 0.1124 0.1807 0.0198  -0.0185 0.0273  66  ILE A CB  
231 C CG1 . ILE A 37 ? 0.2104 0.1455 0.2272 0.0360  -0.0026 0.0363  66  ILE A CG1 
232 C CG2 . ILE A 37 ? 0.2136 0.0989 0.1737 0.0107  -0.0046 -0.0019 66  ILE A CG2 
233 C CD1 . ILE A 37 ? 0.2087 0.2208 0.2834 0.0698  -0.0219 0.0192  66  ILE A CD1 
234 N N   . GLN A 38 ? 0.1620 0.1113 0.1888 0.0275  0.0407  0.0372  67  GLN A N   
235 C CA  . GLN A 38 ? 0.1722 0.1502 0.1777 0.0393  0.0415  0.0622  67  GLN A CA  
236 C C   . GLN A 38 ? 0.1932 0.1806 0.1720 0.0371  0.0236  0.0636  67  GLN A C   
237 O O   . GLN A 38 ? 0.1771 0.1891 0.1895 0.0310  0.0323  0.0526  67  GLN A O   
238 C CB  . GLN A 38 ? 0.2301 0.2330 0.2100 0.0339  0.0579  0.0349  67  GLN A CB  
239 C CG  . GLN A 38 ? 0.2622 0.3154 0.2898 0.0403  0.0540  0.0034  67  GLN A CG  
240 C CD  . GLN A 38 ? 0.2985 0.4171 0.3608 0.0271  0.0692  -0.0385 67  GLN A CD  
241 O OE1 . GLN A 38 ? 0.3321 0.4443 0.3840 0.0422  0.0519  -0.0744 67  GLN A OE1 
242 N NE2 . GLN A 38 ? 0.2696 0.4238 0.3739 0.0277  0.0828  -0.0126 67  GLN A NE2 
243 N N   . LYS A 39 ? 0.1850 0.1984 0.1525 0.0352  -0.0060 0.0494  68  LYS A N   
244 C CA  A LYS A 39 ? 0.1937 0.2196 0.1461 0.0238  -0.0207 0.0206  68  LYS A CA  
245 C CA  B LYS A 39 ? 0.1810 0.2155 0.1500 0.0195  -0.0285 0.0223  68  LYS A CA  
246 C C   . LYS A 39 ? 0.1789 0.1896 0.1454 0.0034  -0.0138 0.0308  68  LYS A C   
247 O O   . LYS A 39 ? 0.1749 0.2094 0.1705 -0.0006 0.0082  0.0601  68  LYS A O   
248 C CB  A LYS A 39 ? 0.2441 0.2723 0.1820 0.0339  -0.0120 0.0066  68  LYS A CB  
249 C CB  B LYS A 39 ? 0.2100 0.2600 0.1941 0.0191  -0.0328 0.0119  68  LYS A CB  
250 C CG  A LYS A 39 ? 0.3144 0.3454 0.2208 0.0480  0.0141  -0.0095 68  LYS A CG  
251 C CG  B LYS A 39 ? 0.2670 0.3257 0.2542 0.0239  -0.0115 -0.0041 68  LYS A CG  
252 C CD  A LYS A 39 ? 0.3762 0.4140 0.2496 0.0547  0.0242  -0.0456 68  LYS A CD  
253 C CD  B LYS A 39 ? 0.3103 0.3930 0.3039 0.0356  0.0069  -0.0111 68  LYS A CD  
254 C CE  A LYS A 39 ? 0.4103 0.4666 0.2721 0.0581  0.0254  -0.0691 68  LYS A CE  
255 C CE  B LYS A 39 ? 0.3415 0.4480 0.3336 0.0399  0.0189  -0.0119 68  LYS A CE  
256 N NZ  A LYS A 39 ? 0.4362 0.5033 0.2849 0.0535  0.0308  -0.0869 68  LYS A NZ  
257 N NZ  B LYS A 39 ? 0.3655 0.4604 0.3517 0.0515  0.0326  -0.0027 68  LYS A NZ  
258 N N   . ILE A 40 ? 0.1658 0.1617 0.1326 -0.0013 -0.0018 0.0224  69  ILE A N   
259 C CA  . ILE A 40 ? 0.1353 0.1122 0.1304 0.0020  0.0120  0.0184  69  ILE A CA  
260 C C   . ILE A 40 ? 0.1315 0.0932 0.1766 0.0379  0.0064  0.0291  69  ILE A C   
261 O O   . ILE A 40 ? 0.1531 0.1016 0.2115 0.0381  0.0202  0.0335  69  ILE A O   
262 C CB  . ILE A 40 ? 0.1332 0.0889 0.1431 0.0044  0.0221  0.0330  69  ILE A CB  
263 C CG1 . ILE A 40 ? 0.1596 0.1088 0.1868 0.0125  0.0188  0.0194  69  ILE A CG1 
264 C CG2 . ILE A 40 ? 0.1575 0.1234 0.1406 0.0214  0.0181  0.0186  69  ILE A CG2 
265 C CD1 . ILE A 40 ? 0.1668 0.1271 0.1810 -0.0064 0.0454  0.0129  69  ILE A CD1 
266 N N   . THR A 41 ? 0.0982 0.1050 0.1646 0.0144  -0.0118 0.0361  70  THR A N   
267 C CA  . THR A 41 ? 0.1055 0.1172 0.1735 0.0040  -0.0022 0.0365  70  THR A CA  
268 C C   . THR A 41 ? 0.1191 0.1266 0.1852 0.0271  0.0022  0.0402  70  THR A C   
269 O O   . THR A 41 ? 0.1388 0.1063 0.2267 0.0180  0.0250  0.0536  70  THR A O   
270 C CB  . THR A 41 ? 0.1149 0.0875 0.2179 0.0076  -0.0284 0.0563  70  THR A CB  
271 O OG1 . THR A 41 ? 0.1733 0.1128 0.2023 0.0204  -0.0323 0.0399  70  THR A OG1 
272 C CG2 . THR A 41 ? 0.0906 0.1609 0.2345 0.0069  -0.0550 0.0402  70  THR A CG2 
273 N N   . ALA A 42 ? 0.1441 0.1250 0.1658 0.0113  0.0193  0.0742  71  ALA A N   
274 C CA  . ALA A 42 ? 0.1560 0.1314 0.2101 0.0345  0.0043  0.0864  71  ALA A CA  
275 C C   . ALA A 42 ? 0.1785 0.1373 0.2359 0.0415  -0.0034 0.0877  71  ALA A C   
276 O O   . ALA A 42 ? 0.2055 0.1543 0.2658 0.0239  0.0065  0.1103  71  ALA A O   
277 C CB  . ALA A 42 ? 0.1664 0.1956 0.2297 0.0039  0.0162  0.0571  71  ALA A CB  
278 N N   . ARG A 43 ? 0.1576 0.1426 0.2116 0.0197  0.0163  0.0861  72  ARG A N   
279 C CA  . ARG A 43 ? 0.1631 0.0972 0.2096 0.0014  0.0243  0.0705  72  ARG A CA  
280 C C   . ARG A 43 ? 0.1791 0.1200 0.2197 0.0038  0.0230  0.0761  72  ARG A C   
281 O O   . ARG A 43 ? 0.1873 0.1560 0.2151 -0.0131 0.0182  0.0799  72  ARG A O   
282 C CB  . ARG A 43 ? 0.1402 0.0963 0.2327 -0.0067 0.0057  0.0603  72  ARG A CB  
283 C CG  . ARG A 43 ? 0.1743 0.1111 0.2503 0.0089  0.0170  0.0588  72  ARG A CG  
284 C CD  . ARG A 43 ? 0.2043 0.1423 0.2716 0.0448  0.0425  0.0942  72  ARG A CD  
285 N NE  . ARG A 43 ? 0.2075 0.1506 0.2693 0.0561  0.0446  0.0973  72  ARG A NE  
286 C CZ  . ARG A 43 ? 0.1692 0.1742 0.3227 0.0041  0.0711  0.0900  72  ARG A CZ  
287 N NH1 . ARG A 43 ? 0.1854 0.2144 0.3681 -0.0030 0.0450  0.0763  72  ARG A NH1 
288 N NH2 . ARG A 43 ? 0.1413 0.2294 0.3330 0.0251  0.0560  0.0654  72  ARG A NH2 
289 N N   . LEU A 44 ? 0.1507 0.1185 0.1760 0.0126  0.0226  0.0653  73  LEU A N   
290 C CA  . LEU A 44 ? 0.1271 0.0949 0.2191 0.0037  0.0205  0.0548  73  LEU A CA  
291 C C   . LEU A 44 ? 0.1376 0.0824 0.2263 0.0261  0.0073  0.0484  73  LEU A C   
292 O O   . LEU A 44 ? 0.1901 0.0950 0.2081 0.0269  0.0248  0.0395  73  LEU A O   
293 C CB  . LEU A 44 ? 0.1106 0.1094 0.2243 0.0173  0.0289  0.0802  73  LEU A CB  
294 C CG  . LEU A 44 ? 0.1693 0.1232 0.2273 -0.0018 0.0426  0.0807  73  LEU A CG  
295 C CD1 . LEU A 44 ? 0.2484 0.1523 0.2216 0.0111  0.0782  0.0868  73  LEU A CD1 
296 C CD2 . LEU A 44 ? 0.1829 0.1760 0.2043 0.0045  0.0159  0.0275  73  LEU A CD2 
297 N N   . ARG A 45 ? 0.1514 0.1025 0.2575 0.0291  0.0181  0.0445  74  ARG A N   
298 C CA  . ARG A 45 ? 0.1952 0.1052 0.2788 0.0093  0.0511  0.0342  74  ARG A CA  
299 C C   . ARG A 45 ? 0.2013 0.1197 0.2544 0.0063  0.0542  0.0426  74  ARG A C   
300 O O   . ARG A 45 ? 0.2314 0.1002 0.3038 -0.0079 0.0548  0.0335  74  ARG A O   
301 C CB  . ARG A 45 ? 0.2277 0.2119 0.3341 0.0072  0.0342  -0.0276 74  ARG A CB  
302 C CG  . ARG A 45 ? 0.3056 0.2530 0.4354 0.0371  0.0641  -0.0292 74  ARG A CG  
303 C CD  . ARG A 45 ? 0.3641 0.3841 0.5103 0.0538  0.0692  -0.0457 74  ARG A CD  
304 N NE  . ARG A 45 ? 0.4164 0.4387 0.5836 0.0857  0.0827  -0.0173 74  ARG A NE  
305 C CZ  . ARG A 45 ? 0.4348 0.4404 0.6266 0.1264  0.0674  0.0173  74  ARG A CZ  
306 N NH1 . ARG A 45 ? 0.4568 0.4610 0.6228 0.1246  0.0709  0.0210  74  ARG A NH1 
307 N NH2 . ARG A 45 ? 0.4165 0.4710 0.6368 0.1174  0.0492  0.0126  74  ARG A NH2 
308 N N   . GLN A 46 ? 0.2110 0.1281 0.2489 0.0285  0.0663  0.0853  75  GLN A N   
309 C CA  . GLN A 46 ? 0.2447 0.1646 0.2793 0.0309  0.0722  0.1099  75  GLN A CA  
310 C C   . GLN A 46 ? 0.2877 0.1635 0.3221 0.0594  0.0927  0.1027  75  GLN A C   
311 O O   . GLN A 46 ? 0.3582 0.1871 0.3734 0.0866  0.1163  0.1047  75  GLN A O   
312 C CB  . GLN A 46 ? 0.2331 0.2733 0.3011 -0.0072 0.0608  0.1144  75  GLN A CB  
313 C CG  . GLN A 46 ? 0.2636 0.3244 0.2727 -0.0259 0.0495  0.1505  75  GLN A CG  
314 C CD  . GLN A 46 ? 0.2926 0.3508 0.3296 -0.0348 0.0650  0.1661  75  GLN A CD  
315 O OE1 . GLN A 46 ? 0.3448 0.3200 0.3402 -0.0273 0.0811  0.1742  75  GLN A OE1 
316 N NE2 . GLN A 46 ? 0.2944 0.3725 0.3682 -0.0046 0.0399  0.1508  75  GLN A NE2 
317 N N   . PHE A 47 ? 0.2586 0.1872 0.2690 0.0617  0.0925  0.0815  76  PHE A N   
318 C CA  . PHE A 47 ? 0.2616 0.1875 0.3067 0.0385  0.0692  0.0641  76  PHE A CA  
319 C C   . PHE A 47 ? 0.2906 0.2116 0.3351 0.0383  0.0512  0.0202  76  PHE A C   
320 O O   . PHE A 47 ? 0.3115 0.3203 0.3739 0.0950  0.0583  -0.0168 76  PHE A O   
321 C CB  . PHE A 47 ? 0.2802 0.1623 0.3324 0.0458  0.0864  0.1036  76  PHE A CB  
322 C CG  . PHE A 47 ? 0.2836 0.1889 0.3627 0.0383  0.0945  0.1277  76  PHE A CG  
323 C CD1 . PHE A 47 ? 0.2889 0.2042 0.4184 0.0482  0.0998  0.1397  76  PHE A CD1 
324 C CD2 . PHE A 47 ? 0.3030 0.2446 0.4072 0.0323  0.1043  0.1411  76  PHE A CD2 
325 C CE1 . PHE A 47 ? 0.2925 0.2698 0.4244 0.0359  0.0994  0.1266  76  PHE A CE1 
326 C CE2 . PHE A 47 ? 0.3232 0.2881 0.4107 0.0422  0.0992  0.1267  76  PHE A CE2 
327 C CZ  . PHE A 47 ? 0.3083 0.2502 0.4284 0.0383  0.0993  0.1369  76  PHE A CZ  
328 N N   . GLY A 48 ? 0.2711 0.1254 0.3517 0.0056  0.0040  0.0125  77  GLY A N   
329 C CA  . GLY A 48 ? 0.2675 0.1330 0.3403 -0.0035 -0.0355 -0.0015 77  GLY A CA  
330 C C   . GLY A 48 ? 0.2696 0.1325 0.3518 -0.0071 -0.0488 -0.0165 77  GLY A C   
331 O O   . GLY A 48 ? 0.2660 0.1192 0.3288 -0.0154 -0.0599 -0.0394 77  GLY A O   
332 N N   . LYS A 49 ? 0.2869 0.1420 0.4051 0.0168  -0.0520 -0.0039 78  LYS A N   
333 C CA  . LYS A 49 ? 0.3181 0.1675 0.4244 0.0410  -0.0414 0.0191  78  LYS A CA  
334 C C   . LYS A 49 ? 0.2793 0.1630 0.3715 0.0284  -0.0114 0.0488  78  LYS A C   
335 O O   . LYS A 49 ? 0.3100 0.1967 0.3556 0.0190  -0.0010 0.0292  78  LYS A O   
336 C CB  . LYS A 49 ? 0.3930 0.2844 0.4812 0.0764  -0.0460 0.0081  78  LYS A CB  
337 C CG  . LYS A 49 ? 0.4562 0.3779 0.5379 0.0951  -0.0340 -0.0085 78  LYS A CG  
338 C CD  . LYS A 49 ? 0.5005 0.4471 0.5995 0.1051  -0.0206 -0.0177 78  LYS A CD  
339 C CE  . LYS A 49 ? 0.5392 0.4843 0.6477 0.1227  -0.0092 -0.0279 78  LYS A CE  
340 N NZ  . LYS A 49 ? 0.5518 0.5054 0.6659 0.1359  -0.0093 -0.0310 78  LYS A NZ  
341 N N   . ILE A 50 ? 0.2261 0.1252 0.3185 0.0252  -0.0192 0.0513  79  ILE A N   
342 C CA  . ILE A 50 ? 0.1982 0.1172 0.2987 -0.0033 0.0098  0.0440  79  ILE A CA  
343 C C   . ILE A 50 ? 0.1835 0.1423 0.2915 0.0066  0.0128  0.0313  79  ILE A C   
344 O O   . ILE A 50 ? 0.2480 0.1560 0.3198 0.0331  0.0807  0.0615  79  ILE A O   
345 C CB  . ILE A 50 ? 0.2211 0.1301 0.3228 0.0165  0.0013  0.0354  79  ILE A CB  
346 C CG1 . ILE A 50 ? 0.2159 0.1378 0.3349 0.0049  0.0138  0.0551  79  ILE A CG1 
347 C CG2 . ILE A 50 ? 0.2327 0.1395 0.3108 0.0186  -0.0075 0.0069  79  ILE A CG2 
348 C CD1 . ILE A 50 ? 0.2478 0.2051 0.3247 0.0207  0.0220  0.0378  79  ILE A CD1 
349 N N   . GLU A 51 ? 0.1788 0.1226 0.2958 0.0103  0.0053  0.0393  80  GLU A N   
350 C CA  . GLU A 51 ? 0.1588 0.0977 0.3353 0.0006  -0.0201 -0.0010 80  GLU A CA  
351 C C   . GLU A 51 ? 0.1855 0.0874 0.2497 0.0142  0.0031  0.0102  80  GLU A C   
352 O O   . GLU A 51 ? 0.1559 0.1405 0.1895 0.0245  -0.0095 0.0272  80  GLU A O   
353 C CB  . GLU A 51 ? 0.1577 0.1409 0.4522 -0.0202 -0.0335 -0.0221 80  GLU A CB  
354 C CG  . GLU A 51 ? 0.2166 0.2593 0.5219 -0.0216 -0.0193 -0.0279 80  GLU A CG  
355 C CD  . GLU A 51 ? 0.2737 0.3855 0.5415 -0.0203 0.0050  -0.0271 80  GLU A CD  
356 O OE1 . GLU A 51 ? 0.3094 0.3729 0.4654 -0.0184 0.0102  -0.0225 80  GLU A OE1 
357 O OE2 . GLU A 51 ? 0.2967 0.4685 0.5964 -0.0060 0.0185  -0.0144 80  GLU A OE2 
358 N N   . GLY A 52 ? 0.1680 0.1000 0.1768 0.0150  -0.0067 0.0294  81  GLY A N   
359 C CA  . GLY A 52 ? 0.1567 0.0870 0.1556 -0.0242 0.0192  0.0148  81  GLY A CA  
360 C C   . GLY A 52 ? 0.0905 0.0758 0.1157 -0.0273 -0.0200 0.0096  81  GLY A C   
361 O O   . GLY A 52 ? 0.1073 0.0901 0.1601 -0.0128 -0.0062 0.0126  81  GLY A O   
362 N N   . LYS A 53 ? 0.0971 0.1066 0.1170 -0.0033 -0.0056 0.0232  82  LYS A N   
363 C CA  . LYS A 53 ? 0.1144 0.1173 0.1293 -0.0057 -0.0072 0.0364  82  LYS A CA  
364 C C   . LYS A 53 ? 0.1203 0.1292 0.1275 -0.0057 0.0109  0.0384  82  LYS A C   
365 O O   . LYS A 53 ? 0.1514 0.1229 0.1361 0.0068  0.0060  0.0429  82  LYS A O   
366 C CB  . LYS A 53 ? 0.1145 0.1328 0.1435 -0.0247 -0.0292 0.0269  82  LYS A CB  
367 C CG  . LYS A 53 ? 0.1428 0.1891 0.1214 -0.0218 -0.0322 -0.0137 82  LYS A CG  
368 C CD  . LYS A 53 ? 0.1727 0.2600 0.1958 -0.0209 -0.0210 -0.0224 82  LYS A CD  
369 C CE  . LYS A 53 ? 0.2015 0.3094 0.2926 -0.0251 -0.0332 -0.0273 82  LYS A CE  
370 N NZ  . LYS A 53 ? 0.2626 0.3749 0.3557 -0.0311 -0.0202 -0.0365 82  LYS A NZ  
371 N N   . ASN A 54 ? 0.1004 0.1288 0.1392 -0.0083 -0.0021 0.0102  83  ASN A N   
372 C CA  . ASN A 54 ? 0.1211 0.1224 0.1763 -0.0062 0.0053  0.0047  83  ASN A CA  
373 C C   . ASN A 54 ? 0.1303 0.1247 0.1258 -0.0273 0.0208  0.0383  83  ASN A C   
374 O O   . ASN A 54 ? 0.1553 0.1618 0.1486 -0.0038 0.0146  0.0202  83  ASN A O   
375 C CB  . ASN A 54 ? 0.1219 0.0949 0.2264 0.0017  -0.0328 -0.0077 83  ASN A CB  
376 C CG  . ASN A 54 ? 0.1743 0.1230 0.2639 0.0050  -0.0408 0.0201  83  ASN A CG  
377 O OD1 . ASN A 54 ? 0.1836 0.1926 0.2972 0.0040  -0.0378 -0.0078 83  ASN A OD1 
378 N ND2 . ASN A 54 ? 0.1850 0.1575 0.2631 0.0316  -0.0743 0.0136  83  ASN A ND2 
379 N N   . VAL A 55 ? 0.1232 0.1204 0.1475 -0.0085 -0.0083 0.0152  84  VAL A N   
380 C CA  . VAL A 55 ? 0.0998 0.1275 0.1441 -0.0128 -0.0169 0.0042  84  VAL A CA  
381 C C   . VAL A 55 ? 0.0851 0.1224 0.1397 0.0072  -0.0064 0.0130  84  VAL A C   
382 O O   . VAL A 55 ? 0.0848 0.1379 0.1791 0.0051  -0.0013 0.0289  84  VAL A O   
383 C CB  . VAL A 55 ? 0.1322 0.1212 0.1481 -0.0263 0.0087  0.0421  84  VAL A CB  
384 C CG1 . VAL A 55 ? 0.1215 0.1192 0.1307 -0.0317 0.0163  0.0315  84  VAL A CG1 
385 C CG2 . VAL A 55 ? 0.1650 0.1480 0.1372 -0.0378 0.0210  0.0606  84  VAL A CG2 
386 N N   . PHE A 56 ? 0.0943 0.0721 0.1617 0.0173  -0.0147 0.0052  85  PHE A N   
387 C CA  . PHE A 56 ? 0.1374 0.0859 0.1405 0.0467  0.0020  0.0412  85  PHE A CA  
388 C C   . PHE A 56 ? 0.1189 0.1578 0.1055 -0.0025 -0.0053 0.0187  85  PHE A C   
389 O O   . PHE A 56 ? 0.1231 0.1561 0.1410 0.0154  0.0041  0.0468  85  PHE A O   
390 C CB  . PHE A 56 ? 0.1068 0.1303 0.1644 0.0529  -0.0289 0.0060  85  PHE A CB  
391 C CG  . PHE A 56 ? 0.1344 0.1233 0.1536 0.0197  0.0053  0.0319  85  PHE A CG  
392 C CD1 . PHE A 56 ? 0.1641 0.1392 0.1482 0.0261  0.0204  0.0821  85  PHE A CD1 
393 C CD2 . PHE A 56 ? 0.1812 0.0838 0.1847 0.0083  0.0428  0.0475  85  PHE A CD2 
394 C CE1 . PHE A 56 ? 0.1491 0.1652 0.1722 0.0215  -0.0158 0.0459  85  PHE A CE1 
395 C CE2 . PHE A 56 ? 0.1903 0.1189 0.1722 0.0168  0.0321  0.0548  85  PHE A CE2 
396 C CZ  . PHE A 56 ? 0.1463 0.1738 0.1762 0.0210  -0.0121 0.0242  85  PHE A CZ  
397 N N   . TYR A 57 ? 0.1074 0.1248 0.0972 -0.0017 -0.0149 0.0188  86  TYR A N   
398 C CA  . TYR A 57 ? 0.1077 0.1387 0.1196 0.0056  -0.0181 0.0242  86  TYR A CA  
399 C C   . TYR A 57 ? 0.0957 0.1069 0.1363 -0.0068 0.0091  0.0341  86  TYR A C   
400 O O   . TYR A 57 ? 0.1187 0.1745 0.1296 -0.0129 0.0211  0.0311  86  TYR A O   
401 C CB  . TYR A 57 ? 0.1143 0.1531 0.1415 0.0000  -0.0301 0.0407  86  TYR A CB  
402 C CG  . TYR A 57 ? 0.1129 0.1511 0.1673 0.0117  -0.0425 0.0579  86  TYR A CG  
403 C CD1 . TYR A 57 ? 0.1489 0.1726 0.2021 0.0500  -0.0366 0.0740  86  TYR A CD1 
404 C CD2 . TYR A 57 ? 0.1535 0.1799 0.1556 0.0013  -0.0373 0.0342  86  TYR A CD2 
405 C CE1 . TYR A 57 ? 0.1678 0.2569 0.1910 0.0286  -0.0119 0.0831  86  TYR A CE1 
406 C CE2 . TYR A 57 ? 0.1553 0.2298 0.1597 0.0233  -0.0593 0.0447  86  TYR A CE2 
407 C CZ  . TYR A 57 ? 0.1503 0.2605 0.1815 0.0394  -0.0443 0.0684  86  TYR A CZ  
408 O OH  . TYR A 57 ? 0.1391 0.2731 0.2143 0.0460  -0.0254 0.0792  86  TYR A OH  
409 N N   . TRP A 58 ? 0.1253 0.1241 0.1309 0.0224  -0.0077 0.0127  87  TRP A N   
410 C CA  . TRP A 58 ? 0.1228 0.1139 0.1289 0.0348  -0.0045 0.0227  87  TRP A CA  
411 C C   . TRP A 58 ? 0.1241 0.1070 0.1220 0.0047  0.0106  0.0121  87  TRP A C   
412 O O   . TRP A 58 ? 0.1527 0.1064 0.1141 -0.0108 0.0070  -0.0019 87  TRP A O   
413 C CB  . TRP A 58 ? 0.1145 0.1191 0.1291 0.0397  -0.0060 0.0254  87  TRP A CB  
414 C CG  . TRP A 58 ? 0.1041 0.1081 0.0842 0.0034  -0.0174 -0.0071 87  TRP A CG  
415 C CD1 . TRP A 58 ? 0.1302 0.1379 0.0958 0.0140  0.0016  -0.0469 87  TRP A CD1 
416 C CD2 . TRP A 58 ? 0.1158 0.1198 0.1119 0.0039  0.0016  0.0065  87  TRP A CD2 
417 N NE1 . TRP A 58 ? 0.1406 0.1361 0.1432 0.0060  0.0094  -0.0293 87  TRP A NE1 
418 C CE2 . TRP A 58 ? 0.1362 0.1211 0.1341 0.0026  -0.0078 -0.0185 87  TRP A CE2 
419 C CE3 . TRP A 58 ? 0.1147 0.1494 0.1442 -0.0030 0.0005  0.0225  87  TRP A CE3 
420 C CZ2 . TRP A 58 ? 0.1657 0.1216 0.1143 0.0023  0.0014  0.0006  87  TRP A CZ2 
421 C CZ3 . TRP A 58 ? 0.1368 0.1183 0.1507 0.0181  0.0042  0.0066  87  TRP A CZ3 
422 C CH2 . TRP A 58 ? 0.1637 0.1289 0.1652 0.0282  0.0001  -0.0019 87  TRP A CH2 
423 N N   . PHE A 59 ? 0.1249 0.0766 0.1202 0.0014  -0.0186 0.0108  88  PHE A N   
424 C CA  . PHE A 59 ? 0.0975 0.0760 0.0786 -0.0008 -0.0434 0.0035  88  PHE A CA  
425 C C   . PHE A 59 ? 0.1310 0.1372 0.1105 0.0200  -0.0209 0.0223  88  PHE A C   
426 O O   . PHE A 59 ? 0.1197 0.1537 0.1323 -0.0159 -0.0071 0.0443  88  PHE A O   
427 C CB  . PHE A 59 ? 0.1400 0.1335 0.0567 0.0118  -0.0293 -0.0088 88  PHE A CB  
428 C CG  . PHE A 59 ? 0.1492 0.1089 0.0650 0.0102  -0.0082 0.0143  88  PHE A CG  
429 C CD1 . PHE A 59 ? 0.1538 0.1151 0.0669 -0.0018 -0.0181 -0.0040 88  PHE A CD1 
430 C CD2 . PHE A 59 ? 0.0930 0.1517 0.1084 -0.0085 -0.0451 -0.0135 88  PHE A CD2 
431 C CE1 . PHE A 59 ? 0.1352 0.1864 0.0992 -0.0055 -0.0116 -0.0081 88  PHE A CE1 
432 C CE2 . PHE A 59 ? 0.1069 0.1536 0.1104 -0.0080 -0.0122 0.0312  88  PHE A CE2 
433 C CZ  . PHE A 59 ? 0.1363 0.1887 0.1218 -0.0112 0.0011  -0.0024 88  PHE A CZ  
434 N N   . GLN A 60 ? 0.1366 0.1241 0.1306 0.0189  -0.0106 0.0377  89  GLN A N   
435 C CA  . GLN A 60 ? 0.1291 0.1730 0.1676 0.0108  0.0029  0.0813  89  GLN A CA  
436 C C   . GLN A 60 ? 0.1199 0.1515 0.1570 -0.0436 -0.0082 0.0490  89  GLN A C   
437 O O   . GLN A 60 ? 0.1188 0.1814 0.2029 -0.0371 0.0104  0.0731  89  GLN A O   
438 C CB  . GLN A 60 ? 0.1300 0.2752 0.2820 0.0271  0.0065  0.1028  89  GLN A CB  
439 C CG  . GLN A 60 ? 0.2137 0.3298 0.3715 0.0457  0.0292  0.1007  89  GLN A CG  
440 C CD  . GLN A 60 ? 0.2654 0.4457 0.4593 0.0525  0.0290  0.0863  89  GLN A CD  
441 O OE1 . GLN A 60 ? 0.2797 0.5218 0.5039 0.0315  0.0368  0.0521  89  GLN A OE1 
442 N NE2 . GLN A 60 ? 0.3228 0.4738 0.4680 0.0842  0.0312  0.0927  89  GLN A NE2 
443 N N   . ASN A 61 ? 0.1333 0.1639 0.1517 -0.0444 -0.0219 0.0231  90  ASN A N   
444 C CA  . ASN A 61 ? 0.1465 0.2114 0.1307 -0.0634 -0.0092 0.0243  90  ASN A CA  
445 C C   . ASN A 61 ? 0.1475 0.1786 0.0947 -0.0448 0.0088  0.0532  90  ASN A C   
446 O O   . ASN A 61 ? 0.1699 0.1965 0.1182 -0.0358 0.0109  0.0536  90  ASN A O   
447 C CB  . ASN A 61 ? 0.1722 0.2377 0.1715 -0.0934 0.0173  0.0155  90  ASN A CB  
448 C CG  . ASN A 61 ? 0.2631 0.3093 0.2687 -0.0713 0.0241  0.0080  90  ASN A CG  
449 O OD1 . ASN A 61 ? 0.2421 0.3505 0.3191 -0.0506 -0.0084 0.0090  90  ASN A OD1 
450 N ND2 . ASN A 61 ? 0.3176 0.3567 0.2931 -0.0759 0.0461  -0.0027 90  ASN A ND2 
451 N N   . HIS A 62 ? 0.1307 0.1919 0.0986 -0.0265 -0.0224 0.0116  91  HIS A N   
452 C CA  . HIS A 62 ? 0.1377 0.1906 0.1160 -0.0207 -0.0122 0.0161  91  HIS A CA  
453 C C   . HIS A 62 ? 0.1329 0.1642 0.1587 -0.0190 0.0049  0.0434  91  HIS A C   
454 O O   . HIS A 62 ? 0.1203 0.1843 0.1716 -0.0101 0.0055  0.0508  91  HIS A O   
455 C CB  . HIS A 62 ? 0.2171 0.1915 0.1161 -0.0064 0.0086  0.0285  91  HIS A CB  
456 C CG  . HIS A 62 ? 0.2960 0.1905 0.1322 0.0364  0.0397  0.0527  91  HIS A CG  
457 N ND1 . HIS A 62 ? 0.3522 0.2194 0.1806 0.0806  0.0585  0.0412  91  HIS A ND1 
458 C CD2 . HIS A 62 ? 0.3469 0.2290 0.1737 0.0508  0.0637  0.0497  91  HIS A CD2 
459 C CE1 . HIS A 62 ? 0.3859 0.2287 0.2107 0.0799  0.0900  0.0841  91  HIS A CE1 
460 N NE2 . HIS A 62 ? 0.3906 0.2188 0.1902 0.0700  0.0905  0.0786  91  HIS A NE2 
461 N N   . LYS A 63 ? 0.1352 0.1379 0.1763 -0.0347 0.0043  0.0543  92  LYS A N   
462 C CA  . LYS A 63 ? 0.1591 0.1544 0.1661 -0.0112 0.0188  0.0134  92  LYS A CA  
463 C C   . LYS A 63 ? 0.1515 0.1754 0.1868 0.0024  -0.0101 0.0193  92  LYS A C   
464 O O   . LYS A 63 ? 0.1305 0.1990 0.2232 -0.0069 -0.0153 0.0511  92  LYS A O   
465 C CB  . LYS A 63 ? 0.1980 0.1936 0.1910 0.0447  0.0394  -0.0040 92  LYS A CB  
466 C CG  . LYS A 63 ? 0.2717 0.2408 0.2406 0.0519  0.0259  -0.0547 92  LYS A CG  
467 C CD  . LYS A 63 ? 0.3445 0.3067 0.3080 0.0766  0.0372  -0.0700 92  LYS A CD  
468 C CE  . LYS A 63 ? 0.3986 0.3630 0.4140 0.0876  0.0659  -0.0779 92  LYS A CE  
469 N NZ  . LYS A 63 ? 0.4127 0.4104 0.4742 0.0936  0.0757  -0.0646 92  LYS A NZ  
470 N N   . ALA A 64 ? 0.1504 0.2165 0.1855 -0.0141 -0.0109 0.0248  93  ALA A N   
471 C CA  . ALA A 64 ? 0.1829 0.2489 0.1972 -0.0484 0.0233  0.0600  93  ALA A CA  
472 C C   . ALA A 64 ? 0.1864 0.2383 0.1788 -0.0172 0.0015  0.0505  93  ALA A C   
473 O O   . ALA A 64 ? 0.1710 0.2647 0.1787 0.0204  -0.0264 0.0691  93  ALA A O   
474 C CB  . ALA A 64 ? 0.1758 0.2631 0.2682 -0.0714 0.0067  0.0335  93  ALA A CB  
475 N N   . ARG A 65 ? 0.1872 0.1722 0.1661 -0.0042 0.0036  0.0505  94  ARG A N   
476 C CA  . ARG A 65 ? 0.2145 0.1604 0.1725 -0.0242 0.0296  0.0681  94  ARG A CA  
477 C C   . ARG A 65 ? 0.1870 0.1635 0.2072 -0.0238 0.0162  0.0584  94  ARG A C   
478 O O   . ARG A 65 ? 0.1839 0.1688 0.2103 -0.0411 0.0242  0.0565  94  ARG A O   
479 C CB  . ARG A 65 ? 0.2889 0.2387 0.1533 -0.0363 0.0544  0.0664  94  ARG A CB  
480 C CG  . ARG A 65 ? 0.3491 0.3990 0.2148 -0.0544 0.0472  -0.0122 94  ARG A CG  
481 C CD  . ARG A 65 ? 0.4038 0.5293 0.2680 -0.0605 0.0521  -0.0674 94  ARG A CD  
482 N NE  . ARG A 65 ? 0.4546 0.6374 0.3494 -0.0580 0.0734  -0.0932 94  ARG A NE  
483 C CZ  . ARG A 65 ? 0.5045 0.6964 0.4368 -0.0392 0.1001  -0.0783 94  ARG A CZ  
484 N NH1 . ARG A 65 ? 0.5169 0.7026 0.4611 -0.0310 0.0950  -0.0508 94  ARG A NH1 
485 N NH2 . ARG A 65 ? 0.5145 0.7230 0.4742 -0.0348 0.1139  -0.0888 94  ARG A NH2 
486 N N   . GLU A 66 ? 0.1664 0.1467 0.1793 -0.0280 0.0176  0.0720  95  GLU A N   
487 C CA  . GLU A 66 ? 0.1614 0.1669 0.1644 -0.0303 -0.0052 0.0539  95  GLU A CA  
488 C C   . GLU A 66 ? 0.1677 0.1903 0.1630 -0.0059 -0.0012 0.0492  95  GLU A C   
489 O O   . GLU A 66 ? 0.1895 0.1333 0.1851 -0.0127 0.0158  0.0355  95  GLU A O   
490 C CB  . GLU A 66 ? 0.2487 0.1571 0.1791 0.0203  0.0240  0.0697  95  GLU A CB  
491 C CG  . GLU A 66 ? 0.2221 0.1652 0.2245 0.0249  0.0245  0.1018  95  GLU A CG  
492 C CD  . GLU A 66 ? 0.1907 0.1976 0.2862 0.0171  0.0095  0.1284  95  GLU A CD  
493 O OE1 . GLU A 66 ? 0.1771 0.3232 0.2811 -0.0291 -0.0042 0.1040  95  GLU A OE1 
494 O OE2 . GLU A 66 ? 0.2013 0.2161 0.3491 0.0489  0.0094  0.0628  95  GLU A OE2 
495 N N   A ARG A 67 ? 0.1877 0.2015 0.1565 -0.0065 0.0070  0.0474  96  ARG A N   
496 N N   B ARG A 67 ? 0.1915 0.2077 0.1508 -0.0108 0.0151  0.0517  96  ARG A N   
497 C CA  A ARG A 67 ? 0.2202 0.1758 0.1561 0.0042  0.0116  0.0517  96  ARG A CA  
498 C CA  B ARG A 67 ? 0.2108 0.1885 0.1604 -0.0042 0.0189  0.0608  96  ARG A CA  
499 C C   A ARG A 67 ? 0.2199 0.1723 0.1595 -0.0073 0.0054  0.0525  96  ARG A C   
500 C C   B ARG A 67 ? 0.2149 0.1798 0.1662 -0.0113 0.0072  0.0547  96  ARG A C   
501 O O   A ARG A 67 ? 0.2504 0.1654 0.1394 0.0038  0.0348  0.0798  96  ARG A O   
502 O O   B ARG A 67 ? 0.2508 0.1728 0.1521 0.0017  0.0374  0.0814  96  ARG A O   
503 C CB  A ARG A 67 ? 0.2540 0.1736 0.1894 0.0328  0.0112  0.0609  96  ARG A CB  
504 C CB  B ARG A 67 ? 0.2424 0.2005 0.1928 0.0188  0.0221  0.0708  96  ARG A CB  
505 C CG  A ARG A 67 ? 0.3152 0.1580 0.2747 0.0477  0.0346  0.0617  96  ARG A CG  
506 C CG  B ARG A 67 ? 0.3005 0.1970 0.2665 0.0188  0.0530  0.0771  96  ARG A CG  
507 C CD  A ARG A 67 ? 0.3471 0.2042 0.3639 0.0688  0.0366  0.0492  96  ARG A CD  
508 C CD  B ARG A 67 ? 0.3361 0.2459 0.3397 0.0324  0.0593  0.0673  96  ARG A CD  
509 N NE  A ARG A 67 ? 0.3687 0.2446 0.4387 0.0960  0.0359  0.0437  96  ARG A NE  
510 N NE  B ARG A 67 ? 0.3630 0.2852 0.3870 0.0452  0.0644  0.0594  96  ARG A NE  
511 C CZ  A ARG A 67 ? 0.3924 0.2729 0.5032 0.1154  0.0420  0.0218  96  ARG A CZ  
512 C CZ  B ARG A 67 ? 0.4025 0.3051 0.4411 0.0598  0.0795  0.0432  96  ARG A CZ  
513 N NH1 A ARG A 67 ? 0.3906 0.2882 0.5263 0.1134  0.0471  0.0049  96  ARG A NH1 
514 N NH1 B ARG A 67 ? 0.4061 0.3118 0.4585 0.0582  0.0843  0.0283  96  ARG A NH1 
515 N NH2 A ARG A 67 ? 0.3976 0.2663 0.5224 0.1233  0.0438  0.0370  96  ARG A NH2 
516 N NH2 B ARG A 67 ? 0.4218 0.3025 0.4639 0.0628  0.0834  0.0386  96  ARG A NH2 
517 N N   . GLN A 68 ? 0.2060 0.1734 0.1880 -0.0070 -0.0096 0.0551  97  GLN A N   
518 C CA  . GLN A 68 ? 0.2272 0.1822 0.1578 -0.0378 -0.0098 0.0810  97  GLN A CA  
519 C C   . GLN A 68 ? 0.2169 0.1872 0.1246 -0.0395 -0.0021 0.0752  97  GLN A C   
520 O O   . GLN A 68 ? 0.2210 0.2086 0.1396 -0.0502 -0.0104 0.0694  97  GLN A O   
521 C CB  . GLN A 68 ? 0.2330 0.2289 0.2925 -0.0274 -0.0231 0.0908  97  GLN A CB  
522 C CG  . GLN A 68 ? 0.3216 0.3682 0.4090 -0.0128 0.0119  0.0625  97  GLN A CG  
523 C CD  . GLN A 68 ? 0.3584 0.4934 0.5068 -0.0098 0.0284  0.0323  97  GLN A CD  
524 O OE1 . GLN A 68 ? 0.3638 0.5510 0.5351 -0.0173 0.0240  0.0259  97  GLN A OE1 
525 N NE2 . GLN A 68 ? 0.3749 0.5297 0.5343 -0.0033 0.0428  0.0229  97  GLN A NE2 
526 N N   . LYS A 69 ? 0.1874 0.1874 0.1695 -0.0246 -0.0009 0.0546  98  LYS A N   
527 C CA  . LYS A 69 ? 0.2277 0.1333 0.1663 0.0087  0.0428  0.0783  98  LYS A CA  
528 C C   . LYS A 69 ? 0.2223 0.1760 0.1850 -0.0007 0.0568  0.0639  98  LYS A C   
529 O O   . LYS A 69 ? 0.2167 0.2504 0.2573 0.0000  0.0884  0.0719  98  LYS A O   
530 C CB  . LYS A 69 ? 0.2927 0.1701 0.1633 0.0256  0.0472  0.0664  98  LYS A CB  
531 C CG  . LYS A 69 ? 0.3581 0.2048 0.2032 0.0567  0.0554  0.0548  98  LYS A CG  
532 C CD  . LYS A 69 ? 0.4038 0.3199 0.2700 0.0887  0.0442  0.0016  98  LYS A CD  
533 C CE  . LYS A 69 ? 0.3966 0.3744 0.2957 0.1171  0.0035  -0.0552 98  LYS A CE  
534 N NZ  . LYS A 69 ? 0.3915 0.3918 0.3233 0.1457  -0.0095 -0.0602 98  LYS A NZ  
535 N N   . LYS A 70 ? 0.2203 0.1555 0.1689 0.0088  -0.0031 0.0425  99  LYS A N   
536 C CA  . LYS A 70 ? 0.2261 0.1356 0.1163 -0.0220 -0.0248 0.0259  99  LYS A CA  
537 C C   . LYS A 70 ? 0.2121 0.1495 0.1886 -0.0452 -0.0063 0.0429  99  LYS A C   
538 O O   . LYS A 70 ? 0.2520 0.1802 0.2206 -0.0629 0.0100  0.0534  99  LYS A O   
539 C CB  . LYS A 70 ? 0.2584 0.1484 0.0858 -0.0240 -0.0030 0.0399  99  LYS A CB  
540 C CG  . LYS A 70 ? 0.2989 0.1893 0.1268 -0.0241 -0.0074 0.0383  99  LYS A CG  
541 C CD  . LYS A 70 ? 0.3273 0.2556 0.1239 -0.0123 -0.0253 0.0056  99  LYS A CD  
542 C CE  . LYS A 70 ? 0.3770 0.2870 0.1528 -0.0185 0.0001  -0.0120 99  LYS A CE  
543 N NZ  . LYS A 70 ? 0.4076 0.3260 0.2387 -0.0005 0.0201  -0.0241 99  LYS A NZ  
544 N N   . ARG A 71 ? 0.1761 0.2071 0.1759 -0.0209 -0.0284 0.0427  100 ARG A N   
545 C CA  . ARG A 71 ? 0.2008 0.2156 0.1774 0.0148  -0.0017 0.0912  100 ARG A CA  
546 C C   . ARG A 71 ? 0.2077 0.1979 0.1681 -0.0009 0.0202  0.0832  100 ARG A C   
547 O O   . ARG A 71 ? 0.2508 0.1968 0.2032 0.0312  0.0254  0.0652  100 ARG A O   
548 C CB  . ARG A 71 ? 0.2532 0.2380 0.1768 0.0365  0.0008  0.0913  100 ARG A CB  
549 C CG  . ARG A 71 ? 0.2845 0.3170 0.2145 0.0604  -0.0059 0.0908  100 ARG A CG  
550 C CD  . ARG A 71 ? 0.3390 0.3656 0.2720 0.0969  -0.0158 0.0887  100 ARG A CD  
551 N NE  . ARG A 71 ? 0.4221 0.4080 0.3312 0.1264  0.0110  0.0864  100 ARG A NE  
552 C CZ  . ARG A 71 ? 0.4873 0.4787 0.3651 0.1400  0.0405  0.0593  100 ARG A CZ  
553 N NH1 . ARG A 71 ? 0.5020 0.5119 0.3708 0.1421  0.0442  0.0177  100 ARG A NH1 
554 N NH2 . ARG A 71 ? 0.5129 0.4944 0.3672 0.1295  0.0636  0.0830  100 ARG A NH2 
555 N N   . PHE A 72 ? 0.1851 0.1825 0.1556 -0.0400 0.0248  0.0673  101 PHE A N   
556 C CA  . PHE A 72 ? 0.2108 0.1355 0.1866 -0.0441 0.0192  0.0483  101 PHE A CA  
557 C C   . PHE A 72 ? 0.2395 0.1936 0.2619 -0.0476 0.0246  0.0437  101 PHE A C   
558 O O   . PHE A 72 ? 0.2461 0.2085 0.3109 -0.0477 0.0460  0.0319  101 PHE A O   
559 C CB  . PHE A 72 ? 0.2268 0.1553 0.1599 -0.0411 0.0252  0.0525  101 PHE A CB  
560 C CG  . PHE A 72 ? 0.2669 0.1574 0.1746 -0.0342 0.0535  0.0651  101 PHE A CG  
561 C CD1 . PHE A 72 ? 0.2069 0.1442 0.2132 -0.0429 0.0228  0.0748  101 PHE A CD1 
562 C CD2 . PHE A 72 ? 0.2690 0.2756 0.2099 -0.0247 0.0573  0.0316  101 PHE A CD2 
563 C CE1 . PHE A 72 ? 0.2207 0.1304 0.2571 -0.0281 0.0355  0.0723  101 PHE A CE1 
564 C CE2 . PHE A 72 ? 0.2382 0.3081 0.2172 -0.0285 0.0334  -0.0179 101 PHE A CE2 
565 C CZ  . PHE A 72 ? 0.2442 0.2338 0.2454 -0.0237 0.0442  0.0147  101 PHE A CZ  
566 N N   . ASN A 73 ? 0.2892 0.2584 0.2931 -0.0553 0.0197  0.0066  102 ASN A N   
567 C CA  . ASN A 73 ? 0.3606 0.2961 0.3646 -0.0605 0.0246  -0.0306 102 ASN A CA  
568 C C   . ASN A 73 ? 0.3932 0.2792 0.3877 -0.0896 0.0497  -0.0492 102 ASN A C   
569 O O   . ASN A 73 ? 0.4206 0.3025 0.4266 -0.0867 0.0519  -0.0466 102 ASN A O   
570 C CB  . ASN A 73 ? 0.4299 0.3939 0.4220 -0.0181 0.0240  -0.0423 102 ASN A CB  
571 C CG  . ASN A 73 ? 0.4971 0.4780 0.4727 0.0228  0.0218  -0.0463 102 ASN A CG  
572 O OD1 . ASN A 73 ? 0.5381 0.5091 0.5178 0.0213  0.0396  -0.0461 102 ASN A OD1 
573 N ND2 . ASN A 73 ? 0.5009 0.5382 0.4890 0.0374  0.0138  -0.0509 102 ASN A ND2 
574 N N   . GLY A 74 ? 0.4010 0.2391 0.3774 -0.0942 0.0724  -0.0410 103 GLY A N   
575 C CA  . GLY A 74 ? 0.4153 0.3023 0.4188 -0.0733 0.0762  -0.0372 103 GLY A CA  
576 C C   . GLY A 74 ? 0.4449 0.3837 0.4522 -0.0561 0.0857  -0.0486 103 GLY A C   
577 O O   . GLY A 74 ? 0.4693 0.4115 0.4663 -0.0519 0.0998  -0.0505 103 GLY A O   
578 S S   . SO4 B .  ? 0.7628 0.7147 0.7854 -0.0305 -0.0006 0.1346  201 SO4 A S   
579 O O1  . SO4 B .  ? 0.7659 0.7113 0.7842 -0.0266 -0.0014 0.1465  201 SO4 A O1  
580 O O2  . SO4 B .  ? 0.7584 0.7040 0.7893 -0.0335 0.0022  0.1388  201 SO4 A O2  
581 O O3  . SO4 B .  ? 0.7558 0.7457 0.7976 -0.0242 -0.0105 0.1116  201 SO4 A O3  
582 O O4  . SO4 B .  ? 0.7639 0.7175 0.7866 -0.0317 -0.0053 0.1166  201 SO4 A O4  
583 C C   . ACE C .  ? 0.6838 0.5837 0.3420 -0.0748 -0.0639 -0.0647 202 ACE A C   
584 O O   . ACE C .  ? 0.6989 0.5774 0.3383 -0.0630 -0.0420 -0.0123 202 ACE A O   
585 C CH3 . ACE C .  ? 0.6802 0.5863 0.3595 -0.0783 -0.0655 -0.0882 202 ACE A CH3 
586 C C   . ACE D .  ? 0.5742 0.6716 0.4975 -0.0686 -0.1723 -0.1128 203 ACE A C   
587 O O   . ACE D .  ? 0.6081 0.6693 0.5023 -0.0579 -0.1489 -0.1073 203 ACE A O   
588 C CH3 . ACE D .  ? 0.5742 0.6666 0.5186 -0.0703 -0.1623 -0.1005 203 ACE A CH3 
589 C C   . ACE E .  ? 0.4596 0.6508 0.6314 0.0137  0.0000  0.0330  204 ACE A C   
590 O O   . ACE E .  ? 0.4749 0.6586 0.6365 0.0121  0.0040  0.0186  204 ACE A O   
591 C CH3 . ACE E .  ? 0.4587 0.6376 0.6219 0.0218  -0.0074 0.0366  204 ACE A CH3 
# 
